data_4FT4
#
_entry.id   4FT4
#
_cell.length_a   64.645
_cell.length_b   111.558
_cell.length_c   151.480
_cell.angle_alpha   90.00
_cell.angle_beta   101.98
_cell.angle_gamma   90.00
#
_symmetry.space_group_name_H-M   'P 1 21 1'
#
loop_
_entity.id
_entity.type
_entity.pdbx_description
1 polymer 'DNA (cytosine-5)-methyltransferase 1'
2 polymer 'H3(1-32)K9me2 peptide'
3 non-polymer S-ADENOSYL-L-HOMOCYSTEINE
4 water water
#
loop_
_entity_poly.entity_id
_entity_poly.type
_entity_poly.pdbx_seq_one_letter_code
_entity_poly.pdbx_strand_id
1 'polypeptide(L)'
;SAGDHEPEFIGSPVAADEARSNWPKRYGRSTAAKKPDEEEELKARCHYRSAKVDNVVYCLGDDVYVKAGENEADYIGRIT
EFFEGTDQCHYFTCRWFFRAEDTVINSLVSISVDGHKHDPRRVFLSEEKNDNVLDCIISKVKIVHVDPNMDPKAKAQLIE
SCDLYYDMSYSVAYSTFANISSENGQSGSDTASGISSDDVDLETSSSMPTRTATLLDLYSGCGGMSTGLCLGAALSGLKL
ETRWAVDFNSFACQSLKYNHPQTEVRNEKADEFLALLKEWAVLCKKYVQDVDSNLASSEDQADEDSPLDKDEFVVEKLVG
ICYGGSDRENGIYFKVQWEGYGPEEDTWEPIDNLSDCPQKIREFVQEGHKRKILPLPGDVDVICGGPPCQGISGFNRYRN
RDEPLKDEKNKQMVTFMDIVAYLKPKYVLMENVVDILKFADGYLGKYALSCLVAMKYQARLGMMVAGCYGLPQFRMRVFL
WGALSSMVLPKYPLPTYDVVVRGGAPNAFSQCMVAYDETQKPSLKKALLLGDAISDLPKVQNHQPNDVMEYGGSPKTEFQ
RYIRLSRKDMLDWSFGEGAGPDEGKLLDHQPLRLNNDDYERVQQIPVKKGANFRDLKGVRVGANNIVEWDPEIERVKLSS
GKPLVPDYAMSFIKGKSLKPFGRLWWDETVPTVVTRAEPHNQVIIHPTQARVLTIRENARLQGFPDYYRLFGPIKEKYIQ
VGNAVAVPVARALGYCLGQAYLGESEGSDPLYQLPPSFTSVGGRTAGQARASPVGTPAGEVVEQ
;
B,A
2 'polypeptide(L)' ARTKQTAR(MLY)STGGKAPRKQLATKAARKSAPAT P,Q
#
# COMPACT_ATOMS: atom_id res chain seq x y z
N HIS A 5 -62.10 -24.07 39.16
CA HIS A 5 -61.14 -23.01 39.39
C HIS A 5 -59.80 -23.64 39.56
N GLU A 6 -59.77 -24.95 39.73
CA GLU A 6 -58.49 -25.63 39.84
C GLU A 6 -58.32 -26.43 38.56
N PRO A 7 -57.14 -26.45 37.99
CA PRO A 7 -56.99 -27.01 36.66
C PRO A 7 -57.45 -28.44 36.56
N GLU A 8 -58.16 -28.75 35.49
CA GLU A 8 -58.72 -30.07 35.31
C GLU A 8 -58.73 -30.51 33.87
N PHE A 9 -58.28 -31.73 33.62
CA PHE A 9 -58.32 -32.28 32.27
C PHE A 9 -59.76 -32.45 31.85
N ILE A 10 -59.97 -32.45 30.54
CA ILE A 10 -61.31 -32.50 29.99
C ILE A 10 -61.50 -33.38 28.76
N GLY A 11 -62.71 -33.89 28.64
CA GLY A 11 -63.03 -34.81 27.57
C GLY A 11 -62.62 -36.17 28.05
N SER A 12 -62.84 -37.19 27.26
CA SER A 12 -62.46 -38.52 27.68
C SER A 12 -60.98 -38.74 27.48
N PRO A 13 -60.44 -39.72 28.16
CA PRO A 13 -59.03 -40.02 28.04
C PRO A 13 -58.69 -40.54 26.67
N VAL A 14 -57.51 -40.24 26.19
CA VAL A 14 -57.03 -40.82 24.94
C VAL A 14 -57.01 -42.34 25.14
N ALA A 15 -57.44 -43.07 24.12
CA ALA A 15 -57.44 -44.53 24.21
C ALA A 15 -56.10 -45.03 24.74
N ALA A 16 -56.16 -45.85 25.78
CA ALA A 16 -54.96 -46.32 26.46
C ALA A 16 -53.90 -46.84 25.49
N ASP A 17 -54.32 -47.67 24.54
CA ASP A 17 -53.41 -48.22 23.53
C ASP A 17 -52.81 -47.10 22.68
N GLU A 18 -53.65 -46.15 22.30
CA GLU A 18 -53.21 -45.06 21.44
C GLU A 18 -52.20 -44.15 22.15
N ALA A 19 -52.48 -43.81 23.40
CA ALA A 19 -51.56 -43.02 24.20
C ALA A 19 -50.23 -43.73 24.30
N ARG A 20 -50.30 -45.04 24.51
CA ARG A 20 -49.10 -45.86 24.62
C ARG A 20 -48.26 -45.78 23.35
N SER A 21 -48.93 -45.80 22.20
CA SER A 21 -48.26 -45.70 20.91
C SER A 21 -47.68 -44.30 20.68
N ASN A 22 -48.51 -43.28 20.87
CA ASN A 22 -48.10 -41.89 20.65
C ASN A 22 -46.94 -41.44 21.53
N TRP A 23 -46.95 -41.87 22.79
CA TRP A 23 -46.01 -41.37 23.78
C TRP A 23 -45.40 -42.48 24.62
N PRO A 24 -44.66 -43.40 23.98
CA PRO A 24 -44.12 -44.59 24.62
C PRO A 24 -43.35 -44.30 25.92
N LYS A 25 -42.45 -43.33 25.89
CA LYS A 25 -41.60 -43.02 27.04
C LYS A 25 -42.39 -42.71 28.31
N ARG A 26 -43.68 -42.47 28.19
CA ARG A 26 -44.48 -42.15 29.35
C ARG A 26 -44.97 -43.36 30.11
N TYR A 27 -44.81 -44.52 29.52
CA TYR A 27 -45.32 -45.78 30.04
C TYR A 27 -44.26 -46.87 30.06
N GLY A 28 -44.46 -47.88 30.90
CA GLY A 28 -43.55 -48.99 30.96
C GLY A 28 -42.54 -48.94 32.09
N GLU A 41 -38.70 -38.12 31.60
CA GLU A 41 -38.58 -38.81 32.88
C GLU A 41 -39.94 -39.04 33.52
N LEU A 42 -40.82 -38.05 33.48
CA LEU A 42 -42.14 -38.17 34.07
C LEU A 42 -42.98 -39.24 33.41
N LYS A 43 -43.71 -39.99 34.22
CA LYS A 43 -44.56 -41.04 33.71
C LYS A 43 -46.02 -40.72 33.87
N ALA A 44 -46.84 -41.25 32.97
CA ALA A 44 -48.26 -40.93 32.93
C ALA A 44 -49.16 -42.07 33.39
N ARG A 45 -50.28 -41.73 34.03
CA ARG A 45 -51.32 -42.69 34.34
C ARG A 45 -52.24 -42.76 33.11
N CYS A 46 -52.51 -41.60 32.52
CA CYS A 46 -53.28 -41.52 31.27
C CYS A 46 -53.15 -40.14 30.63
N HIS A 47 -53.50 -40.07 29.35
CA HIS A 47 -53.40 -38.84 28.59
C HIS A 47 -54.78 -38.32 28.23
N TYR A 48 -54.89 -36.99 28.15
CA TYR A 48 -56.13 -36.36 27.71
C TYR A 48 -55.86 -35.53 26.47
N ARG A 49 -56.90 -34.95 25.88
CA ARG A 49 -56.74 -34.15 24.67
C ARG A 49 -56.96 -32.68 24.97
N SER A 50 -57.34 -32.38 26.21
CA SER A 50 -57.76 -31.04 26.56
C SER A 50 -57.59 -30.78 28.05
N ALA A 51 -57.52 -29.50 28.41
CA ALA A 51 -57.47 -29.10 29.81
C ALA A 51 -58.13 -27.75 29.98
N LYS A 52 -58.72 -27.50 31.14
CA LYS A 52 -59.28 -26.19 31.44
C LYS A 52 -58.49 -25.49 32.53
N VAL A 53 -57.97 -24.31 32.20
CA VAL A 53 -57.23 -23.50 33.16
C VAL A 53 -57.84 -22.11 33.19
N ASP A 54 -58.04 -21.59 34.40
CA ASP A 54 -58.67 -20.28 34.58
C ASP A 54 -59.80 -20.03 33.57
N ASN A 55 -60.79 -20.91 33.58
CA ASN A 55 -61.98 -20.75 32.75
C ASN A 55 -61.74 -20.70 31.23
N VAL A 56 -60.60 -21.22 30.78
CA VAL A 56 -60.35 -21.31 29.35
C VAL A 56 -59.85 -22.70 28.97
N VAL A 57 -60.48 -23.29 27.97
CA VAL A 57 -60.14 -24.64 27.55
C VAL A 57 -59.05 -24.65 26.49
N TYR A 58 -58.06 -25.51 26.67
CA TYR A 58 -56.96 -25.64 25.73
C TYR A 58 -56.94 -27.05 25.16
N CYS A 59 -56.41 -27.20 23.96
CA CYS A 59 -56.40 -28.49 23.28
C CYS A 59 -55.03 -28.82 22.70
N LEU A 60 -54.77 -30.09 22.47
CA LEU A 60 -53.56 -30.52 21.80
C LEU A 60 -53.43 -29.78 20.47
N GLY A 61 -52.32 -29.09 20.29
CA GLY A 61 -52.10 -28.33 19.08
C GLY A 61 -52.24 -26.84 19.28
N ASP A 62 -53.00 -26.44 20.30
CA ASP A 62 -53.13 -25.03 20.64
C ASP A 62 -51.75 -24.45 20.94
N ASP A 63 -51.56 -23.20 20.53
CA ASP A 63 -50.32 -22.48 20.83
C ASP A 63 -50.56 -21.59 22.03
N VAL A 64 -49.60 -21.55 22.94
CA VAL A 64 -49.87 -21.01 24.27
C VAL A 64 -48.68 -20.25 24.85
N TYR A 65 -48.98 -19.19 25.60
CA TYR A 65 -47.97 -18.51 26.39
C TYR A 65 -47.83 -19.24 27.72
N VAL A 66 -46.60 -19.53 28.11
CA VAL A 66 -46.36 -20.27 29.34
C VAL A 66 -45.54 -19.46 30.33
N LYS A 67 -45.94 -19.51 31.60
CA LYS A 67 -45.24 -18.78 32.65
C LYS A 67 -43.87 -19.39 32.90
N ALA A 68 -42.86 -18.54 32.92
CA ALA A 68 -41.49 -18.96 33.24
C ALA A 68 -41.11 -18.50 34.64
N GLY A 69 -39.82 -18.38 34.89
CA GLY A 69 -39.32 -17.96 36.17
C GLY A 69 -39.67 -16.51 36.51
N GLU A 70 -39.48 -16.15 37.77
CA GLU A 70 -39.75 -14.79 38.22
C GLU A 70 -38.98 -13.78 37.37
N ASN A 71 -39.70 -12.81 36.80
CA ASN A 71 -39.10 -11.74 36.00
C ASN A 71 -38.44 -12.21 34.72
N GLU A 72 -38.87 -13.35 34.19
CA GLU A 72 -38.36 -13.81 32.90
C GLU A 72 -39.50 -13.81 31.89
N ALA A 73 -39.15 -13.71 30.61
CA ALA A 73 -40.16 -13.65 29.56
C ALA A 73 -40.93 -14.97 29.45
N ASP A 74 -42.23 -14.86 29.23
CA ASP A 74 -43.08 -16.04 29.06
C ASP A 74 -42.58 -16.88 27.90
N TYR A 75 -42.54 -18.19 28.09
CA TYR A 75 -42.19 -19.10 27.02
C TYR A 75 -43.33 -19.13 26.01
N ILE A 76 -43.06 -19.66 24.83
CA ILE A 76 -44.07 -19.77 23.78
C ILE A 76 -44.06 -21.18 23.24
N GLY A 77 -45.18 -21.87 23.36
CA GLY A 77 -45.18 -23.30 23.08
C GLY A 77 -46.36 -23.89 22.35
N ARG A 78 -46.09 -25.00 21.66
CA ARG A 78 -47.13 -25.81 21.03
C ARG A 78 -47.42 -27.03 21.91
N ILE A 79 -48.65 -27.14 22.39
CA ILE A 79 -49.02 -28.23 23.27
C ILE A 79 -49.04 -29.56 22.52
N THR A 80 -48.24 -30.51 22.98
CA THR A 80 -48.14 -31.81 22.35
C THR A 80 -48.70 -32.92 23.23
N GLU A 81 -48.77 -32.65 24.54
CA GLU A 81 -49.24 -33.64 25.50
C GLU A 81 -50.09 -33.03 26.61
N PHE A 82 -51.05 -33.82 27.08
CA PHE A 82 -51.83 -33.51 28.26
C PHE A 82 -51.91 -34.81 29.03
N PHE A 83 -51.29 -34.87 30.21
CA PHE A 83 -51.33 -36.12 30.96
C PHE A 83 -51.34 -35.98 32.48
N GLU A 84 -51.94 -36.98 33.11
CA GLU A 84 -51.90 -37.11 34.57
C GLU A 84 -50.67 -37.95 34.91
N GLY A 85 -49.80 -37.40 35.75
CA GLY A 85 -48.58 -38.10 36.12
C GLY A 85 -48.83 -39.19 37.15
N THR A 86 -47.89 -40.12 37.26
CA THR A 86 -48.00 -41.18 38.24
C THR A 86 -47.97 -40.61 39.66
N ASP A 87 -47.59 -39.34 39.77
CA ASP A 87 -47.64 -38.62 41.03
C ASP A 87 -48.98 -37.94 41.21
N GLN A 88 -49.93 -38.31 40.35
CA GLN A 88 -51.29 -37.76 40.39
C GLN A 88 -51.29 -36.24 40.27
N CYS A 89 -50.31 -35.71 39.55
CA CYS A 89 -50.25 -34.29 39.25
C CYS A 89 -50.62 -34.05 37.79
N HIS A 90 -51.11 -32.86 37.49
CA HIS A 90 -51.58 -32.54 36.14
C HIS A 90 -50.50 -31.82 35.33
N TYR A 91 -50.07 -32.45 34.24
CA TYR A 91 -48.99 -31.91 33.42
C TYR A 91 -49.41 -31.62 31.98
N PHE A 92 -48.63 -30.77 31.31
CA PHE A 92 -48.77 -30.58 29.87
C PHE A 92 -47.39 -30.43 29.25
N THR A 93 -47.26 -30.90 28.00
CA THR A 93 -45.97 -30.85 27.31
C THR A 93 -46.01 -29.88 26.15
N CYS A 94 -44.94 -29.10 26.00
CA CYS A 94 -44.85 -28.12 24.92
C CYS A 94 -43.62 -28.31 24.06
N ARG A 95 -43.80 -28.10 22.76
CA ARG A 95 -42.70 -27.96 21.83
C ARG A 95 -42.49 -26.46 21.63
N TRP A 96 -41.33 -25.95 22.06
CA TRP A 96 -41.12 -24.51 22.21
C TRP A 96 -40.85 -23.74 20.93
N PHE A 97 -41.34 -22.50 20.90
CA PHE A 97 -40.96 -21.52 19.89
C PHE A 97 -39.87 -20.63 20.45
N PHE A 98 -38.90 -20.27 19.62
CA PHE A 98 -37.84 -19.35 20.03
C PHE A 98 -38.10 -17.95 19.51
N ARG A 99 -38.00 -16.96 20.39
CA ARG A 99 -37.86 -15.59 19.95
C ARG A 99 -36.42 -15.45 19.48
N ALA A 100 -36.16 -14.50 18.59
CA ALA A 100 -34.80 -14.31 18.08
C ALA A 100 -33.82 -14.14 19.23
N GLU A 101 -34.25 -13.48 20.30
CA GLU A 101 -33.42 -13.30 21.47
C GLU A 101 -33.14 -14.64 22.12
N ASP A 102 -34.11 -15.54 22.03
CA ASP A 102 -34.01 -16.83 22.70
C ASP A 102 -32.99 -17.75 22.04
N THR A 103 -32.67 -17.49 20.77
CA THR A 103 -31.66 -18.27 20.07
C THR A 103 -30.25 -17.84 20.47
N VAL A 104 -29.28 -18.37 19.78
CA VAL A 104 -27.89 -18.07 20.02
C VAL A 104 -27.62 -16.60 19.74
N ILE A 105 -28.44 -16.01 18.92
CA ILE A 105 -28.28 -14.64 18.53
C ILE A 105 -28.33 -13.73 19.73
N ASN A 106 -29.22 -14.02 20.65
CA ASN A 106 -29.26 -13.30 21.90
C ASN A 106 -29.48 -11.81 21.83
N SER A 107 -28.55 -11.09 22.41
CA SER A 107 -28.59 -9.66 22.57
C SER A 107 -28.37 -8.92 21.25
N LEU A 108 -28.11 -9.67 20.19
CA LEU A 108 -27.84 -9.10 18.90
C LEU A 108 -29.08 -9.01 18.02
N VAL A 109 -30.24 -9.15 18.61
CA VAL A 109 -31.51 -8.91 17.93
C VAL A 109 -31.59 -7.43 17.60
N SER A 110 -30.92 -6.62 18.41
CA SER A 110 -30.99 -5.16 18.27
C SER A 110 -30.23 -4.60 17.06
N ILE A 111 -29.45 -5.42 16.38
CA ILE A 111 -28.73 -4.95 15.20
C ILE A 111 -29.63 -4.90 13.97
N SER A 112 -29.26 -4.05 13.02
CA SER A 112 -29.93 -3.98 11.73
C SER A 112 -28.89 -3.88 10.62
N VAL A 113 -29.20 -4.45 9.46
CA VAL A 113 -28.31 -4.40 8.33
C VAL A 113 -29.02 -3.80 7.13
N ASP A 114 -28.66 -2.57 6.76
CA ASP A 114 -29.26 -1.93 5.61
C ASP A 114 -30.79 -1.96 5.73
N GLY A 115 -31.28 -1.61 6.92
CA GLY A 115 -32.70 -1.53 7.16
C GLY A 115 -33.38 -2.85 7.45
N HIS A 116 -32.60 -3.90 7.63
CA HIS A 116 -33.15 -5.22 7.95
C HIS A 116 -33.17 -5.43 9.46
N LYS A 117 -34.36 -5.49 10.03
CA LYS A 117 -34.49 -5.68 11.47
C LYS A 117 -35.15 -7.01 11.78
N HIS A 118 -35.00 -7.46 13.03
CA HIS A 118 -35.69 -8.66 13.48
C HIS A 118 -37.10 -8.29 13.90
N ASP A 119 -38.09 -8.83 13.18
CA ASP A 119 -39.48 -8.62 13.54
C ASP A 119 -39.71 -9.25 14.91
N PRO A 120 -40.16 -8.45 15.88
CA PRO A 120 -40.43 -8.98 17.22
C PRO A 120 -41.55 -10.01 17.19
N ARG A 121 -42.27 -10.08 16.08
CA ARG A 121 -43.37 -11.02 15.95
C ARG A 121 -42.96 -12.27 15.18
N ARG A 122 -41.68 -12.37 14.86
CA ARG A 122 -41.15 -13.57 14.21
C ARG A 122 -40.57 -14.50 15.26
N VAL A 123 -41.05 -15.74 15.26
CA VAL A 123 -40.50 -16.76 16.14
C VAL A 123 -40.02 -17.93 15.30
N PHE A 124 -39.37 -18.89 15.94
CA PHE A 124 -38.86 -20.06 15.24
C PHE A 124 -39.26 -21.32 15.99
N LEU A 125 -39.86 -22.27 15.28
CA LEU A 125 -40.35 -23.50 15.90
C LEU A 125 -39.20 -24.47 16.16
N SER A 126 -38.99 -24.80 17.43
CA SER A 126 -37.94 -25.74 17.79
C SER A 126 -38.51 -27.11 18.08
N GLU A 127 -37.62 -28.07 18.33
CA GLU A 127 -38.03 -29.41 18.75
C GLU A 127 -37.70 -29.63 20.22
N GLU A 128 -37.36 -28.55 20.91
CA GLU A 128 -37.15 -28.61 22.35
C GLU A 128 -38.51 -28.78 23.04
N LYS A 129 -38.54 -29.64 24.05
CA LYS A 129 -39.78 -29.96 24.74
C LYS A 129 -39.62 -29.89 26.24
N ASN A 130 -40.68 -29.48 26.93
CA ASN A 130 -40.67 -29.49 28.38
C ASN A 130 -42.05 -29.79 28.97
N ASP A 131 -42.05 -30.35 30.18
CA ASP A 131 -43.28 -30.67 30.88
C ASP A 131 -43.60 -29.59 31.90
N ASN A 132 -44.87 -29.49 32.29
CA ASN A 132 -45.30 -28.42 33.17
C ASN A 132 -46.61 -28.70 33.88
N VAL A 133 -46.77 -28.17 35.08
CA VAL A 133 -48.06 -28.19 35.74
C VAL A 133 -49.02 -27.31 34.93
N LEU A 134 -50.27 -27.75 34.81
CA LEU A 134 -51.28 -27.06 34.01
C LEU A 134 -51.44 -25.57 34.28
N ASP A 135 -51.07 -25.15 35.49
CA ASP A 135 -51.34 -23.79 35.93
C ASP A 135 -50.33 -22.77 35.41
N CYS A 136 -49.34 -23.23 34.65
CA CYS A 136 -48.36 -22.33 34.04
C CYS A 136 -48.92 -21.72 32.77
N ILE A 137 -49.92 -22.36 32.19
CA ILE A 137 -50.57 -21.84 30.98
C ILE A 137 -51.16 -20.47 31.25
N ILE A 138 -50.78 -19.51 30.40
CA ILE A 138 -51.23 -18.13 30.56
C ILE A 138 -52.40 -17.81 29.63
N SER A 139 -52.20 -18.04 28.34
CA SER A 139 -53.25 -17.80 27.36
C SER A 139 -52.89 -18.44 26.02
N LYS A 140 -53.83 -18.41 25.08
CA LYS A 140 -53.58 -18.89 23.74
C LYS A 140 -52.92 -17.78 22.92
N VAL A 141 -52.19 -18.17 21.88
CA VAL A 141 -51.66 -17.20 20.94
C VAL A 141 -51.90 -17.67 19.51
N LYS A 142 -52.27 -16.75 18.64
CA LYS A 142 -52.45 -17.08 17.24
C LYS A 142 -51.08 -17.06 16.56
N ILE A 143 -50.52 -18.25 16.33
CA ILE A 143 -49.26 -18.38 15.62
C ILE A 143 -49.52 -19.07 14.29
N VAL A 144 -49.16 -18.41 13.20
CA VAL A 144 -49.35 -19.01 11.88
C VAL A 144 -48.03 -19.29 11.19
N HIS A 145 -48.02 -20.32 10.36
CA HIS A 145 -46.87 -20.63 9.54
C HIS A 145 -47.04 -19.94 8.20
N VAL A 146 -46.03 -19.15 7.81
CA VAL A 146 -46.04 -18.50 6.50
C VAL A 146 -44.96 -19.13 5.63
N ASP A 147 -45.38 -19.70 4.51
CA ASP A 147 -44.44 -20.24 3.53
C ASP A 147 -43.61 -19.11 2.98
N PRO A 148 -42.28 -19.18 3.16
CA PRO A 148 -41.39 -18.12 2.69
C PRO A 148 -41.56 -17.87 1.21
N ASN A 149 -41.89 -18.92 0.47
CA ASN A 149 -41.97 -18.84 -0.96
C ASN A 149 -43.35 -18.57 -1.49
N MET A 150 -44.30 -18.29 -0.62
CA MET A 150 -45.64 -17.96 -1.07
C MET A 150 -45.64 -16.55 -1.58
N ASP A 151 -46.70 -16.18 -2.29
CA ASP A 151 -46.79 -14.88 -2.91
C ASP A 151 -46.74 -13.80 -1.87
N PRO A 152 -46.18 -12.68 -2.25
CA PRO A 152 -45.91 -11.58 -1.33
C PRO A 152 -47.14 -10.98 -0.69
N LYS A 153 -48.21 -10.82 -1.44
CA LYS A 153 -49.42 -10.24 -0.90
C LYS A 153 -50.10 -11.10 0.14
N ALA A 154 -50.22 -12.38 -0.16
CA ALA A 154 -50.89 -13.30 0.73
C ALA A 154 -50.13 -13.33 2.01
N LYS A 155 -48.82 -13.26 1.88
CA LYS A 155 -47.95 -13.35 3.00
C LYS A 155 -48.22 -12.23 3.97
N ALA A 156 -48.42 -11.04 3.48
CA ALA A 156 -48.73 -9.91 4.35
C ALA A 156 -50.12 -10.05 4.96
N GLN A 157 -51.05 -10.61 4.20
CA GLN A 157 -52.40 -10.87 4.71
C GLN A 157 -52.35 -11.81 5.91
N LEU A 158 -51.59 -12.89 5.77
CA LEU A 158 -51.46 -13.87 6.82
C LEU A 158 -50.83 -13.24 8.06
N ILE A 159 -49.63 -12.69 7.91
CA ILE A 159 -48.95 -12.01 9.00
C ILE A 159 -49.84 -10.97 9.66
N GLU A 160 -50.74 -10.39 8.86
CA GLU A 160 -51.68 -9.39 9.33
C GLU A 160 -52.67 -9.98 10.33
N SER A 161 -53.07 -11.23 10.09
CA SER A 161 -54.15 -11.85 10.86
C SER A 161 -53.68 -12.51 12.16
N CYS A 162 -52.39 -12.46 12.44
CA CYS A 162 -51.82 -13.27 13.52
C CYS A 162 -51.24 -12.46 14.67
N ASP A 163 -51.01 -13.15 15.79
CA ASP A 163 -50.26 -12.58 16.90
C ASP A 163 -48.77 -12.78 16.64
N LEU A 164 -48.41 -13.99 16.26
CA LEU A 164 -47.03 -14.33 15.90
C LEU A 164 -47.02 -15.18 14.64
N TYR A 165 -45.87 -15.26 13.99
CA TYR A 165 -45.73 -16.10 12.81
C TYR A 165 -44.34 -16.74 12.77
N TYR A 166 -44.22 -17.81 12.00
CA TYR A 166 -42.92 -18.44 11.79
C TYR A 166 -42.76 -18.95 10.36
N ASP A 167 -41.58 -18.73 9.80
CA ASP A 167 -41.27 -19.19 8.45
C ASP A 167 -40.17 -20.23 8.49
N MET A 168 -39.53 -20.37 9.64
CA MET A 168 -38.39 -21.28 9.77
C MET A 168 -38.35 -21.98 11.12
N SER A 169 -37.45 -22.95 11.23
CA SER A 169 -37.23 -23.67 12.47
C SER A 169 -35.92 -23.23 13.09
N TYR A 170 -35.78 -23.45 14.39
CA TYR A 170 -34.51 -23.27 15.06
C TYR A 170 -34.06 -24.58 15.70
N SER A 171 -32.80 -24.92 15.48
CA SER A 171 -32.20 -26.07 16.12
C SER A 171 -30.94 -25.61 16.82
N VAL A 172 -30.68 -26.11 18.02
CA VAL A 172 -29.50 -25.71 18.78
C VAL A 172 -28.24 -26.25 18.13
N ALA A 173 -28.32 -27.45 17.57
CA ALA A 173 -27.18 -28.05 16.89
C ALA A 173 -26.84 -27.26 15.63
N TYR A 174 -25.63 -26.69 15.62
CA TYR A 174 -25.16 -25.92 14.47
C TYR A 174 -26.01 -24.68 14.23
N SER A 175 -26.53 -24.11 15.32
CA SER A 175 -27.30 -22.87 15.28
C SER A 175 -28.12 -22.76 14.00
N THR A 176 -28.89 -23.80 13.71
CA THR A 176 -29.55 -23.91 12.41
C THR A 176 -30.89 -23.19 12.32
N PHE A 177 -30.97 -22.22 11.42
CA PHE A 177 -32.23 -21.60 11.03
C PHE A 177 -32.57 -22.13 9.64
N ALA A 178 -33.64 -22.91 9.54
CA ALA A 178 -33.96 -23.56 8.27
C ALA A 178 -35.44 -23.54 7.91
N ASN A 179 -35.74 -23.66 6.63
CA ASN A 179 -37.12 -23.74 6.15
C ASN A 179 -37.88 -24.90 6.76
N ILE A 180 -39.19 -24.77 6.85
CA ILE A 180 -40.05 -25.82 7.40
C ILE A 180 -40.83 -26.55 6.30
N THR A 210 -24.64 -29.08 -18.01
CA THR A 210 -23.96 -28.69 -16.77
C THR A 210 -24.41 -27.29 -16.34
N ARG A 211 -24.60 -27.11 -15.04
CA ARG A 211 -25.11 -25.85 -14.51
C ARG A 211 -23.99 -24.92 -14.03
N THR A 212 -24.17 -23.63 -14.27
CA THR A 212 -23.17 -22.64 -13.88
C THR A 212 -23.67 -21.76 -12.74
N ALA A 213 -22.74 -21.36 -11.87
CA ALA A 213 -23.04 -20.45 -10.79
C ALA A 213 -21.89 -19.48 -10.59
N THR A 214 -22.23 -18.20 -10.42
CA THR A 214 -21.22 -17.18 -10.18
C THR A 214 -20.90 -17.08 -8.70
N LEU A 215 -19.63 -16.88 -8.38
CA LEU A 215 -19.20 -16.71 -7.00
C LEU A 215 -18.39 -15.42 -6.86
N LEU A 216 -18.54 -14.76 -5.72
CA LEU A 216 -17.79 -13.55 -5.41
C LEU A 216 -16.97 -13.77 -4.14
N ASP A 217 -15.66 -13.59 -4.24
CA ASP A 217 -14.76 -13.84 -3.11
C ASP A 217 -14.28 -12.55 -2.46
N LEU A 218 -14.78 -12.27 -1.26
CA LEU A 218 -14.39 -11.08 -0.51
C LEU A 218 -13.21 -11.37 0.40
N TYR A 219 -12.20 -10.52 0.37
CA TYR A 219 -11.03 -10.73 1.19
C TYR A 219 -10.37 -12.03 0.71
N SER A 220 -10.31 -12.16 -0.61
CA SER A 220 -10.01 -13.42 -1.28
C SER A 220 -8.63 -13.99 -1.02
N GLY A 221 -7.69 -13.18 -0.56
CA GLY A 221 -6.32 -13.64 -0.44
C GLY A 221 -5.89 -14.21 -1.77
N CYS A 222 -5.05 -15.23 -1.74
CA CYS A 222 -4.60 -15.87 -2.99
C CYS A 222 -5.65 -16.85 -3.52
N GLY A 223 -6.74 -17.02 -2.78
CA GLY A 223 -7.86 -17.81 -3.25
C GLY A 223 -7.95 -19.23 -2.74
N GLY A 224 -7.52 -19.46 -1.51
CA GLY A 224 -7.67 -20.77 -0.90
C GLY A 224 -9.11 -21.21 -0.91
N MET A 225 -9.97 -20.44 -0.25
CA MET A 225 -11.37 -20.79 -0.09
C MET A 225 -12.13 -20.93 -1.41
N SER A 226 -12.00 -19.93 -2.29
CA SER A 226 -12.73 -19.95 -3.55
C SER A 226 -12.28 -21.08 -4.49
N THR A 227 -10.96 -21.27 -4.58
CA THR A 227 -10.43 -22.36 -5.39
C THR A 227 -11.03 -23.69 -4.94
N GLY A 228 -10.89 -23.99 -3.65
CA GLY A 228 -11.45 -25.20 -3.08
C GLY A 228 -12.94 -25.32 -3.30
N LEU A 229 -13.68 -24.24 -3.05
CA LEU A 229 -15.12 -24.24 -3.24
C LEU A 229 -15.50 -24.72 -4.64
N CYS A 230 -14.96 -24.05 -5.66
CA CYS A 230 -15.25 -24.41 -7.04
C CYS A 230 -14.87 -25.85 -7.35
N LEU A 231 -13.80 -26.33 -6.75
CA LEU A 231 -13.33 -27.70 -6.96
C LEU A 231 -14.33 -28.72 -6.40
N GLY A 232 -14.72 -28.55 -5.15
CA GLY A 232 -15.73 -29.38 -4.55
C GLY A 232 -17.00 -29.34 -5.39
N ALA A 233 -17.45 -28.14 -5.69
CA ALA A 233 -18.66 -27.94 -6.50
C ALA A 233 -18.61 -28.73 -7.80
N ALA A 234 -17.48 -28.65 -8.49
CA ALA A 234 -17.29 -29.41 -9.72
C ALA A 234 -17.64 -30.88 -9.49
N LEU A 235 -17.18 -31.42 -8.37
CA LEU A 235 -17.46 -32.81 -8.03
C LEU A 235 -18.94 -33.05 -7.81
N SER A 236 -19.63 -32.06 -7.24
CA SER A 236 -21.07 -32.15 -7.04
C SER A 236 -21.81 -32.19 -8.38
N GLY A 237 -21.16 -31.71 -9.42
CA GLY A 237 -21.79 -31.60 -10.72
C GLY A 237 -22.24 -30.18 -11.00
N LEU A 238 -21.80 -29.26 -10.14
CA LEU A 238 -22.07 -27.84 -10.36
C LEU A 238 -20.82 -27.14 -10.86
N LYS A 239 -20.97 -26.35 -11.93
CA LYS A 239 -19.86 -25.56 -12.43
C LYS A 239 -19.87 -24.18 -11.76
N LEU A 240 -19.14 -24.07 -10.66
CA LEU A 240 -19.07 -22.83 -9.91
C LEU A 240 -17.76 -22.12 -10.21
N GLU A 241 -17.85 -20.90 -10.74
CA GLU A 241 -16.65 -20.14 -11.08
C GLU A 241 -16.55 -18.81 -10.35
N THR A 242 -15.38 -18.56 -9.78
CA THR A 242 -15.12 -17.29 -9.12
C THR A 242 -15.09 -16.22 -10.19
N ARG A 243 -16.09 -15.35 -10.19
CA ARG A 243 -16.24 -14.36 -11.24
C ARG A 243 -15.61 -13.03 -10.85
N TRP A 244 -15.66 -12.71 -9.56
CA TRP A 244 -15.03 -11.50 -9.05
C TRP A 244 -14.32 -11.84 -7.74
N ALA A 245 -13.18 -11.21 -7.51
CA ALA A 245 -12.47 -11.39 -6.25
C ALA A 245 -11.94 -10.04 -5.77
N VAL A 246 -11.98 -9.83 -4.46
CA VAL A 246 -11.61 -8.54 -3.90
C VAL A 246 -10.59 -8.70 -2.78
N ASP A 247 -9.46 -8.02 -2.94
CA ASP A 247 -8.37 -8.11 -1.98
C ASP A 247 -7.41 -6.95 -2.18
N PHE A 248 -6.96 -6.33 -1.09
CA PHE A 248 -6.14 -5.13 -1.21
C PHE A 248 -4.63 -5.38 -1.14
N ASN A 249 -4.25 -6.64 -1.12
CA ASN A 249 -2.85 -7.02 -1.25
C ASN A 249 -2.53 -7.39 -2.69
N SER A 250 -1.69 -6.60 -3.34
CA SER A 250 -1.43 -6.75 -4.76
C SER A 250 -0.90 -8.15 -5.14
N PHE A 251 -0.11 -8.74 -4.25
CA PHE A 251 0.49 -10.04 -4.52
C PHE A 251 -0.50 -11.18 -4.42
N ALA A 252 -1.40 -11.10 -3.44
CA ALA A 252 -2.47 -12.07 -3.32
C ALA A 252 -3.29 -12.09 -4.60
N CYS A 253 -3.59 -10.90 -5.11
CA CYS A 253 -4.36 -10.76 -6.34
C CYS A 253 -3.61 -11.32 -7.54
N GLN A 254 -2.31 -11.08 -7.57
CA GLN A 254 -1.46 -11.57 -8.64
C GLN A 254 -1.52 -13.09 -8.70
N SER A 255 -1.51 -13.72 -7.53
CA SER A 255 -1.61 -15.17 -7.42
C SER A 255 -2.94 -15.68 -7.95
N LEU A 256 -4.03 -15.15 -7.41
CA LEU A 256 -5.37 -15.59 -7.79
C LEU A 256 -5.60 -15.40 -9.28
N LYS A 257 -5.22 -14.23 -9.79
CA LYS A 257 -5.41 -13.89 -11.20
C LYS A 257 -4.62 -14.80 -12.13
N TYR A 258 -3.46 -15.26 -11.67
CA TYR A 258 -2.63 -16.14 -12.47
C TYR A 258 -3.28 -17.52 -12.59
N ASN A 259 -3.78 -18.04 -11.47
CA ASN A 259 -4.39 -19.36 -11.45
C ASN A 259 -5.84 -19.36 -11.93
N HIS A 260 -6.44 -18.18 -12.02
CA HIS A 260 -7.82 -18.06 -12.48
C HIS A 260 -7.97 -16.88 -13.42
N PRO A 261 -7.38 -16.97 -14.62
CA PRO A 261 -7.30 -15.83 -15.54
C PRO A 261 -8.66 -15.21 -15.84
N GLN A 262 -9.71 -16.02 -15.89
CA GLN A 262 -11.03 -15.54 -16.26
C GLN A 262 -11.68 -14.64 -15.22
N THR A 263 -11.27 -14.78 -13.97
CA THR A 263 -11.91 -13.99 -12.92
C THR A 263 -11.39 -12.56 -12.84
N GLU A 264 -12.33 -11.64 -12.53
CA GLU A 264 -12.07 -10.20 -12.42
C GLU A 264 -11.48 -9.90 -11.05
N VAL A 265 -10.16 -9.84 -11.00
CA VAL A 265 -9.44 -9.72 -9.74
C VAL A 265 -9.18 -8.27 -9.40
N ARG A 266 -9.82 -7.79 -8.34
CA ARG A 266 -9.75 -6.38 -7.99
C ARG A 266 -8.86 -6.10 -6.77
N ASN A 267 -7.81 -5.32 -7.00
CA ASN A 267 -6.86 -4.95 -5.97
C ASN A 267 -7.30 -3.67 -5.27
N GLU A 268 -8.17 -3.81 -4.28
CA GLU A 268 -8.78 -2.65 -3.62
C GLU A 268 -9.40 -3.04 -2.29
N LYS A 269 -9.85 -2.03 -1.53
CA LYS A 269 -10.52 -2.29 -0.27
C LYS A 269 -11.99 -2.65 -0.48
N ALA A 270 -12.48 -3.58 0.34
CA ALA A 270 -13.86 -4.05 0.24
C ALA A 270 -14.87 -2.89 0.22
N ASP A 271 -14.71 -1.96 1.15
CA ASP A 271 -15.63 -0.83 1.25
C ASP A 271 -15.62 0.01 -0.02
N GLU A 272 -14.45 0.13 -0.64
CA GLU A 272 -14.33 0.84 -1.92
C GLU A 272 -15.06 0.07 -3.00
N PHE A 273 -14.94 -1.26 -2.96
CA PHE A 273 -15.62 -2.14 -3.89
C PHE A 273 -17.13 -1.98 -3.76
N LEU A 274 -17.62 -1.90 -2.52
CA LEU A 274 -19.03 -1.70 -2.26
C LEU A 274 -19.52 -0.39 -2.87
N ALA A 275 -18.81 0.70 -2.59
CA ALA A 275 -19.14 1.99 -3.17
C ALA A 275 -19.17 1.91 -4.69
N LEU A 276 -18.08 1.39 -5.26
CA LEU A 276 -17.97 1.22 -6.70
C LEU A 276 -19.20 0.53 -7.27
N LEU A 277 -19.60 -0.58 -6.65
CA LEU A 277 -20.81 -1.27 -7.06
C LEU A 277 -21.96 -0.29 -7.13
N LYS A 278 -22.23 0.40 -6.03
CA LYS A 278 -23.34 1.35 -5.96
C LYS A 278 -23.34 2.32 -7.13
N GLU A 279 -22.18 2.90 -7.44
CA GLU A 279 -22.07 3.82 -8.57
C GLU A 279 -22.23 3.08 -9.90
N TRP A 280 -21.79 1.83 -9.94
CA TRP A 280 -21.90 1.01 -11.13
C TRP A 280 -23.38 0.82 -11.48
N ALA A 281 -24.21 0.70 -10.46
CA ALA A 281 -25.65 0.56 -10.66
C ALA A 281 -26.19 1.75 -11.45
N VAL A 282 -25.89 2.97 -10.98
CA VAL A 282 -26.38 4.17 -11.64
C VAL A 282 -25.82 4.29 -13.06
N LEU A 283 -24.54 3.96 -13.23
CA LEU A 283 -23.91 4.03 -14.55
C LEU A 283 -24.61 3.14 -15.56
N CYS A 284 -25.02 1.95 -15.13
CA CYS A 284 -25.73 1.03 -16.00
C CYS A 284 -27.14 1.53 -16.29
N LYS A 285 -27.77 2.15 -15.28
CA LYS A 285 -29.11 2.69 -15.45
C LYS A 285 -29.12 3.84 -16.44
N LYS A 286 -28.08 4.66 -16.41
CA LYS A 286 -27.94 5.76 -17.35
C LYS A 286 -27.23 5.28 -18.61
N TYR A 287 -26.43 4.23 -18.45
CA TYR A 287 -25.61 3.70 -19.53
C TYR A 287 -24.53 4.70 -19.96
N VAL A 288 -24.12 5.57 -19.02
CA VAL A 288 -23.02 6.55 -19.20
C VAL A 288 -23.14 7.86 -18.41
N GLU A 312 -2.60 14.18 -30.26
CA GLU A 312 -1.59 14.37 -29.24
C GLU A 312 -1.49 13.13 -28.36
N PHE A 313 -1.71 13.32 -27.07
CA PHE A 313 -1.92 12.21 -26.15
C PHE A 313 -3.40 11.86 -26.29
N VAL A 314 -3.69 10.81 -27.05
CA VAL A 314 -5.08 10.51 -27.36
C VAL A 314 -5.61 9.28 -26.63
N VAL A 315 -6.84 9.34 -26.16
CA VAL A 315 -7.43 8.21 -25.46
C VAL A 315 -8.17 7.23 -26.36
N GLU A 316 -7.50 6.15 -26.67
CA GLU A 316 -8.05 5.06 -27.47
C GLU A 316 -9.17 4.21 -26.85
N LYS A 317 -9.05 3.86 -25.57
CA LYS A 317 -10.03 2.97 -24.93
C LYS A 317 -10.05 3.13 -23.44
N LEU A 318 -11.16 2.75 -22.80
CA LEU A 318 -11.22 2.78 -21.38
C LEU A 318 -11.15 1.34 -21.00
N VAL A 319 -10.13 0.98 -20.24
CA VAL A 319 -9.88 -0.42 -19.92
C VAL A 319 -10.28 -0.83 -18.49
N GLY A 320 -10.48 0.15 -17.61
CA GLY A 320 -10.83 -0.19 -16.25
C GLY A 320 -11.68 0.84 -15.52
N ILE A 321 -12.18 0.44 -14.36
CA ILE A 321 -12.90 1.35 -13.47
C ILE A 321 -12.57 1.06 -12.02
N CYS A 322 -12.64 2.09 -11.18
CA CYS A 322 -12.42 1.93 -9.75
C CYS A 322 -13.03 3.11 -9.01
N TYR A 323 -13.34 2.91 -7.73
CA TYR A 323 -13.87 3.96 -6.90
C TYR A 323 -12.87 4.28 -5.79
N GLY A 324 -12.50 5.56 -5.68
CA GLY A 324 -11.48 5.94 -4.74
C GLY A 324 -10.18 5.23 -5.05
N GLY A 325 -9.41 4.90 -4.02
CA GLY A 325 -8.11 4.28 -4.21
C GLY A 325 -7.14 4.77 -3.15
N SER A 326 -5.88 4.38 -3.28
CA SER A 326 -4.87 4.70 -2.25
C SER A 326 -4.56 6.19 -2.13
N ASP A 327 -4.31 6.86 -3.25
CA ASP A 327 -3.96 8.28 -3.23
C ASP A 327 -5.17 9.14 -3.55
N ARG A 328 -6.15 8.53 -4.21
CA ARG A 328 -7.25 9.27 -4.82
C ARG A 328 -8.41 9.51 -3.87
N GLU A 329 -9.03 10.67 -3.97
CA GLU A 329 -10.26 10.96 -3.23
C GLU A 329 -11.39 10.12 -3.82
N ASN A 330 -12.47 9.99 -3.05
CA ASN A 330 -13.60 9.17 -3.47
C ASN A 330 -14.17 9.63 -4.81
N GLY A 331 -14.96 8.77 -5.44
CA GLY A 331 -15.49 9.06 -6.76
C GLY A 331 -14.87 8.18 -7.81
N ILE A 332 -15.58 8.00 -8.92
CA ILE A 332 -15.15 7.08 -9.98
C ILE A 332 -13.91 7.53 -10.74
N TYR A 333 -13.08 6.56 -11.12
CA TYR A 333 -11.98 6.78 -12.05
C TYR A 333 -12.04 5.72 -13.13
N PHE A 334 -11.59 6.06 -14.32
CA PHE A 334 -11.49 5.07 -15.39
C PHE A 334 -10.04 4.86 -15.77
N LYS A 335 -9.71 3.62 -16.12
CA LYS A 335 -8.39 3.30 -16.63
C LYS A 335 -8.39 3.44 -18.15
N VAL A 336 -7.53 4.32 -18.65
CA VAL A 336 -7.50 4.59 -20.08
C VAL A 336 -6.23 4.03 -20.70
N GLN A 337 -6.39 3.43 -21.88
CA GLN A 337 -5.26 3.05 -22.70
C GLN A 337 -5.20 4.11 -23.80
N TRP A 338 -4.02 4.65 -24.06
CA TRP A 338 -3.90 5.70 -25.05
C TRP A 338 -3.40 5.15 -26.39
N GLU A 339 -3.78 5.81 -27.48
CA GLU A 339 -3.41 5.36 -28.79
C GLU A 339 -1.91 5.30 -28.96
N GLY A 340 -1.43 4.20 -29.51
CA GLY A 340 -0.02 3.97 -29.72
C GLY A 340 0.73 3.47 -28.50
N TYR A 341 0.03 3.22 -27.42
CA TYR A 341 0.71 2.85 -26.19
C TYR A 341 0.53 1.40 -25.79
N GLY A 342 1.63 0.80 -25.37
CA GLY A 342 1.64 -0.53 -24.83
C GLY A 342 1.00 -0.47 -23.46
N PRO A 343 0.53 -1.60 -23.00
CA PRO A 343 -0.12 -1.65 -21.70
C PRO A 343 0.98 -1.31 -20.75
N GLU A 344 0.66 -0.83 -19.57
CA GLU A 344 1.69 -0.43 -18.67
C GLU A 344 1.89 1.04 -18.87
N GLU A 345 1.20 1.59 -19.86
CA GLU A 345 1.17 3.00 -20.07
C GLU A 345 -0.21 3.53 -19.73
N ASP A 346 -1.17 2.62 -19.59
CA ASP A 346 -2.53 3.00 -19.25
C ASP A 346 -2.52 3.57 -17.87
N THR A 347 -3.36 4.56 -17.65
CA THR A 347 -3.45 5.21 -16.34
C THR A 347 -4.88 5.52 -15.91
N TRP A 348 -5.04 5.80 -14.62
CA TRP A 348 -6.33 6.15 -14.05
C TRP A 348 -6.57 7.65 -14.15
N GLU A 349 -7.68 8.03 -14.77
CA GLU A 349 -8.11 9.42 -14.80
C GLU A 349 -9.48 9.53 -14.15
N PRO A 350 -9.75 10.65 -13.47
CA PRO A 350 -11.03 10.85 -12.79
C PRO A 350 -12.18 10.92 -13.77
N ILE A 351 -13.41 10.77 -13.27
CA ILE A 351 -14.59 10.70 -14.13
C ILE A 351 -14.86 11.99 -14.90
N ASP A 352 -14.72 13.13 -14.22
CA ASP A 352 -15.04 14.41 -14.85
C ASP A 352 -13.94 14.90 -15.79
N ASN A 353 -12.71 14.49 -15.52
CA ASN A 353 -11.60 14.82 -16.42
C ASN A 353 -11.89 14.26 -17.80
N LEU A 354 -12.80 13.30 -17.87
CA LEU A 354 -13.12 12.67 -19.15
C LEU A 354 -14.48 13.07 -19.71
N SER A 355 -15.07 14.13 -19.16
CA SER A 355 -16.28 14.72 -19.72
C SER A 355 -16.08 14.96 -21.20
N ASP A 356 -14.81 15.00 -21.60
CA ASP A 356 -14.43 15.25 -22.99
C ASP A 356 -14.94 14.16 -23.94
N CYS A 357 -14.87 12.91 -23.49
CA CYS A 357 -15.15 11.76 -24.36
C CYS A 357 -16.28 10.86 -23.86
N PRO A 358 -17.49 11.42 -23.67
CA PRO A 358 -18.62 10.67 -23.12
C PRO A 358 -18.97 9.41 -23.91
N GLN A 359 -18.60 9.36 -25.19
CA GLN A 359 -18.87 8.17 -25.98
C GLN A 359 -18.06 6.98 -25.49
N LYS A 360 -16.78 7.21 -25.23
CA LYS A 360 -15.89 6.15 -24.76
C LYS A 360 -16.33 5.59 -23.41
N ILE A 361 -16.86 6.45 -22.55
CA ILE A 361 -17.44 6.00 -21.30
C ILE A 361 -18.57 5.02 -21.61
N ARG A 362 -19.29 5.29 -22.69
CA ARG A 362 -20.41 4.46 -23.12
C ARG A 362 -19.91 3.11 -23.55
N GLU A 363 -18.97 3.11 -24.48
CA GLU A 363 -18.31 1.89 -24.91
C GLU A 363 -18.03 1.02 -23.70
N PHE A 364 -17.48 1.61 -22.66
CA PHE A 364 -17.03 0.84 -21.50
C PHE A 364 -18.15 0.31 -20.59
N VAL A 365 -19.14 1.15 -20.31
CA VAL A 365 -20.23 0.74 -19.41
C VAL A 365 -21.09 -0.35 -20.04
N GLN A 366 -21.60 -0.07 -21.24
CA GLN A 366 -22.38 -1.07 -21.96
C GLN A 366 -21.56 -2.35 -22.12
N GLU A 367 -20.29 -2.20 -22.43
CA GLU A 367 -19.41 -3.35 -22.63
C GLU A 367 -19.17 -4.10 -21.34
N GLY A 368 -18.93 -3.37 -20.26
CA GLY A 368 -18.70 -3.99 -18.96
C GLY A 368 -19.96 -4.66 -18.43
N HIS A 369 -21.10 -4.01 -18.66
CA HIS A 369 -22.38 -4.55 -18.21
C HIS A 369 -22.71 -5.89 -18.85
N LYS A 370 -22.32 -6.06 -20.12
CA LYS A 370 -22.64 -7.29 -20.83
C LYS A 370 -21.71 -8.43 -20.44
N ARG A 371 -20.46 -8.12 -20.12
CA ARG A 371 -19.50 -9.13 -19.66
C ARG A 371 -19.59 -9.28 -18.15
N LYS A 372 -20.42 -8.45 -17.54
CA LYS A 372 -20.62 -8.48 -16.10
C LYS A 372 -19.28 -8.37 -15.40
N ILE A 373 -18.51 -7.34 -15.75
CA ILE A 373 -17.22 -7.10 -15.12
C ILE A 373 -17.40 -6.79 -13.63
N LEU A 374 -18.61 -6.35 -13.28
CA LEU A 374 -18.97 -6.05 -11.91
C LEU A 374 -20.41 -6.49 -11.68
N PRO A 375 -20.71 -7.02 -10.50
CA PRO A 375 -22.07 -7.51 -10.20
C PRO A 375 -23.08 -6.44 -9.79
N LEU A 376 -24.26 -6.50 -10.41
CA LEU A 376 -25.42 -5.79 -9.90
C LEU A 376 -26.21 -6.80 -9.09
N PRO A 377 -27.07 -6.34 -8.17
CA PRO A 377 -27.86 -7.25 -7.36
C PRO A 377 -28.51 -8.36 -8.21
N GLY A 378 -28.44 -9.60 -7.73
CA GLY A 378 -28.99 -10.73 -8.44
C GLY A 378 -27.98 -11.45 -9.31
N ASP A 379 -26.89 -10.77 -9.64
CA ASP A 379 -25.86 -11.33 -10.52
C ASP A 379 -25.00 -12.40 -9.84
N VAL A 380 -24.94 -12.35 -8.51
CA VAL A 380 -24.06 -13.26 -7.79
C VAL A 380 -24.83 -14.32 -7.00
N ASP A 381 -24.53 -15.58 -7.31
CA ASP A 381 -25.17 -16.72 -6.66
C ASP A 381 -24.57 -16.97 -5.28
N VAL A 382 -23.24 -16.98 -5.22
CA VAL A 382 -22.55 -17.25 -3.97
C VAL A 382 -21.58 -16.15 -3.57
N ILE A 383 -21.50 -15.88 -2.28
CA ILE A 383 -20.49 -14.99 -1.72
C ILE A 383 -19.75 -15.69 -0.60
N CYS A 384 -18.43 -15.77 -0.72
CA CYS A 384 -17.60 -16.29 0.36
C CYS A 384 -16.62 -15.21 0.80
N GLY A 385 -16.21 -15.28 2.06
CA GLY A 385 -15.30 -14.28 2.59
C GLY A 385 -14.73 -14.62 3.94
N GLY A 386 -13.55 -14.06 4.21
CA GLY A 386 -12.88 -14.21 5.49
C GLY A 386 -12.49 -12.86 6.04
N PRO A 387 -13.49 -12.02 6.34
CA PRO A 387 -13.21 -10.66 6.81
C PRO A 387 -12.31 -10.71 8.04
N PRO A 388 -11.22 -9.97 7.99
CA PRO A 388 -10.30 -9.95 9.09
C PRO A 388 -10.86 -9.36 10.35
N CYS A 389 -10.66 -10.07 11.43
CA CYS A 389 -11.01 -9.57 12.73
C CYS A 389 -9.80 -9.71 13.61
N GLN A 390 -9.29 -8.60 14.09
CA GLN A 390 -8.10 -8.66 14.89
C GLN A 390 -8.31 -7.92 16.17
N GLY A 391 -7.51 -8.24 17.17
CA GLY A 391 -7.70 -7.67 18.47
C GLY A 391 -8.72 -8.43 19.27
N ILE A 392 -9.06 -9.62 18.81
CA ILE A 392 -9.99 -10.46 19.52
C ILE A 392 -9.31 -11.61 20.29
N SER A 393 -7.99 -11.55 20.37
CA SER A 393 -7.20 -12.56 21.05
C SER A 393 -5.87 -11.98 21.51
N GLY A 394 -5.17 -12.69 22.37
CA GLY A 394 -3.87 -12.26 22.86
C GLY A 394 -3.88 -10.96 23.64
N PHE A 395 -3.05 -10.02 23.21
CA PHE A 395 -3.01 -8.75 23.88
C PHE A 395 -4.39 -8.12 23.78
N ASN A 396 -5.06 -8.35 22.66
CA ASN A 396 -6.35 -7.75 22.41
C ASN A 396 -7.57 -8.53 22.87
N ARG A 397 -7.34 -9.69 23.46
CA ARG A 397 -8.42 -10.54 23.88
C ARG A 397 -9.29 -9.79 24.86
N TYR A 398 -8.67 -8.95 25.66
CA TYR A 398 -9.39 -8.24 26.70
C TYR A 398 -9.67 -6.75 26.49
N ARG A 399 -9.52 -6.24 25.29
CA ARG A 399 -9.77 -4.83 25.05
C ARG A 399 -10.89 -4.49 24.06
N ASN A 400 -11.71 -3.50 24.42
CA ASN A 400 -12.72 -2.94 23.54
C ASN A 400 -14.06 -3.64 23.40
N ARG A 401 -14.36 -4.53 24.31
CA ARG A 401 -15.48 -5.44 24.20
C ARG A 401 -16.89 -4.88 24.10
N ASP A 402 -17.17 -3.69 24.60
CA ASP A 402 -18.54 -3.20 24.56
C ASP A 402 -19.16 -2.90 23.21
N GLU A 403 -18.42 -2.27 22.32
CA GLU A 403 -18.94 -2.00 20.99
C GLU A 403 -17.86 -2.51 20.11
N PRO A 404 -17.80 -3.80 19.94
CA PRO A 404 -16.69 -4.39 19.21
C PRO A 404 -16.65 -3.87 17.80
N LEU A 405 -17.79 -3.64 17.18
CA LEU A 405 -17.80 -3.13 15.82
C LEU A 405 -17.21 -1.73 15.64
N LYS A 406 -17.57 -0.80 16.51
CA LYS A 406 -17.00 0.52 16.44
C LYS A 406 -15.53 0.33 16.64
N ASP A 407 -15.19 -0.55 17.56
CA ASP A 407 -13.82 -0.72 17.98
C ASP A 407 -12.91 -1.23 16.90
N GLU A 408 -11.70 -0.69 16.88
CA GLU A 408 -10.62 -1.24 16.10
C GLU A 408 -11.10 -1.54 14.71
N LYS A 409 -10.70 -2.71 14.24
CA LYS A 409 -11.17 -3.12 12.97
C LYS A 409 -11.69 -4.55 13.01
N ASN A 410 -12.86 -4.66 13.59
CA ASN A 410 -13.69 -5.82 13.47
C ASN A 410 -14.62 -5.32 12.41
N LYS A 411 -14.31 -4.16 11.87
CA LYS A 411 -15.16 -3.44 10.96
C LYS A 411 -15.43 -4.18 9.67
N GLN A 412 -14.51 -5.01 9.25
CA GLN A 412 -14.69 -5.73 8.02
C GLN A 412 -15.90 -6.64 8.14
N MET A 413 -16.24 -7.04 9.35
CA MET A 413 -17.38 -7.89 9.56
C MET A 413 -18.63 -7.19 9.10
N VAL A 414 -18.76 -5.93 9.44
CA VAL A 414 -19.86 -5.09 8.98
C VAL A 414 -19.86 -4.96 7.46
N THR A 415 -18.71 -4.60 6.89
CA THR A 415 -18.59 -4.43 5.45
C THR A 415 -19.02 -5.70 4.71
N PHE A 416 -18.56 -6.85 5.19
CA PHE A 416 -18.94 -8.13 4.58
C PHE A 416 -20.45 -8.25 4.52
N MET A 417 -21.11 -8.12 5.66
CA MET A 417 -22.57 -8.22 5.71
C MET A 417 -23.26 -7.13 4.92
N ASP A 418 -22.59 -6.00 4.76
CA ASP A 418 -23.13 -4.90 3.95
C ASP A 418 -23.18 -5.26 2.47
N ILE A 419 -22.14 -5.94 2.00
CA ILE A 419 -22.07 -6.35 0.61
C ILE A 419 -23.07 -7.48 0.34
N VAL A 420 -23.23 -8.37 1.31
CA VAL A 420 -24.25 -9.41 1.22
C VAL A 420 -25.63 -8.78 1.16
N ALA A 421 -25.85 -7.76 1.98
CA ALA A 421 -27.13 -7.05 2.01
C ALA A 421 -27.40 -6.38 0.67
N TYR A 422 -26.36 -5.91 0.00
CA TYR A 422 -26.51 -5.23 -1.27
C TYR A 422 -26.70 -6.18 -2.46
N LEU A 423 -26.01 -7.32 -2.42
CA LEU A 423 -26.04 -8.25 -3.55
C LEU A 423 -27.10 -9.34 -3.44
N LYS A 424 -27.45 -9.72 -2.21
CA LYS A 424 -28.47 -10.75 -1.97
C LYS A 424 -28.22 -12.04 -2.73
N PRO A 425 -27.08 -12.68 -2.48
CA PRO A 425 -26.72 -13.92 -3.17
C PRO A 425 -27.50 -15.12 -2.63
N LYS A 426 -27.70 -16.14 -3.45
CA LYS A 426 -28.45 -17.31 -3.04
C LYS A 426 -27.77 -18.01 -1.87
N TYR A 427 -26.44 -17.99 -1.84
CA TYR A 427 -25.69 -18.61 -0.76
C TYR A 427 -24.62 -17.69 -0.20
N VAL A 428 -24.37 -17.81 1.10
CA VAL A 428 -23.32 -17.06 1.77
C VAL A 428 -22.43 -18.03 2.55
N LEU A 429 -21.12 -17.96 2.29
CA LEU A 429 -20.17 -18.72 3.08
C LEU A 429 -19.21 -17.76 3.75
N MET A 430 -19.23 -17.74 5.09
CA MET A 430 -18.38 -16.81 5.82
C MET A 430 -17.43 -17.55 6.74
N GLU A 431 -16.13 -17.38 6.50
CA GLU A 431 -15.10 -18.08 7.26
C GLU A 431 -14.44 -17.13 8.25
N ASN A 432 -13.90 -17.69 9.32
CA ASN A 432 -13.20 -16.88 10.32
C ASN A 432 -12.58 -17.73 11.43
N VAL A 433 -11.76 -17.08 12.26
CA VAL A 433 -11.09 -17.76 13.37
C VAL A 433 -12.07 -18.07 14.50
N VAL A 434 -11.74 -19.09 15.29
CA VAL A 434 -12.60 -19.54 16.38
C VAL A 434 -12.86 -18.45 17.42
N ASP A 435 -11.95 -17.48 17.50
CA ASP A 435 -12.07 -16.43 18.52
C ASP A 435 -13.32 -15.56 18.39
N ILE A 436 -13.87 -15.46 17.17
CA ILE A 436 -15.10 -14.70 16.99
C ILE A 436 -16.23 -15.31 17.80
N LEU A 437 -16.07 -16.55 18.20
CA LEU A 437 -17.07 -17.24 19.01
C LEU A 437 -16.76 -17.14 20.50
N LYS A 438 -15.56 -16.68 20.84
CA LYS A 438 -15.13 -16.57 22.23
C LYS A 438 -15.09 -15.12 22.70
N PHE A 439 -14.40 -14.28 21.94
CA PHE A 439 -14.22 -12.88 22.28
C PHE A 439 -15.55 -12.17 22.54
N ALA A 440 -15.58 -11.36 23.59
CA ALA A 440 -16.79 -10.67 23.98
C ALA A 440 -17.99 -11.60 23.91
N ASP A 441 -17.87 -12.75 24.56
CA ASP A 441 -18.92 -13.76 24.63
C ASP A 441 -19.53 -14.11 23.28
N GLY A 442 -18.69 -14.22 22.25
CA GLY A 442 -19.14 -14.65 20.94
C GLY A 442 -19.84 -13.56 20.15
N TYR A 443 -19.61 -12.31 20.54
CA TYR A 443 -20.29 -11.17 19.94
C TYR A 443 -20.25 -11.17 18.41
N LEU A 444 -19.05 -11.20 17.85
CA LEU A 444 -18.88 -11.15 16.40
C LEU A 444 -19.59 -12.32 15.73
N GLY A 445 -19.42 -13.51 16.28
CA GLY A 445 -20.09 -14.69 15.78
C GLY A 445 -21.59 -14.49 15.75
N LYS A 446 -22.15 -14.06 16.88
CA LYS A 446 -23.57 -13.78 16.98
C LYS A 446 -23.98 -12.73 15.96
N TYR A 447 -23.17 -11.68 15.84
CA TYR A 447 -23.47 -10.59 14.93
C TYR A 447 -23.61 -11.05 13.49
N ALA A 448 -22.67 -11.88 13.03
CA ALA A 448 -22.72 -12.40 11.68
C ALA A 448 -24.02 -13.16 11.48
N LEU A 449 -24.27 -14.10 12.38
CA LEU A 449 -25.47 -14.93 12.34
C LEU A 449 -26.74 -14.07 12.36
N SER A 450 -26.78 -13.11 13.27
CA SER A 450 -27.94 -12.25 13.41
C SER A 450 -28.24 -11.52 12.10
N CYS A 451 -27.18 -11.01 11.47
CA CYS A 451 -27.32 -10.32 10.20
C CYS A 451 -28.03 -11.19 9.17
N LEU A 452 -27.51 -12.40 8.98
CA LEU A 452 -28.12 -13.33 8.04
C LEU A 452 -29.59 -13.56 8.35
N VAL A 453 -29.89 -13.75 9.64
CA VAL A 453 -31.27 -14.02 10.05
C VAL A 453 -32.19 -12.82 9.84
N ALA A 454 -31.72 -11.63 10.19
CA ALA A 454 -32.51 -10.41 9.97
C ALA A 454 -32.73 -10.18 8.48
N MET A 455 -31.77 -10.60 7.66
CA MET A 455 -31.89 -10.52 6.21
C MET A 455 -32.76 -11.65 5.67
N LYS A 456 -33.28 -12.46 6.59
CA LYS A 456 -34.20 -13.56 6.24
C LYS A 456 -33.53 -14.71 5.49
N TYR A 457 -32.23 -14.85 5.70
CA TYR A 457 -31.50 -16.01 5.18
C TYR A 457 -31.68 -17.18 6.12
N GLN A 458 -31.73 -18.40 5.58
CA GLN A 458 -31.53 -19.58 6.39
C GLN A 458 -30.05 -19.54 6.74
N ALA A 459 -29.68 -20.13 7.86
CA ALA A 459 -28.28 -20.10 8.28
C ALA A 459 -27.91 -21.20 9.24
N ARG A 460 -26.65 -21.60 9.22
CA ARG A 460 -26.10 -22.47 10.25
C ARG A 460 -24.62 -22.21 10.47
N LEU A 461 -24.14 -22.59 11.65
CA LEU A 461 -22.76 -22.31 12.04
C LEU A 461 -22.07 -23.60 12.47
N GLY A 462 -20.83 -23.79 12.00
CA GLY A 462 -20.09 -24.97 12.36
C GLY A 462 -18.60 -24.73 12.42
N MET A 463 -17.90 -25.52 13.23
CA MET A 463 -16.46 -25.43 13.35
C MET A 463 -15.81 -26.66 12.72
N MET A 464 -14.86 -26.42 11.83
CA MET A 464 -14.22 -27.53 11.12
C MET A 464 -12.71 -27.54 11.33
N VAL A 465 -12.18 -28.74 11.60
CA VAL A 465 -10.77 -28.94 11.87
C VAL A 465 -10.08 -29.45 10.61
N ALA A 466 -9.16 -28.67 10.09
CA ALA A 466 -8.53 -28.95 8.80
C ALA A 466 -7.97 -30.36 8.67
N GLY A 467 -7.21 -30.79 9.67
CA GLY A 467 -6.59 -32.11 9.64
C GLY A 467 -7.56 -33.24 9.38
N CYS A 468 -8.82 -33.02 9.72
CA CYS A 468 -9.86 -34.03 9.54
C CYS A 468 -10.10 -34.35 8.07
N TYR A 469 -9.55 -33.54 7.18
CA TYR A 469 -9.82 -33.69 5.76
C TYR A 469 -8.57 -34.02 4.94
N GLY A 470 -7.52 -34.43 5.65
CA GLY A 470 -6.32 -34.93 5.00
C GLY A 470 -5.17 -33.95 4.98
N LEU A 471 -4.96 -33.28 6.11
CA LEU A 471 -3.85 -32.35 6.23
C LEU A 471 -3.10 -32.56 7.54
N PRO A 472 -1.75 -32.46 7.47
CA PRO A 472 -0.90 -32.64 8.66
C PRO A 472 -0.93 -31.39 9.53
N GLN A 473 -2.13 -30.92 9.83
CA GLN A 473 -2.29 -29.84 10.81
C GLN A 473 -3.60 -29.93 11.56
N PHE A 474 -3.72 -29.16 12.62
CA PHE A 474 -4.96 -29.04 13.38
C PHE A 474 -5.38 -27.59 13.36
N ARG A 475 -6.10 -27.19 12.31
CA ARG A 475 -6.47 -25.79 12.15
C ARG A 475 -7.97 -25.62 12.22
N MET A 476 -8.47 -25.30 13.41
CA MET A 476 -9.90 -25.17 13.59
C MET A 476 -10.37 -23.79 13.14
N ARG A 477 -11.40 -23.77 12.30
CA ARG A 477 -11.96 -22.53 11.83
C ARG A 477 -13.49 -22.56 11.89
N VAL A 478 -14.09 -21.37 11.90
CA VAL A 478 -15.53 -21.25 11.93
C VAL A 478 -16.06 -20.97 10.54
N PHE A 479 -17.13 -21.67 10.15
CA PHE A 479 -17.76 -21.45 8.86
C PHE A 479 -19.26 -21.22 9.02
N LEU A 480 -19.75 -20.16 8.39
CA LEU A 480 -21.14 -19.76 8.54
C LEU A 480 -21.89 -19.85 7.20
N TRP A 481 -22.83 -20.77 7.12
CA TRP A 481 -23.66 -20.90 5.93
C TRP A 481 -24.82 -19.92 5.96
N GLY A 482 -25.19 -19.45 4.78
CA GLY A 482 -26.41 -18.69 4.59
C GLY A 482 -27.03 -19.12 3.29
N ALA A 483 -28.36 -19.19 3.26
CA ALA A 483 -29.06 -19.59 2.05
C ALA A 483 -30.45 -18.95 2.00
N LEU A 484 -30.80 -18.39 0.85
CA LEU A 484 -32.12 -17.82 0.67
C LEU A 484 -33.18 -18.88 0.94
N SER A 485 -34.36 -18.44 1.37
CA SER A 485 -35.44 -19.36 1.69
C SER A 485 -35.89 -20.14 0.45
N SER A 486 -35.46 -19.69 -0.72
CA SER A 486 -35.81 -20.34 -1.97
C SER A 486 -34.78 -21.39 -2.31
N MET A 487 -33.82 -21.58 -1.41
CA MET A 487 -32.69 -22.46 -1.66
C MET A 487 -32.60 -23.53 -0.57
N VAL A 488 -31.89 -24.61 -0.86
CA VAL A 488 -31.65 -25.63 0.15
C VAL A 488 -30.38 -25.30 0.93
N LEU A 489 -30.50 -25.28 2.25
CA LEU A 489 -29.37 -24.95 3.12
C LEU A 489 -28.33 -26.05 3.10
N PRO A 490 -27.06 -25.69 2.84
CA PRO A 490 -25.95 -26.64 2.80
C PRO A 490 -25.69 -27.27 4.15
N LYS A 491 -25.05 -28.44 4.15
CA LYS A 491 -24.69 -29.12 5.38
C LYS A 491 -23.19 -29.00 5.61
N TYR A 492 -22.72 -29.58 6.71
CA TYR A 492 -21.29 -29.66 6.96
C TYR A 492 -20.81 -31.09 6.73
N PRO A 493 -19.73 -31.25 5.95
CA PRO A 493 -19.18 -32.56 5.64
C PRO A 493 -18.38 -33.10 6.83
N LEU A 494 -18.63 -34.36 7.18
CA LEU A 494 -17.95 -34.97 8.32
C LEU A 494 -16.48 -35.20 8.03
N PRO A 495 -15.67 -35.31 9.09
CA PRO A 495 -14.24 -35.64 8.94
C PRO A 495 -14.05 -36.89 8.09
N THR A 496 -12.99 -36.90 7.30
CA THR A 496 -12.62 -38.08 6.53
C THR A 496 -11.33 -38.69 7.07
N TYR A 497 -10.69 -37.98 7.99
CA TYR A 497 -9.46 -38.49 8.63
C TYR A 497 -9.63 -38.59 10.15
N ASP A 498 -8.97 -39.58 10.74
CA ASP A 498 -9.22 -40.00 12.13
C ASP A 498 -8.60 -39.10 13.21
N VAL A 499 -8.32 -37.83 12.87
CA VAL A 499 -7.88 -36.87 13.86
C VAL A 499 -9.03 -36.71 14.85
N VAL A 500 -8.72 -36.55 16.14
CA VAL A 500 -9.76 -36.46 17.16
C VAL A 500 -9.93 -35.04 17.72
N VAL A 501 -11.17 -34.57 17.74
CA VAL A 501 -11.46 -33.23 18.23
C VAL A 501 -11.64 -33.21 19.75
N ARG A 502 -11.08 -32.20 20.39
CA ARG A 502 -11.10 -32.10 21.85
C ARG A 502 -12.28 -31.27 22.33
N GLY A 503 -12.12 -30.62 23.48
CA GLY A 503 -13.16 -29.77 24.04
C GLY A 503 -13.00 -28.33 23.60
N GLY A 504 -12.53 -28.15 22.36
CA GLY A 504 -12.25 -26.83 21.82
C GLY A 504 -13.47 -25.96 21.58
N ALA A 505 -14.66 -26.52 21.80
CA ALA A 505 -15.91 -25.82 21.53
C ALA A 505 -16.28 -24.80 22.62
N PRO A 506 -16.28 -23.51 22.26
CA PRO A 506 -16.78 -22.41 23.09
C PRO A 506 -18.15 -22.75 23.66
N ASN A 507 -18.25 -22.86 24.98
CA ASN A 507 -19.53 -23.19 25.62
C ASN A 507 -20.69 -22.31 25.14
N ALA A 508 -20.35 -21.17 24.56
CA ALA A 508 -21.35 -20.31 23.92
C ALA A 508 -21.92 -21.04 22.70
N PHE A 509 -21.04 -21.63 21.91
CA PHE A 509 -21.44 -22.48 20.80
C PHE A 509 -20.89 -23.87 21.03
N SER A 510 -21.47 -24.58 21.99
CA SER A 510 -20.99 -25.92 22.35
C SER A 510 -21.39 -27.00 21.34
N GLN A 511 -22.45 -26.71 20.59
CA GLN A 511 -23.06 -27.69 19.70
C GLN A 511 -22.84 -27.37 18.22
N CYS A 512 -21.71 -26.78 17.89
CA CYS A 512 -21.43 -26.40 16.51
C CYS A 512 -20.19 -27.09 15.96
N MET A 513 -19.62 -28.00 16.74
CA MET A 513 -18.47 -28.76 16.29
C MET A 513 -18.90 -29.83 15.30
N VAL A 514 -18.34 -29.79 14.10
CA VAL A 514 -18.61 -30.85 13.13
C VAL A 514 -17.63 -32.00 13.30
N ALA A 515 -18.11 -33.08 13.90
CA ALA A 515 -17.31 -34.24 14.15
C ALA A 515 -18.27 -35.37 14.36
N TYR A 516 -17.80 -36.58 14.27
CA TYR A 516 -18.60 -37.71 14.62
C TYR A 516 -18.57 -37.77 16.13
N ASP A 517 -19.62 -38.27 16.75
CA ASP A 517 -19.61 -38.47 18.18
C ASP A 517 -18.92 -39.77 18.45
N GLU A 518 -18.40 -39.94 19.66
CA GLU A 518 -17.69 -41.15 20.01
C GLU A 518 -18.66 -42.28 19.84
N THR A 519 -19.91 -42.04 20.17
CA THR A 519 -20.85 -43.12 19.98
C THR A 519 -20.73 -43.76 18.63
N GLN A 520 -20.44 -42.98 17.61
CA GLN A 520 -20.31 -43.60 16.31
C GLN A 520 -18.88 -43.74 15.90
N LYS A 521 -18.49 -44.96 15.64
CA LYS A 521 -17.16 -45.24 15.20
C LYS A 521 -17.30 -45.57 13.75
N PRO A 522 -16.62 -44.82 12.92
CA PRO A 522 -16.70 -45.01 11.49
C PRO A 522 -15.27 -45.15 11.10
N SER A 523 -14.98 -45.80 10.00
CA SER A 523 -13.59 -45.98 9.70
C SER A 523 -13.11 -44.82 8.86
N LEU A 524 -12.11 -44.14 9.37
CA LEU A 524 -11.58 -42.96 8.75
C LEU A 524 -10.15 -43.21 8.40
N LYS A 525 -9.60 -42.39 7.53
CA LYS A 525 -8.24 -42.56 7.05
C LYS A 525 -7.22 -42.19 8.13
N LYS A 526 -6.06 -42.82 8.09
CA LYS A 526 -5.01 -42.55 9.06
C LYS A 526 -4.58 -41.09 8.98
N ALA A 527 -4.45 -40.44 10.12
CA ALA A 527 -4.09 -39.03 10.20
C ALA A 527 -2.74 -38.78 9.54
N LEU A 528 -2.66 -37.73 8.74
CA LEU A 528 -1.44 -37.41 7.98
C LEU A 528 -0.37 -36.75 8.84
N LEU A 529 0.88 -37.11 8.58
CA LEU A 529 2.02 -36.52 9.27
C LEU A 529 2.88 -35.72 8.29
N LEU A 530 3.89 -35.03 8.81
CA LEU A 530 4.69 -34.12 7.99
C LEU A 530 5.38 -34.83 6.83
N GLY A 531 5.89 -36.02 7.08
CA GLY A 531 6.53 -36.81 6.04
C GLY A 531 5.55 -37.16 4.93
N ASP A 532 4.32 -37.47 5.33
CA ASP A 532 3.26 -37.78 4.38
C ASP A 532 3.10 -36.67 3.34
N ALA A 533 3.45 -35.45 3.73
CA ALA A 533 3.22 -34.29 2.88
C ALA A 533 4.44 -33.80 2.09
N ILE A 534 5.63 -33.85 2.70
CA ILE A 534 6.80 -33.25 2.06
C ILE A 534 8.00 -34.16 1.78
N SER A 535 7.84 -35.47 1.94
CA SER A 535 8.98 -36.37 1.82
C SER A 535 9.51 -36.54 0.40
N ASP A 536 8.73 -36.14 -0.61
CA ASP A 536 9.12 -36.35 -2.00
C ASP A 536 9.83 -35.15 -2.63
N LEU A 537 9.80 -34.02 -1.94
CA LEU A 537 10.39 -32.79 -2.48
C LEU A 537 11.91 -32.82 -2.46
N PRO A 538 12.54 -32.19 -3.46
CA PRO A 538 14.00 -32.18 -3.61
C PRO A 538 14.66 -31.21 -2.64
N LYS A 539 15.87 -31.55 -2.21
CA LYS A 539 16.65 -30.70 -1.33
C LYS A 539 16.89 -29.32 -1.93
N VAL A 540 16.75 -28.29 -1.10
CA VAL A 540 17.17 -26.94 -1.48
C VAL A 540 17.81 -26.25 -0.28
N GLN A 541 18.29 -25.02 -0.49
CA GLN A 541 19.08 -24.35 0.54
C GLN A 541 18.44 -23.06 1.05
N ASN A 542 19.04 -22.50 2.09
CA ASN A 542 18.57 -21.26 2.68
C ASN A 542 18.25 -20.20 1.62
N HIS A 543 19.10 -20.12 0.61
CA HIS A 543 18.87 -19.21 -0.51
C HIS A 543 18.53 -19.99 -1.78
N GLN A 544 17.29 -19.85 -2.23
CA GLN A 544 16.80 -20.61 -3.38
C GLN A 544 15.91 -19.71 -4.25
N PRO A 545 16.53 -19.01 -5.21
CA PRO A 545 15.95 -17.93 -6.04
C PRO A 545 15.02 -18.42 -7.14
N ASN A 546 15.02 -19.72 -7.41
CA ASN A 546 14.20 -20.26 -8.49
C ASN A 546 12.78 -20.60 -8.04
N ASP A 547 11.82 -19.83 -8.52
CA ASP A 547 10.42 -20.03 -8.15
C ASP A 547 9.78 -21.13 -8.98
N VAL A 548 10.56 -21.70 -9.90
CA VAL A 548 10.12 -22.82 -10.72
C VAL A 548 11.27 -23.81 -10.88
N MET A 549 11.06 -25.06 -10.49
CA MET A 549 12.10 -26.07 -10.62
C MET A 549 11.55 -27.47 -10.89
N GLU A 550 12.45 -28.43 -11.03
CA GLU A 550 12.07 -29.82 -11.30
C GLU A 550 11.97 -30.61 -10.00
N TYR A 551 10.93 -31.45 -9.90
CA TYR A 551 10.84 -32.41 -8.81
C TYR A 551 12.03 -33.35 -8.88
N GLY A 552 12.53 -33.77 -7.72
CA GLY A 552 13.62 -34.72 -7.69
C GLY A 552 13.24 -36.04 -8.34
N GLY A 553 11.97 -36.39 -8.21
CA GLY A 553 11.46 -37.64 -8.77
C GLY A 553 9.98 -37.82 -8.50
N SER A 554 9.52 -39.06 -8.52
CA SER A 554 8.11 -39.37 -8.33
C SER A 554 7.63 -39.08 -6.91
N PRO A 555 6.31 -38.90 -6.74
CA PRO A 555 5.76 -38.71 -5.40
C PRO A 555 5.76 -40.04 -4.65
N LYS A 556 5.84 -40.02 -3.32
CA LYS A 556 6.07 -41.22 -2.55
C LYS A 556 4.83 -41.72 -1.80
N THR A 557 3.85 -40.84 -1.62
CA THR A 557 2.72 -41.17 -0.77
C THR A 557 1.40 -40.82 -1.45
N GLU A 558 0.32 -41.35 -0.88
CA GLU A 558 -1.02 -41.08 -1.38
C GLU A 558 -1.28 -39.58 -1.41
N PHE A 559 -0.94 -38.88 -0.33
CA PHE A 559 -1.12 -37.43 -0.30
C PHE A 559 -0.30 -36.78 -1.40
N GLN A 560 0.96 -37.17 -1.50
CA GLN A 560 1.86 -36.63 -2.51
C GLN A 560 1.34 -36.91 -3.92
N ARG A 561 0.75 -38.09 -4.11
CA ARG A 561 0.17 -38.43 -5.39
C ARG A 561 -1.01 -37.50 -5.69
N TYR A 562 -1.73 -37.12 -4.66
CA TYR A 562 -2.91 -36.27 -4.81
C TYR A 562 -2.57 -34.80 -5.10
N ILE A 563 -1.73 -34.18 -4.28
CA ILE A 563 -1.39 -32.77 -4.51
C ILE A 563 -0.57 -32.54 -5.78
N ARG A 564 -0.11 -33.61 -6.41
CA ARG A 564 0.65 -33.49 -7.65
C ARG A 564 -0.20 -33.78 -8.88
N LEU A 565 -1.51 -33.88 -8.69
CA LEU A 565 -2.43 -34.03 -9.80
C LEU A 565 -2.52 -32.74 -10.59
N SER A 566 -2.75 -32.85 -11.90
CA SER A 566 -2.89 -31.69 -12.76
C SER A 566 -4.23 -31.01 -12.53
N ARG A 567 -4.45 -29.89 -13.22
CA ARG A 567 -5.70 -29.14 -13.09
C ARG A 567 -6.90 -29.95 -13.56
N LYS A 568 -6.71 -30.74 -14.61
CA LYS A 568 -7.79 -31.56 -15.14
C LYS A 568 -8.23 -32.63 -14.15
N ASP A 569 -7.27 -33.36 -13.61
CA ASP A 569 -7.57 -34.38 -12.61
C ASP A 569 -8.30 -33.79 -11.41
N MET A 570 -7.94 -32.55 -11.06
CA MET A 570 -8.55 -31.85 -9.93
C MET A 570 -9.93 -31.29 -10.29
N LEU A 571 -10.34 -31.47 -11.55
CA LEU A 571 -11.56 -30.86 -12.06
C LEU A 571 -11.47 -29.35 -11.96
N ASP A 572 -10.27 -28.82 -12.16
CA ASP A 572 -10.03 -27.38 -12.15
C ASP A 572 -10.10 -26.85 -13.57
N TRP A 573 -11.17 -26.12 -13.88
CA TRP A 573 -11.45 -25.71 -15.24
C TRP A 573 -11.08 -24.25 -15.53
N SER A 574 -10.32 -23.64 -14.63
CA SER A 574 -9.91 -22.25 -14.77
C SER A 574 -9.35 -21.93 -16.16
N PHE A 575 -8.65 -22.89 -16.76
CA PHE A 575 -8.10 -22.70 -18.09
C PHE A 575 -8.95 -23.40 -19.15
N GLY A 576 -10.16 -23.77 -18.75
CA GLY A 576 -11.12 -24.39 -19.65
C GLY A 576 -10.64 -25.73 -20.17
N GLU A 577 -10.85 -25.98 -21.45
CA GLU A 577 -10.32 -27.17 -22.09
C GLU A 577 -8.81 -27.03 -22.22
N GLY A 578 -8.11 -28.14 -22.05
CA GLY A 578 -6.66 -28.14 -22.18
C GLY A 578 -5.94 -27.80 -20.88
N ALA A 579 -4.72 -28.30 -20.74
CA ALA A 579 -3.92 -28.05 -19.56
C ALA A 579 -3.52 -26.58 -19.46
N GLY A 580 -3.29 -26.12 -18.23
CA GLY A 580 -2.86 -24.76 -18.00
C GLY A 580 -1.35 -24.63 -18.09
N PRO A 581 -0.78 -23.66 -17.35
CA PRO A 581 0.67 -23.44 -17.29
C PRO A 581 1.35 -24.32 -16.26
N ASP A 582 2.66 -24.50 -16.41
CA ASP A 582 3.49 -25.11 -15.36
C ASP A 582 3.19 -26.58 -15.07
N GLU A 583 2.70 -27.31 -16.06
CA GLU A 583 2.35 -28.71 -15.82
C GLU A 583 3.55 -29.52 -15.36
N GLY A 584 3.40 -30.19 -14.22
CA GLY A 584 4.43 -31.04 -13.68
C GLY A 584 5.63 -30.30 -13.10
N LYS A 585 5.46 -29.01 -12.84
CA LYS A 585 6.54 -28.19 -12.31
C LYS A 585 6.47 -28.01 -10.79
N LEU A 586 7.62 -27.93 -10.15
CA LEU A 586 7.70 -27.64 -8.73
C LEU A 586 7.83 -26.14 -8.52
N LEU A 587 6.80 -25.54 -7.94
CA LEU A 587 6.70 -24.09 -7.84
C LEU A 587 6.92 -23.59 -6.42
N ASP A 588 7.64 -22.49 -6.28
CA ASP A 588 7.75 -21.79 -5.01
C ASP A 588 8.39 -22.66 -3.91
N HIS A 589 9.21 -23.62 -4.31
CA HIS A 589 9.95 -24.42 -3.33
C HIS A 589 11.14 -23.60 -2.87
N GLN A 590 10.87 -22.59 -2.05
CA GLN A 590 11.89 -21.66 -1.60
C GLN A 590 11.59 -21.26 -0.17
N PRO A 591 12.60 -21.31 0.72
CA PRO A 591 12.35 -20.89 2.09
C PRO A 591 12.71 -19.43 2.30
N LEU A 592 12.23 -18.87 3.41
CA LEU A 592 12.68 -17.54 3.82
C LEU A 592 14.18 -17.57 3.85
N ARG A 593 14.82 -16.57 3.25
CA ARG A 593 16.27 -16.51 3.29
C ARG A 593 16.72 -15.91 4.61
N LEU A 594 17.16 -16.77 5.52
CA LEU A 594 17.64 -16.33 6.82
C LEU A 594 18.91 -15.50 6.65
N ASN A 595 19.04 -14.44 7.45
CA ASN A 595 20.27 -13.68 7.45
C ASN A 595 21.42 -14.55 7.94
N ASN A 596 22.65 -14.08 7.79
CA ASN A 596 23.81 -14.89 8.12
C ASN A 596 23.85 -15.40 9.56
N ASP A 597 23.42 -14.58 10.51
CA ASP A 597 23.39 -14.99 11.90
C ASP A 597 22.40 -16.12 12.14
N ASP A 598 21.14 -15.90 11.75
CA ASP A 598 20.10 -16.91 11.88
C ASP A 598 20.51 -18.20 11.19
N TYR A 599 20.92 -18.09 9.93
CA TYR A 599 21.40 -19.24 9.18
C TYR A 599 22.47 -20.00 9.94
N GLU A 600 23.44 -19.26 10.45
CA GLU A 600 24.51 -19.85 11.24
C GLU A 600 23.95 -20.59 12.44
N ARG A 601 22.86 -20.08 13.01
CA ARG A 601 22.25 -20.70 14.18
C ARG A 601 21.59 -22.04 13.84
N VAL A 602 20.72 -22.04 12.83
CA VAL A 602 20.03 -23.27 12.44
C VAL A 602 21.04 -24.33 11.99
N GLN A 603 22.10 -23.89 11.33
CA GLN A 603 23.18 -24.79 10.93
C GLN A 603 23.73 -25.52 12.15
N GLN A 604 23.60 -24.91 13.32
CA GLN A 604 24.13 -25.49 14.55
C GLN A 604 23.10 -26.33 15.31
N ILE A 605 21.84 -26.24 14.90
CA ILE A 605 20.80 -27.08 15.49
C ILE A 605 20.95 -28.51 15.00
N PRO A 606 21.13 -29.46 15.93
CA PRO A 606 21.32 -30.86 15.54
C PRO A 606 20.15 -31.34 14.70
N VAL A 607 20.40 -32.28 13.78
CA VAL A 607 19.27 -32.88 13.06
C VAL A 607 18.83 -34.16 13.76
N LYS A 608 17.84 -34.01 14.62
CA LYS A 608 17.26 -35.11 15.38
C LYS A 608 15.92 -34.61 15.91
N LYS A 609 14.98 -35.53 16.09
CA LYS A 609 13.65 -35.17 16.58
C LYS A 609 13.75 -34.38 17.87
N GLY A 610 13.03 -33.27 17.96
CA GLY A 610 12.95 -32.50 19.17
C GLY A 610 14.07 -31.50 19.39
N ALA A 611 15.01 -31.44 18.45
CA ALA A 611 16.12 -30.51 18.56
C ALA A 611 15.62 -29.06 18.57
N ASN A 612 16.25 -28.24 19.40
CA ASN A 612 15.94 -26.82 19.44
C ASN A 612 17.11 -25.99 19.97
N PHE A 613 16.85 -24.72 20.27
CA PHE A 613 17.91 -23.80 20.67
C PHE A 613 18.63 -24.28 21.95
N ARG A 614 17.96 -25.06 22.77
CA ARG A 614 18.52 -25.54 24.00
C ARG A 614 19.69 -26.42 23.69
N ASP A 615 19.70 -26.96 22.49
CA ASP A 615 20.78 -27.79 22.05
C ASP A 615 22.00 -27.00 21.62
N LEU A 616 21.84 -25.70 21.50
CA LEU A 616 22.93 -24.81 21.17
C LEU A 616 23.92 -24.64 22.31
N LYS A 617 25.16 -24.35 21.96
CA LYS A 617 26.24 -24.24 22.92
C LYS A 617 26.14 -23.16 23.99
N GLY A 618 26.50 -23.50 25.21
CA GLY A 618 26.48 -22.56 26.31
C GLY A 618 25.19 -22.37 27.06
N VAL A 619 24.24 -23.26 26.84
CA VAL A 619 22.95 -23.18 27.49
C VAL A 619 22.67 -24.48 28.20
N ARG A 620 21.86 -24.41 29.24
CA ARG A 620 21.49 -25.61 30.01
C ARG A 620 20.13 -25.44 30.69
N VAL A 621 19.63 -26.51 31.27
CA VAL A 621 18.37 -26.41 31.97
C VAL A 621 18.59 -26.42 33.46
N GLY A 622 18.07 -25.41 34.12
CA GLY A 622 18.15 -25.27 35.55
C GLY A 622 16.98 -25.93 36.23
N ALA A 623 16.86 -25.69 37.52
CA ALA A 623 15.78 -26.32 38.24
C ALA A 623 14.47 -25.84 37.67
N ASN A 624 13.51 -26.74 37.61
CA ASN A 624 12.20 -26.38 37.11
C ASN A 624 12.10 -26.22 35.62
N ASN A 625 13.04 -26.79 34.89
CA ASN A 625 13.03 -26.78 33.45
C ASN A 625 13.14 -25.41 32.84
N ILE A 626 13.82 -24.53 33.55
CA ILE A 626 14.04 -23.14 33.14
C ILE A 626 15.45 -22.93 32.59
N VAL A 627 15.53 -22.51 31.33
CA VAL A 627 16.81 -22.40 30.64
C VAL A 627 17.76 -21.40 31.30
N GLU A 628 19.06 -21.68 31.16
CA GLU A 628 20.11 -20.96 31.85
C GLU A 628 21.34 -20.85 30.97
N TRP A 629 22.22 -19.91 31.29
CA TRP A 629 23.56 -19.94 30.73
C TRP A 629 24.36 -20.97 31.51
N ASP A 630 25.17 -21.75 30.80
CA ASP A 630 26.05 -22.71 31.44
C ASP A 630 27.29 -21.96 31.94
N PRO A 631 27.41 -21.80 33.27
CA PRO A 631 28.50 -21.04 33.91
C PRO A 631 29.86 -21.43 33.37
N GLU A 632 29.95 -22.63 32.79
CA GLU A 632 31.21 -23.22 32.36
C GLU A 632 31.65 -22.68 31.01
N ILE A 633 30.71 -22.10 30.28
CA ILE A 633 30.99 -21.56 28.97
C ILE A 633 30.57 -20.13 28.82
N GLU A 634 31.46 -19.29 28.33
CA GLU A 634 31.15 -17.88 28.12
C GLU A 634 30.31 -17.69 26.87
N ARG A 635 29.54 -16.63 26.83
CA ARG A 635 28.62 -16.52 25.74
C ARG A 635 29.34 -16.71 24.46
N VAL A 636 28.78 -17.55 23.62
CA VAL A 636 29.31 -17.82 22.31
C VAL A 636 28.81 -16.77 21.36
N LYS A 637 29.62 -16.42 20.38
CA LYS A 637 29.27 -15.42 19.40
C LYS A 637 29.55 -15.98 18.02
N LEU A 638 28.83 -15.45 17.03
CA LEU A 638 29.02 -15.89 15.66
C LEU A 638 30.08 -15.00 15.01
N SER A 639 30.41 -15.27 13.76
CA SER A 639 31.39 -14.45 13.05
C SER A 639 31.05 -12.98 13.13
N SER A 640 29.76 -12.67 13.07
CA SER A 640 29.29 -11.29 13.11
C SER A 640 29.57 -10.66 14.48
N GLY A 641 29.88 -11.50 15.46
CA GLY A 641 30.13 -11.03 16.80
C GLY A 641 28.85 -10.91 17.61
N LYS A 642 27.75 -11.36 17.02
CA LYS A 642 26.48 -11.41 17.73
C LYS A 642 26.34 -12.74 18.47
N PRO A 643 25.53 -12.75 19.54
CA PRO A 643 25.39 -13.96 20.36
C PRO A 643 24.77 -15.12 19.58
N LEU A 644 25.32 -16.31 19.74
CA LEU A 644 24.79 -17.47 19.08
C LEU A 644 23.39 -17.73 19.57
N VAL A 645 23.19 -17.57 20.87
CA VAL A 645 21.90 -17.71 21.44
C VAL A 645 21.37 -16.34 21.75
N PRO A 646 20.27 -15.98 21.15
CA PRO A 646 19.67 -14.69 21.36
C PRO A 646 18.95 -14.61 22.68
N ASP A 647 18.89 -13.44 23.24
CA ASP A 647 18.26 -13.24 24.52
C ASP A 647 16.78 -13.53 24.63
N TYR A 648 16.02 -13.24 23.59
CA TYR A 648 14.59 -13.41 23.65
C TYR A 648 14.25 -14.86 23.86
N ALA A 649 15.01 -15.72 23.23
CA ALA A 649 14.86 -17.17 23.35
C ALA A 649 14.95 -17.59 24.80
N MET A 650 15.81 -16.92 25.57
CA MET A 650 16.04 -17.27 26.97
C MET A 650 14.86 -16.89 27.86
N SER A 651 14.08 -15.90 27.43
CA SER A 651 12.97 -15.43 28.25
C SER A 651 11.61 -15.86 27.71
N PHE A 652 11.60 -16.40 26.49
CA PHE A 652 10.36 -16.82 25.87
C PHE A 652 9.65 -17.87 26.72
N ILE A 653 8.38 -17.62 27.02
CA ILE A 653 7.60 -18.51 27.88
C ILE A 653 8.29 -18.75 29.22
N LYS A 654 8.83 -17.67 29.79
CA LYS A 654 9.45 -17.74 31.11
C LYS A 654 10.66 -18.66 31.13
N GLY A 655 11.25 -18.90 29.96
CA GLY A 655 12.43 -19.74 29.85
C GLY A 655 12.13 -21.23 29.85
N LYS A 656 10.87 -21.57 29.60
CA LYS A 656 10.47 -22.97 29.58
C LYS A 656 10.13 -23.47 28.17
N SER A 657 10.25 -22.59 27.18
CA SER A 657 9.85 -22.93 25.82
C SER A 657 10.87 -23.76 25.06
N LEU A 658 10.36 -24.71 24.27
CA LEU A 658 11.19 -25.57 23.45
C LEU A 658 11.06 -25.19 21.98
N LYS A 659 10.40 -24.06 21.72
CA LYS A 659 10.08 -23.67 20.36
C LYS A 659 11.17 -22.95 19.57
N PRO A 660 11.88 -21.98 20.18
CA PRO A 660 12.86 -21.20 19.43
C PRO A 660 13.86 -22.06 18.67
N PHE A 661 13.92 -21.87 17.36
CA PHE A 661 14.83 -22.64 16.51
C PHE A 661 14.58 -24.13 16.62
N GLY A 662 13.32 -24.50 16.83
CA GLY A 662 12.94 -25.89 16.93
C GLY A 662 12.91 -26.55 15.56
N ARG A 663 13.34 -27.80 15.50
CA ARG A 663 13.32 -28.55 14.26
C ARG A 663 12.10 -29.48 14.24
N LEU A 664 11.38 -29.48 13.12
CA LEU A 664 10.28 -30.41 12.95
C LEU A 664 10.82 -31.81 12.67
N TRP A 665 9.97 -32.81 12.84
CA TRP A 665 10.32 -34.17 12.46
C TRP A 665 9.19 -34.78 11.63
N TRP A 666 9.54 -35.79 10.82
CA TRP A 666 8.57 -36.43 9.94
C TRP A 666 7.38 -36.94 10.73
N ASP A 667 7.65 -37.36 11.97
CA ASP A 667 6.65 -37.88 12.89
C ASP A 667 5.52 -36.90 13.14
N GLU A 668 5.80 -35.62 12.98
CA GLU A 668 5.01 -34.58 13.62
C GLU A 668 4.00 -33.91 12.71
N THR A 669 3.21 -33.01 13.31
CA THR A 669 2.27 -32.21 12.57
C THR A 669 2.53 -30.75 12.92
N VAL A 670 2.06 -29.86 12.07
CA VAL A 670 2.11 -28.44 12.37
C VAL A 670 0.70 -27.96 12.70
N PRO A 671 0.39 -27.83 13.99
CA PRO A 671 -0.97 -27.50 14.45
C PRO A 671 -1.61 -26.38 13.64
N THR A 672 -0.85 -25.33 13.35
CA THR A 672 -1.35 -24.24 12.51
C THR A 672 -0.24 -23.62 11.67
N VAL A 673 -0.34 -23.79 10.35
CA VAL A 673 0.56 -23.08 9.44
C VAL A 673 0.26 -21.60 9.55
N VAL A 674 1.29 -20.81 9.82
CA VAL A 674 1.11 -19.37 10.02
C VAL A 674 1.79 -18.54 8.93
N THR A 675 1.55 -17.23 8.96
CA THR A 675 2.03 -16.34 7.90
C THR A 675 3.52 -16.04 7.95
N ARG A 676 4.09 -16.06 9.15
CA ARG A 676 5.52 -15.80 9.31
C ARG A 676 6.35 -17.07 9.37
N ALA A 677 7.53 -17.03 8.76
CA ALA A 677 8.36 -18.23 8.62
C ALA A 677 9.63 -18.20 9.46
N GLU A 678 9.81 -17.15 10.26
CA GLU A 678 11.01 -17.05 11.09
C GLU A 678 11.08 -18.16 12.12
N PRO A 679 12.29 -18.69 12.35
CA PRO A 679 12.59 -19.74 13.32
C PRO A 679 12.70 -19.24 14.76
N HIS A 680 12.41 -17.96 15.00
CA HIS A 680 12.65 -17.35 16.31
C HIS A 680 11.77 -17.90 17.44
N ASN A 681 10.49 -18.03 17.18
CA ASN A 681 9.56 -18.52 18.17
C ASN A 681 8.75 -19.72 17.75
N GLN A 682 9.20 -20.44 16.75
CA GLN A 682 8.43 -21.58 16.31
C GLN A 682 9.25 -22.72 15.79
N VAL A 683 8.67 -23.90 15.83
CA VAL A 683 9.34 -25.05 15.30
C VAL A 683 8.99 -25.06 13.84
N ILE A 684 9.89 -24.56 13.02
CA ILE A 684 9.65 -24.50 11.60
C ILE A 684 10.83 -24.94 10.78
N ILE A 685 11.89 -25.37 11.43
CA ILE A 685 13.06 -25.83 10.69
C ILE A 685 12.79 -27.17 10.07
N HIS A 686 13.25 -27.35 8.85
CA HIS A 686 13.07 -28.62 8.14
C HIS A 686 13.75 -29.76 8.90
N PRO A 687 13.15 -30.96 8.86
CA PRO A 687 13.68 -32.13 9.56
C PRO A 687 15.17 -32.39 9.29
N THR A 688 15.59 -32.38 8.03
CA THR A 688 16.97 -32.76 7.71
C THR A 688 17.82 -31.65 7.08
N GLN A 689 17.17 -30.65 6.47
CA GLN A 689 17.91 -29.62 5.76
C GLN A 689 18.14 -28.37 6.59
N ALA A 690 19.32 -27.79 6.48
CA ALA A 690 19.69 -26.61 7.23
C ALA A 690 18.90 -25.42 6.71
N ARG A 691 17.60 -25.41 7.01
CA ARG A 691 16.74 -24.34 6.52
C ARG A 691 15.36 -24.42 7.14
N VAL A 692 14.60 -23.34 6.95
CA VAL A 692 13.21 -23.27 7.36
C VAL A 692 12.34 -23.92 6.27
N LEU A 693 11.15 -24.37 6.64
CA LEU A 693 10.23 -24.96 5.67
C LEU A 693 10.03 -24.03 4.48
N THR A 694 10.03 -24.58 3.27
CA THR A 694 9.83 -23.74 2.08
C THR A 694 8.36 -23.37 1.91
N ILE A 695 8.12 -22.36 1.09
CA ILE A 695 6.75 -21.90 0.81
C ILE A 695 5.86 -23.03 0.34
N ARG A 696 6.34 -23.79 -0.64
CA ARG A 696 5.56 -24.88 -1.22
C ARG A 696 5.19 -25.91 -0.16
N GLU A 697 6.12 -26.18 0.75
CA GLU A 697 5.88 -27.14 1.82
C GLU A 697 4.75 -26.66 2.74
N ASN A 698 4.79 -25.38 3.09
CA ASN A 698 3.67 -24.77 3.81
C ASN A 698 2.39 -24.87 3.00
N ALA A 699 2.51 -24.65 1.69
CA ALA A 699 1.37 -24.76 0.78
C ALA A 699 0.74 -26.15 0.85
N ARG A 700 1.57 -27.18 0.76
CA ARG A 700 1.08 -28.56 0.82
C ARG A 700 0.40 -28.85 2.16
N LEU A 701 1.03 -28.40 3.24
CA LEU A 701 0.45 -28.51 4.57
C LEU A 701 -0.94 -27.88 4.60
N GLN A 702 -1.14 -26.90 3.73
CA GLN A 702 -2.39 -26.15 3.67
C GLN A 702 -3.32 -26.74 2.60
N GLY A 703 -2.84 -27.78 1.92
CA GLY A 703 -3.66 -28.50 0.98
C GLY A 703 -3.74 -27.93 -0.43
N PHE A 704 -2.91 -26.92 -0.72
CA PHE A 704 -2.85 -26.36 -2.06
C PHE A 704 -2.36 -27.39 -3.06
N PRO A 705 -3.06 -27.51 -4.20
CA PRO A 705 -2.52 -28.34 -5.29
C PRO A 705 -1.15 -27.80 -5.68
N ASP A 706 -0.25 -28.68 -6.10
CA ASP A 706 1.11 -28.25 -6.44
C ASP A 706 1.15 -27.26 -7.60
N TYR A 707 0.10 -27.24 -8.41
CA TYR A 707 0.07 -26.38 -9.59
C TYR A 707 -0.28 -24.93 -9.26
N TYR A 708 -0.75 -24.67 -8.04
CA TYR A 708 -1.21 -23.34 -7.67
C TYR A 708 -0.05 -22.40 -7.39
N ARG A 709 0.19 -21.48 -8.33
CA ARG A 709 1.40 -20.66 -8.29
C ARG A 709 1.23 -19.36 -7.51
N LEU A 710 2.24 -19.04 -6.70
CA LEU A 710 2.22 -17.84 -5.87
C LEU A 710 3.18 -16.79 -6.39
N PHE A 711 2.81 -15.53 -6.23
CA PHE A 711 3.65 -14.42 -6.68
C PHE A 711 3.88 -13.38 -5.60
N GLY A 712 4.96 -12.61 -5.76
CA GLY A 712 5.34 -11.61 -4.79
C GLY A 712 6.61 -12.01 -4.07
N PRO A 713 7.18 -11.07 -3.29
CA PRO A 713 8.35 -11.42 -2.47
C PRO A 713 8.03 -12.62 -1.59
N ILE A 714 9.06 -13.37 -1.21
CA ILE A 714 8.88 -14.59 -0.44
C ILE A 714 8.00 -14.39 0.80
N LYS A 715 8.34 -13.40 1.61
CA LYS A 715 7.54 -13.10 2.80
C LYS A 715 6.06 -12.95 2.48
N GLU A 716 5.76 -12.36 1.33
CA GLU A 716 4.37 -12.17 0.91
C GLU A 716 3.74 -13.49 0.50
N LYS A 717 4.55 -14.39 -0.06
CA LYS A 717 4.07 -15.71 -0.43
C LYS A 717 3.71 -16.53 0.80
N TYR A 718 4.53 -16.44 1.84
CA TYR A 718 4.24 -17.09 3.10
C TYR A 718 2.95 -16.55 3.69
N ILE A 719 2.80 -15.22 3.65
CA ILE A 719 1.59 -14.57 4.15
C ILE A 719 0.35 -15.12 3.45
N GLN A 720 0.45 -15.25 2.12
CA GLN A 720 -0.66 -15.79 1.33
C GLN A 720 -1.06 -17.20 1.80
N VAL A 721 -0.09 -18.11 1.83
CA VAL A 721 -0.34 -19.47 2.27
C VAL A 721 -0.90 -19.50 3.69
N GLY A 722 -0.27 -18.74 4.58
CA GLY A 722 -0.65 -18.72 5.99
C GLY A 722 -2.04 -18.20 6.25
N ASN A 723 -2.50 -17.27 5.42
CA ASN A 723 -3.84 -16.70 5.56
C ASN A 723 -4.93 -17.65 5.10
N ALA A 724 -4.58 -18.48 4.12
CA ALA A 724 -5.55 -19.25 3.35
C ALA A 724 -6.45 -20.17 4.17
N VAL A 725 -7.64 -20.43 3.64
CA VAL A 725 -8.49 -21.50 4.11
C VAL A 725 -7.96 -22.79 3.50
N ALA A 726 -7.69 -23.79 4.34
CA ALA A 726 -7.19 -25.07 3.85
C ALA A 726 -8.05 -25.54 2.68
N VAL A 727 -7.42 -25.83 1.55
CA VAL A 727 -8.16 -26.18 0.35
C VAL A 727 -9.10 -27.37 0.51
N PRO A 728 -8.59 -28.50 1.06
CA PRO A 728 -9.47 -29.66 1.23
C PRO A 728 -10.71 -29.32 2.07
N VAL A 729 -10.58 -28.42 3.02
CA VAL A 729 -11.73 -27.99 3.80
C VAL A 729 -12.71 -27.28 2.87
N ALA A 730 -12.21 -26.32 2.11
CA ALA A 730 -13.03 -25.58 1.16
C ALA A 730 -13.65 -26.49 0.11
N ARG A 731 -12.93 -27.55 -0.25
CA ARG A 731 -13.39 -28.49 -1.26
C ARG A 731 -14.55 -29.32 -0.74
N ALA A 732 -14.44 -29.77 0.51
CA ALA A 732 -15.51 -30.50 1.16
C ALA A 732 -16.76 -29.62 1.23
N LEU A 733 -16.57 -28.39 1.71
CA LEU A 733 -17.64 -27.42 1.75
C LEU A 733 -18.21 -27.20 0.35
N GLY A 734 -17.31 -27.14 -0.63
CA GLY A 734 -17.71 -26.99 -2.02
C GLY A 734 -18.71 -28.05 -2.43
N TYR A 735 -18.41 -29.30 -2.07
CA TYR A 735 -19.29 -30.40 -2.40
C TYR A 735 -20.67 -30.18 -1.82
N CYS A 736 -20.73 -29.94 -0.51
CA CYS A 736 -22.00 -29.70 0.16
C CYS A 736 -22.77 -28.56 -0.51
N LEU A 737 -22.06 -27.51 -0.89
CA LEU A 737 -22.67 -26.39 -1.60
C LEU A 737 -23.28 -26.86 -2.90
N GLY A 738 -22.50 -27.61 -3.69
CA GLY A 738 -22.97 -28.13 -4.96
C GLY A 738 -24.28 -28.88 -4.86
N GLN A 739 -24.36 -29.79 -3.89
CA GLN A 739 -25.52 -30.63 -3.66
C GLN A 739 -26.75 -29.80 -3.30
N ALA A 740 -26.62 -28.96 -2.28
CA ALA A 740 -27.70 -28.09 -1.83
C ALA A 740 -28.17 -27.24 -3.02
N TYR A 741 -27.20 -26.70 -3.75
CA TYR A 741 -27.49 -25.83 -4.89
C TYR A 741 -28.27 -26.55 -5.98
N LEU A 742 -27.94 -27.81 -6.19
CA LEU A 742 -28.57 -28.60 -7.26
C LEU A 742 -29.86 -29.27 -6.80
N GLY A 743 -30.21 -29.09 -5.53
CA GLY A 743 -31.41 -29.69 -4.98
C GLY A 743 -31.25 -31.20 -4.81
N GLU A 744 -30.01 -31.66 -4.87
CA GLU A 744 -29.72 -33.08 -4.68
C GLU A 744 -29.39 -33.38 -3.21
N SER A 745 -29.81 -32.48 -2.33
CA SER A 745 -29.62 -32.67 -0.89
C SER A 745 -30.71 -33.57 -0.31
N GLU A 746 -30.49 -34.05 0.91
CA GLU A 746 -31.43 -34.91 1.59
C GLU A 746 -31.98 -34.15 2.82
N GLY A 747 -32.95 -34.75 3.50
CA GLY A 747 -33.48 -34.23 4.74
C GLY A 747 -32.49 -33.64 5.73
N SER A 748 -33.02 -33.23 6.87
CA SER A 748 -32.50 -32.08 7.61
C SER A 748 -31.36 -32.33 8.61
N ASP A 749 -30.61 -33.40 8.42
CA ASP A 749 -29.44 -33.61 9.26
C ASP A 749 -28.38 -32.56 8.96
N PRO A 750 -27.87 -31.88 10.01
CA PRO A 750 -26.84 -30.86 9.89
C PRO A 750 -25.58 -31.36 9.20
N LEU A 751 -25.26 -32.63 9.41
CA LEU A 751 -24.01 -33.18 8.92
C LEU A 751 -24.19 -34.11 7.72
N TYR A 752 -23.18 -34.15 6.87
CA TYR A 752 -23.22 -34.97 5.66
C TYR A 752 -21.93 -35.75 5.52
N GLN A 753 -22.04 -37.05 5.29
CA GLN A 753 -20.87 -37.87 5.04
C GLN A 753 -20.50 -37.86 3.56
N LEU A 754 -19.34 -37.30 3.25
CA LEU A 754 -18.85 -37.29 1.88
C LEU A 754 -18.83 -38.71 1.34
N PRO A 755 -19.05 -38.85 0.05
CA PRO A 755 -19.05 -40.16 -0.54
C PRO A 755 -17.65 -40.65 -0.87
N PRO A 756 -17.58 -41.90 -1.23
CA PRO A 756 -16.34 -42.59 -1.53
C PRO A 756 -15.68 -41.90 -2.70
N SER A 757 -16.49 -41.45 -3.64
CA SER A 757 -15.97 -40.81 -4.82
C SER A 757 -15.15 -39.61 -4.39
N PHE A 758 -15.61 -38.89 -3.38
CA PHE A 758 -14.87 -37.74 -2.92
C PHE A 758 -13.81 -38.42 -2.16
N THR A 759 -13.31 -37.74 -1.16
CA THR A 759 -12.25 -38.27 -0.35
C THR A 759 -11.24 -38.60 -1.40
N SER A 760 -10.68 -39.79 -1.41
CA SER A 760 -9.64 -40.01 -2.37
C SER A 760 -10.00 -41.07 -3.40
N VAL A 761 -9.41 -40.92 -4.58
CA VAL A 761 -9.57 -41.88 -5.64
C VAL A 761 -10.63 -42.88 -5.24
N HIS B 5 7.21 75.23 -13.94
CA HIS B 5 8.57 74.83 -13.60
C HIS B 5 9.05 73.67 -14.48
N GLU B 6 10.26 73.82 -15.01
CA GLU B 6 10.87 72.82 -15.89
C GLU B 6 12.04 72.17 -15.16
N PRO B 7 12.20 70.84 -15.31
CA PRO B 7 13.26 70.14 -14.58
C PRO B 7 14.66 70.64 -14.92
N GLU B 8 15.47 70.89 -13.90
CA GLU B 8 16.78 71.50 -14.08
C GLU B 8 17.81 70.90 -13.10
N PHE B 9 19.07 70.82 -13.53
CA PHE B 9 20.14 70.36 -12.66
C PHE B 9 20.54 71.43 -11.65
N ILE B 10 21.11 71.03 -10.53
CA ILE B 10 21.46 71.95 -9.46
C ILE B 10 22.92 71.85 -9.06
N GLY B 11 23.51 72.98 -8.74
CA GLY B 11 24.88 73.03 -8.30
C GLY B 11 25.79 72.99 -9.48
N SER B 12 27.07 72.93 -9.23
CA SER B 12 28.02 72.85 -10.31
C SER B 12 28.16 71.43 -10.79
N PRO B 13 28.77 71.26 -11.94
CA PRO B 13 29.02 69.94 -12.49
C PRO B 13 30.07 69.27 -11.64
N VAL B 14 30.08 67.94 -11.62
CA VAL B 14 31.11 67.25 -10.89
C VAL B 14 32.36 67.44 -11.72
N ALA B 15 33.52 67.48 -11.08
CA ALA B 15 34.72 67.74 -11.81
C ALA B 15 34.84 66.71 -12.88
N ALA B 16 35.22 67.14 -14.07
CA ALA B 16 35.25 66.26 -15.21
C ALA B 16 36.21 65.10 -15.11
N ASP B 17 37.39 65.35 -14.61
CA ASP B 17 38.40 64.33 -14.57
C ASP B 17 37.90 63.21 -13.72
N GLU B 18 37.22 63.61 -12.67
CA GLU B 18 36.70 62.70 -11.67
C GLU B 18 35.44 62.04 -12.18
N ALA B 19 34.62 62.78 -12.94
CA ALA B 19 33.41 62.23 -13.54
C ALA B 19 33.76 61.24 -14.65
N ARG B 20 34.93 61.43 -15.26
CA ARG B 20 35.44 60.46 -16.22
C ARG B 20 35.75 59.16 -15.51
N SER B 21 36.14 59.27 -14.24
CA SER B 21 36.47 58.10 -13.43
C SER B 21 35.22 57.34 -12.97
N ASN B 22 34.26 58.08 -12.42
CA ASN B 22 33.06 57.45 -11.87
C ASN B 22 32.16 56.82 -12.93
N TRP B 23 31.99 57.51 -14.06
CA TRP B 23 31.14 56.99 -15.13
C TRP B 23 31.84 57.04 -16.48
N PRO B 24 32.86 56.18 -16.66
CA PRO B 24 33.72 56.13 -17.85
C PRO B 24 32.98 55.77 -19.13
N LYS B 25 31.88 55.03 -19.00
CA LYS B 25 31.10 54.60 -20.15
C LYS B 25 30.36 55.77 -20.79
N ARG B 26 30.24 56.86 -20.06
CA ARG B 26 29.54 58.04 -20.55
C ARG B 26 30.45 58.93 -21.41
N TYR B 27 31.76 58.72 -21.28
CA TYR B 27 32.73 59.53 -22.02
C TYR B 27 33.64 58.66 -22.89
N GLU B 41 22.97 53.43 -25.15
CA GLU B 41 24.38 53.84 -25.11
C GLU B 41 24.52 55.36 -25.03
N LEU B 42 23.78 55.94 -24.09
CA LEU B 42 23.75 57.38 -23.90
C LEU B 42 25.09 57.92 -23.43
N LYS B 43 25.52 59.01 -24.07
CA LYS B 43 26.77 59.66 -23.70
C LYS B 43 26.50 60.99 -23.00
N ALA B 44 27.29 61.26 -21.96
CA ALA B 44 27.08 62.45 -21.15
C ALA B 44 28.01 63.60 -21.51
N ARG B 45 27.44 64.78 -21.71
CA ARG B 45 28.21 65.99 -21.85
C ARG B 45 28.73 66.41 -20.48
N CYS B 46 27.88 66.22 -19.47
CA CYS B 46 28.10 66.82 -18.16
C CYS B 46 27.42 66.02 -17.05
N HIS B 47 28.05 65.99 -15.88
CA HIS B 47 27.48 65.32 -14.73
C HIS B 47 27.20 66.28 -13.57
N TYR B 48 26.05 66.07 -12.92
CA TYR B 48 25.65 66.89 -11.78
C TYR B 48 25.34 66.01 -10.59
N ARG B 49 25.24 66.61 -9.40
CA ARG B 49 24.98 65.86 -8.18
C ARG B 49 23.56 66.04 -7.67
N SER B 50 22.86 67.04 -8.20
CA SER B 50 21.49 67.32 -7.80
C SER B 50 20.62 67.75 -8.97
N ALA B 51 19.32 67.52 -8.86
CA ALA B 51 18.37 67.96 -9.86
C ALA B 51 17.08 68.43 -9.18
N LYS B 52 16.42 69.41 -9.77
CA LYS B 52 15.12 69.87 -9.27
C LYS B 52 14.00 69.57 -10.24
N VAL B 53 13.06 68.74 -9.79
CA VAL B 53 11.89 68.40 -10.56
C VAL B 53 10.67 68.72 -9.71
N ASP B 54 9.77 69.53 -10.26
CA ASP B 54 8.56 69.92 -9.53
C ASP B 54 8.88 70.39 -8.11
N ASN B 55 9.67 71.45 -8.01
CA ASN B 55 9.93 72.11 -6.73
C ASN B 55 10.41 71.19 -5.60
N VAL B 56 10.93 70.03 -5.95
CA VAL B 56 11.61 69.18 -4.98
C VAL B 56 13.00 68.85 -5.53
N VAL B 57 14.00 68.87 -4.64
CA VAL B 57 15.37 68.61 -5.06
C VAL B 57 15.80 67.17 -4.75
N TYR B 58 16.52 66.57 -5.69
CA TYR B 58 16.98 65.19 -5.53
C TYR B 58 18.50 65.14 -5.58
N CYS B 59 19.08 64.21 -4.83
CA CYS B 59 20.53 64.02 -4.82
C CYS B 59 20.87 62.58 -5.19
N LEU B 60 22.13 62.35 -5.55
CA LEU B 60 22.59 60.99 -5.80
C LEU B 60 22.29 60.14 -4.57
N GLY B 61 21.81 58.93 -4.81
CA GLY B 61 21.55 58.01 -3.72
C GLY B 61 20.12 58.08 -3.18
N ASP B 62 19.38 59.11 -3.60
CA ASP B 62 17.98 59.23 -3.21
C ASP B 62 17.16 58.12 -3.84
N ASP B 63 16.22 57.58 -3.07
CA ASP B 63 15.27 56.62 -3.61
C ASP B 63 14.01 57.37 -4.03
N VAL B 64 13.51 57.07 -5.21
CA VAL B 64 12.39 57.82 -5.76
C VAL B 64 11.41 56.93 -6.51
N TYR B 65 10.16 57.37 -6.57
CA TYR B 65 9.17 56.76 -7.44
C TYR B 65 9.37 57.32 -8.83
N VAL B 66 9.24 56.46 -9.83
CA VAL B 66 9.34 56.90 -11.22
C VAL B 66 8.04 56.59 -11.92
N LYS B 67 7.57 57.50 -12.77
CA LYS B 67 6.31 57.30 -13.48
C LYS B 67 6.26 56.00 -14.27
N ALA B 68 5.20 55.24 -14.06
CA ALA B 68 5.06 53.94 -14.68
C ALA B 68 4.23 54.04 -15.94
N GLY B 69 3.50 55.14 -16.07
CA GLY B 69 2.52 55.26 -17.12
C GLY B 69 1.27 54.52 -16.72
N GLU B 70 0.29 54.48 -17.62
CA GLU B 70 -1.01 53.90 -17.34
C GLU B 70 -0.94 52.46 -16.86
N ASN B 71 -1.92 52.08 -16.03
CA ASN B 71 -2.08 50.69 -15.60
C ASN B 71 -0.83 50.06 -15.02
N GLU B 72 -0.07 50.84 -14.27
CA GLU B 72 1.18 50.34 -13.68
C GLU B 72 1.45 51.00 -12.32
N ALA B 73 2.10 50.26 -11.44
CA ALA B 73 2.54 50.81 -10.18
C ALA B 73 3.81 51.62 -10.42
N ASP B 74 3.94 52.73 -9.72
CA ASP B 74 5.13 53.56 -9.85
C ASP B 74 6.37 52.71 -9.59
N TYR B 75 7.37 52.85 -10.46
CA TYR B 75 8.62 52.12 -10.29
C TYR B 75 9.36 52.68 -9.07
N ILE B 76 10.25 51.87 -8.50
CA ILE B 76 11.08 52.34 -7.39
C ILE B 76 12.56 52.26 -7.79
N GLY B 77 13.26 53.37 -7.66
CA GLY B 77 14.66 53.41 -8.07
C GLY B 77 15.58 54.24 -7.20
N ARG B 78 16.86 53.88 -7.20
CA ARG B 78 17.88 54.63 -6.49
C ARG B 78 18.78 55.35 -7.48
N ILE B 79 18.90 56.66 -7.31
CA ILE B 79 19.64 57.50 -8.24
C ILE B 79 21.15 57.28 -8.15
N THR B 80 21.75 56.88 -9.28
CA THR B 80 23.19 56.69 -9.36
C THR B 80 23.86 57.77 -10.22
N GLU B 81 23.08 58.39 -11.10
CA GLU B 81 23.63 59.38 -12.02
C GLU B 81 22.70 60.58 -12.28
N PHE B 82 23.30 61.75 -12.37
CA PHE B 82 22.64 62.95 -12.85
C PHE B 82 23.49 63.53 -13.95
N PHE B 83 22.97 63.58 -15.18
CA PHE B 83 23.78 64.06 -16.28
C PHE B 83 23.01 64.71 -17.44
N GLU B 84 23.64 65.67 -18.10
CA GLU B 84 23.11 66.25 -19.32
C GLU B 84 23.61 65.44 -20.49
N GLY B 85 22.69 64.93 -21.31
CA GLY B 85 23.04 64.09 -22.43
C GLY B 85 23.74 64.81 -23.56
N THR B 86 24.46 64.06 -24.38
CA THR B 86 25.08 64.59 -25.58
C THR B 86 24.02 65.22 -26.47
N ASP B 87 22.77 64.80 -26.29
CA ASP B 87 21.65 65.33 -27.05
C ASP B 87 21.07 66.57 -26.40
N GLN B 88 21.74 67.06 -25.36
CA GLN B 88 21.31 68.25 -24.63
C GLN B 88 20.02 68.02 -23.85
N CYS B 89 19.77 66.77 -23.48
CA CYS B 89 18.61 66.46 -22.64
C CYS B 89 19.05 66.16 -21.21
N HIS B 90 18.11 66.32 -20.28
CA HIS B 90 18.38 66.08 -18.87
C HIS B 90 18.03 64.65 -18.51
N TYR B 91 19.05 63.85 -18.25
CA TYR B 91 18.85 62.45 -17.89
C TYR B 91 19.25 62.17 -16.46
N PHE B 92 18.63 61.15 -15.88
CA PHE B 92 19.10 60.60 -14.62
C PHE B 92 19.22 59.09 -14.77
N THR B 93 20.11 58.48 -13.99
CA THR B 93 20.30 57.04 -14.03
C THR B 93 19.98 56.46 -12.66
N CYS B 94 19.18 55.41 -12.65
CA CYS B 94 18.84 54.76 -11.38
C CYS B 94 18.85 53.25 -11.53
N ARG B 95 19.14 52.55 -10.43
CA ARG B 95 18.96 51.11 -10.41
C ARG B 95 17.66 50.74 -9.70
N TRP B 96 16.97 49.75 -10.25
CA TRP B 96 15.60 49.46 -9.86
C TRP B 96 15.46 48.60 -8.61
N PHE B 97 14.46 48.93 -7.80
CA PHE B 97 13.99 48.05 -6.76
C PHE B 97 12.89 47.19 -7.35
N PHE B 98 12.93 45.89 -7.07
CA PHE B 98 11.87 44.99 -7.51
C PHE B 98 10.84 44.81 -6.40
N ARG B 99 9.57 44.99 -6.75
CA ARG B 99 8.51 44.52 -5.88
C ARG B 99 8.50 43.00 -6.04
N ALA B 100 7.92 42.30 -5.06
CA ALA B 100 7.80 40.85 -5.18
C ALA B 100 7.13 40.50 -6.50
N GLU B 101 6.06 41.23 -6.81
CA GLU B 101 5.32 41.04 -8.06
C GLU B 101 6.24 41.13 -9.27
N ASP B 102 7.24 42.00 -9.18
CA ASP B 102 8.11 42.31 -10.32
C ASP B 102 9.06 41.17 -10.68
N THR B 103 9.32 40.29 -9.73
CA THR B 103 10.31 39.24 -9.92
C THR B 103 9.80 38.06 -10.73
N VAL B 104 10.62 37.02 -10.83
CA VAL B 104 10.26 35.82 -11.57
C VAL B 104 8.99 35.21 -10.98
N ILE B 105 8.74 35.49 -9.70
CA ILE B 105 7.50 35.06 -9.09
C ILE B 105 6.43 36.10 -9.42
N ASN B 106 6.03 36.10 -10.69
CA ASN B 106 4.90 36.89 -11.18
C ASN B 106 3.62 36.29 -10.63
N SER B 107 2.66 37.14 -10.29
CA SER B 107 1.51 36.67 -9.53
C SER B 107 2.16 35.91 -8.36
N LEU B 108 1.48 34.88 -7.85
CA LEU B 108 2.10 34.03 -6.84
C LEU B 108 2.51 34.82 -5.60
N VAL B 109 2.30 36.14 -5.63
CA VAL B 109 2.57 36.98 -4.47
C VAL B 109 1.46 36.76 -3.44
N SER B 110 0.31 36.31 -3.92
CA SER B 110 -0.85 36.11 -3.06
C SER B 110 -0.70 34.93 -2.11
N ILE B 111 0.10 33.95 -2.49
CA ILE B 111 0.26 32.74 -1.69
C ILE B 111 0.66 33.05 -0.25
N SER B 112 0.21 32.21 0.66
CA SER B 112 0.61 32.29 2.06
C SER B 112 0.99 30.89 2.54
N VAL B 113 2.13 30.78 3.22
CA VAL B 113 2.56 29.49 3.75
C VAL B 113 2.72 29.56 5.26
N ASP B 114 1.82 28.87 5.97
CA ASP B 114 1.83 28.88 7.42
C ASP B 114 1.75 30.30 7.97
N GLY B 115 0.92 31.13 7.35
CA GLY B 115 0.70 32.48 7.81
C GLY B 115 1.71 33.48 7.28
N HIS B 116 2.80 32.99 6.69
CA HIS B 116 3.81 33.85 6.10
C HIS B 116 3.32 34.44 4.79
N LYS B 117 3.39 35.77 4.68
CA LYS B 117 3.01 36.44 3.44
C LYS B 117 4.13 37.35 2.96
N HIS B 118 4.00 37.83 1.72
CA HIS B 118 4.90 38.84 1.20
C HIS B 118 4.42 40.20 1.68
N ASP B 119 5.31 40.94 2.34
CA ASP B 119 4.98 42.28 2.79
C ASP B 119 5.14 43.25 1.63
N PRO B 120 4.09 44.03 1.34
CA PRO B 120 4.15 45.07 0.31
C PRO B 120 5.27 46.07 0.57
N ARG B 121 5.52 46.36 1.84
CA ARG B 121 6.54 47.33 2.21
C ARG B 121 7.94 46.77 2.00
N ARG B 122 8.03 45.49 1.65
CA ARG B 122 9.31 44.84 1.45
C ARG B 122 9.68 44.72 -0.03
N VAL B 123 10.85 45.25 -0.38
CA VAL B 123 11.33 45.23 -1.75
C VAL B 123 12.76 44.69 -1.82
N PHE B 124 13.30 44.59 -3.04
CA PHE B 124 14.62 44.00 -3.23
C PHE B 124 15.49 44.88 -4.13
N LEU B 125 16.73 45.12 -3.71
CA LEU B 125 17.64 45.98 -4.44
C LEU B 125 18.42 45.22 -5.50
N SER B 126 18.31 45.67 -6.75
CA SER B 126 18.99 45.00 -7.85
C SER B 126 20.06 45.88 -8.49
N GLU B 127 20.71 45.35 -9.52
CA GLU B 127 21.74 46.07 -10.25
C GLU B 127 21.27 46.41 -11.65
N GLU B 128 19.98 46.20 -11.90
CA GLU B 128 19.37 46.60 -13.17
C GLU B 128 19.20 48.11 -13.17
N LYS B 129 19.78 48.76 -14.18
CA LYS B 129 19.75 50.22 -14.26
C LYS B 129 19.14 50.72 -15.55
N ASN B 130 18.67 51.97 -15.54
CA ASN B 130 18.18 52.61 -16.74
C ASN B 130 18.40 54.11 -16.74
N ASP B 131 18.11 54.73 -17.88
CA ASP B 131 18.23 56.18 -18.02
C ASP B 131 16.89 56.75 -18.45
N ASN B 132 16.48 57.82 -17.79
CA ASN B 132 15.25 58.51 -18.17
C ASN B 132 15.35 60.00 -17.94
N VAL B 133 14.50 60.75 -18.62
CA VAL B 133 14.45 62.19 -18.46
C VAL B 133 14.05 62.52 -17.02
N LEU B 134 14.56 63.63 -16.49
CA LEU B 134 14.29 64.02 -15.12
C LEU B 134 12.78 64.08 -14.83
N ASP B 135 11.98 64.28 -15.87
CA ASP B 135 10.54 64.46 -15.73
C ASP B 135 9.84 63.19 -15.20
N CYS B 136 10.47 62.04 -15.39
CA CYS B 136 9.89 60.78 -14.96
C CYS B 136 9.76 60.71 -13.43
N ILE B 137 10.78 61.19 -12.74
CA ILE B 137 10.77 61.22 -11.28
C ILE B 137 9.47 61.82 -10.75
N ILE B 138 8.90 61.17 -9.74
CA ILE B 138 7.61 61.60 -9.18
C ILE B 138 7.77 62.21 -7.79
N SER B 139 8.37 61.45 -6.89
CA SER B 139 8.53 61.89 -5.51
C SER B 139 9.63 61.12 -4.80
N LYS B 140 10.03 61.61 -3.63
CA LYS B 140 11.00 60.92 -2.80
C LYS B 140 10.29 59.79 -2.07
N VAL B 141 10.99 58.65 -1.92
CA VAL B 141 10.45 57.54 -1.17
C VAL B 141 11.46 57.11 -0.10
N LYS B 142 10.97 56.84 1.11
CA LYS B 142 11.84 56.45 2.20
C LYS B 142 12.03 54.94 2.23
N ILE B 143 13.16 54.47 1.74
CA ILE B 143 13.50 53.07 1.78
C ILE B 143 14.63 52.82 2.76
N VAL B 144 14.41 51.92 3.72
CA VAL B 144 15.43 51.57 4.69
C VAL B 144 15.98 50.18 4.42
N HIS B 145 17.27 49.99 4.73
CA HIS B 145 17.89 48.68 4.63
C HIS B 145 17.87 47.99 5.99
N VAL B 146 17.14 46.89 6.08
CA VAL B 146 17.02 46.19 7.35
C VAL B 146 17.96 45.02 7.40
N ASP B 147 18.70 44.91 8.48
CA ASP B 147 19.62 43.79 8.59
C ASP B 147 19.13 42.78 9.61
N PRO B 148 19.09 41.52 9.19
CA PRO B 148 18.63 40.43 10.04
C PRO B 148 19.51 40.26 11.25
N ASN B 149 20.81 40.42 11.05
CA ASN B 149 21.76 40.19 12.11
C ASN B 149 21.46 41.15 13.23
N MET B 150 20.76 42.22 12.88
CA MET B 150 20.23 43.12 13.88
C MET B 150 19.11 42.39 14.60
N ASP B 151 18.84 42.77 15.84
CA ASP B 151 17.80 42.14 16.63
C ASP B 151 16.40 42.46 16.15
N PRO B 152 15.47 41.57 16.44
CA PRO B 152 14.11 41.62 15.93
C PRO B 152 13.31 42.85 16.33
N LYS B 153 13.42 43.32 17.56
CA LYS B 153 12.61 44.45 17.96
C LYS B 153 12.90 45.73 17.19
N ALA B 154 14.18 46.04 17.02
CA ALA B 154 14.56 47.30 16.39
C ALA B 154 14.01 47.37 14.98
N LYS B 155 14.07 46.26 14.27
CA LYS B 155 13.65 46.22 12.89
C LYS B 155 12.19 46.56 12.77
N ALA B 156 11.36 46.05 13.66
CA ALA B 156 9.97 46.36 13.57
C ALA B 156 10.02 47.85 13.75
N GLN B 157 10.91 48.37 14.58
CA GLN B 157 10.94 49.82 14.70
C GLN B 157 11.36 50.58 13.43
N LEU B 158 12.41 50.08 12.80
CA LEU B 158 12.92 50.66 11.58
C LEU B 158 11.82 50.57 10.58
N ILE B 159 11.15 49.43 10.60
CA ILE B 159 10.07 49.16 9.71
C ILE B 159 8.97 50.16 9.95
N GLU B 160 8.77 50.49 11.23
CA GLU B 160 7.75 51.44 11.62
C GLU B 160 7.98 52.82 11.04
N SER B 161 9.23 53.21 10.97
CA SER B 161 9.62 54.57 10.53
C SER B 161 9.84 54.80 9.04
N CYS B 162 9.41 53.86 8.22
CA CYS B 162 9.78 53.76 6.82
C CYS B 162 8.55 53.63 5.93
N ASP B 163 8.73 53.93 4.65
CA ASP B 163 7.69 53.71 3.65
C ASP B 163 7.93 52.36 2.97
N LEU B 164 9.20 52.03 2.74
CA LEU B 164 9.59 50.73 2.23
C LEU B 164 10.89 50.31 2.87
N TYR B 165 11.16 49.01 2.89
CA TYR B 165 12.42 48.50 3.38
C TYR B 165 12.92 47.36 2.50
N TYR B 166 14.19 47.04 2.63
CA TYR B 166 14.76 45.91 1.92
C TYR B 166 15.86 45.25 2.73
N ASP B 167 15.85 43.92 2.78
CA ASP B 167 16.89 43.17 3.45
C ASP B 167 17.70 42.35 2.45
N MET B 168 17.18 42.22 1.22
CA MET B 168 17.80 41.36 0.23
C MET B 168 17.99 41.97 -1.15
N SER B 169 18.78 41.29 -1.96
CA SER B 169 19.10 41.74 -3.31
C SER B 169 18.59 40.72 -4.32
N TYR B 170 17.56 41.11 -5.08
CA TYR B 170 17.09 40.25 -6.17
C TYR B 170 17.98 40.38 -7.39
N SER B 171 18.37 39.24 -7.94
CA SER B 171 19.16 39.20 -9.17
C SER B 171 18.44 38.33 -10.19
N VAL B 172 18.34 38.83 -11.42
CA VAL B 172 17.61 38.12 -12.46
C VAL B 172 18.23 36.76 -12.73
N ALA B 173 19.56 36.70 -12.73
CA ALA B 173 20.26 35.45 -12.98
C ALA B 173 19.97 34.44 -11.89
N TYR B 174 19.25 33.38 -12.25
CA TYR B 174 18.92 32.31 -11.32
C TYR B 174 17.96 32.79 -10.23
N SER B 175 17.19 33.83 -10.55
CA SER B 175 16.18 34.34 -9.63
C SER B 175 16.72 34.37 -8.21
N THR B 176 17.92 34.93 -8.06
CA THR B 176 18.60 34.92 -6.77
C THR B 176 18.13 36.03 -5.85
N PHE B 177 17.71 35.65 -4.65
CA PHE B 177 17.46 36.59 -3.57
C PHE B 177 18.56 36.38 -2.53
N ALA B 178 19.46 37.33 -2.40
CA ALA B 178 20.60 37.18 -1.49
C ALA B 178 20.62 38.20 -0.35
N ASN B 179 21.59 38.08 0.54
CA ASN B 179 21.57 38.78 1.82
C ASN B 179 22.07 40.23 1.85
N ILE B 180 22.84 40.63 0.85
CA ILE B 180 23.45 41.96 0.80
C ILE B 180 24.84 41.95 1.45
N THR B 210 35.15 15.77 13.66
CA THR B 210 34.96 16.79 12.63
C THR B 210 33.59 17.45 12.71
N ARG B 211 33.44 18.58 12.05
CA ARG B 211 32.19 19.34 12.03
C ARG B 211 31.08 18.51 11.37
N THR B 212 29.86 18.61 11.90
CA THR B 212 28.77 17.76 11.44
C THR B 212 27.42 18.48 11.29
N ALA B 213 26.54 17.90 10.49
CA ALA B 213 25.22 18.48 10.22
C ALA B 213 24.19 17.42 9.86
N THR B 214 22.93 17.68 10.22
CA THR B 214 21.83 16.72 10.00
C THR B 214 21.09 17.01 8.70
N LEU B 215 20.56 15.95 8.08
CA LEU B 215 19.77 16.10 6.85
C LEU B 215 18.47 15.31 6.89
N LEU B 216 17.42 15.92 6.40
CA LEU B 216 16.11 15.29 6.26
C LEU B 216 15.75 15.15 4.79
N ASP B 217 15.51 13.92 4.35
CA ASP B 217 15.18 13.66 2.95
C ASP B 217 13.70 13.31 2.79
N LEU B 218 12.96 14.18 2.10
CA LEU B 218 11.54 13.96 1.84
C LEU B 218 11.30 13.36 0.46
N TYR B 219 10.47 12.33 0.40
CA TYR B 219 10.16 11.66 -0.86
C TYR B 219 11.44 11.07 -1.43
N SER B 220 11.96 10.08 -0.72
CA SER B 220 13.32 9.59 -0.93
C SER B 220 13.38 8.18 -1.52
N GLY B 221 12.81 8.02 -2.71
CA GLY B 221 12.86 6.74 -3.37
C GLY B 221 14.28 6.20 -3.37
N CYS B 222 14.57 5.32 -2.42
CA CYS B 222 15.90 4.75 -2.24
C CYS B 222 17.00 5.80 -1.97
N GLY B 223 16.66 7.07 -2.20
CA GLY B 223 17.52 8.17 -1.81
C GLY B 223 18.81 8.36 -2.57
N GLY B 224 18.69 8.58 -3.88
CA GLY B 224 19.85 8.92 -4.68
C GLY B 224 20.32 10.32 -4.35
N MET B 225 19.36 11.21 -4.09
CA MET B 225 19.66 12.61 -3.85
C MET B 225 20.35 12.85 -2.50
N SER B 226 19.81 12.27 -1.45
CA SER B 226 20.40 12.42 -0.11
C SER B 226 21.81 11.83 -0.10
N THR B 227 21.95 10.65 -0.67
CA THR B 227 23.24 9.99 -0.77
C THR B 227 24.25 10.89 -1.47
N GLY B 228 23.90 11.37 -2.66
CA GLY B 228 24.76 12.25 -3.42
C GLY B 228 25.17 13.48 -2.61
N LEU B 229 24.19 14.14 -1.99
CA LEU B 229 24.47 15.33 -1.20
C LEU B 229 25.52 15.05 -0.13
N CYS B 230 25.23 14.09 0.76
CA CYS B 230 26.15 13.73 1.82
C CYS B 230 27.55 13.48 1.28
N LEU B 231 27.66 12.55 0.33
CA LEU B 231 28.93 12.28 -0.32
C LEU B 231 29.58 13.59 -0.76
N GLY B 232 28.78 14.48 -1.33
CA GLY B 232 29.28 15.74 -1.84
C GLY B 232 29.86 16.63 -0.74
N ALA B 233 29.16 16.70 0.38
CA ALA B 233 29.59 17.52 1.51
C ALA B 233 30.87 16.96 2.14
N ALA B 234 31.21 15.72 1.78
CA ALA B 234 32.43 15.11 2.28
C ALA B 234 33.64 15.95 1.88
N LEU B 235 33.71 16.29 0.61
CA LEU B 235 34.85 17.03 0.06
C LEU B 235 34.94 18.43 0.65
N SER B 236 33.78 19.05 0.87
CA SER B 236 33.74 20.34 1.56
C SER B 236 34.38 20.20 2.93
N GLY B 237 34.30 18.99 3.48
CA GLY B 237 34.82 18.72 4.80
C GLY B 237 33.70 18.77 5.83
N LEU B 238 32.47 18.84 5.33
CA LEU B 238 31.30 18.83 6.21
C LEU B 238 30.76 17.42 6.40
N LYS B 239 30.48 17.07 7.63
CA LYS B 239 29.87 15.78 7.92
C LYS B 239 28.37 15.88 7.78
N LEU B 240 27.87 15.65 6.58
CA LEU B 240 26.43 15.63 6.34
C LEU B 240 25.93 14.20 6.45
N GLU B 241 24.93 13.97 7.29
CA GLU B 241 24.38 12.63 7.45
C GLU B 241 22.86 12.62 7.33
N THR B 242 22.34 11.68 6.54
CA THR B 242 20.91 11.52 6.38
C THR B 242 20.35 10.98 7.69
N ARG B 243 19.70 11.85 8.44
CA ARG B 243 19.20 11.51 9.76
C ARG B 243 17.83 10.86 9.66
N TRP B 244 16.97 11.47 8.86
CA TRP B 244 15.62 10.96 8.65
C TRP B 244 15.31 10.92 7.16
N ALA B 245 14.58 9.90 6.75
CA ALA B 245 14.11 9.81 5.37
C ALA B 245 12.67 9.34 5.36
N VAL B 246 11.84 10.02 4.58
CA VAL B 246 10.42 9.70 4.52
C VAL B 246 10.01 9.27 3.12
N ASP B 247 9.30 8.15 3.04
CA ASP B 247 8.81 7.63 1.78
C ASP B 247 7.68 6.65 2.06
N PHE B 248 6.66 6.64 1.20
CA PHE B 248 5.51 5.77 1.45
C PHE B 248 5.59 4.43 0.71
N ASN B 249 6.64 4.27 -0.09
CA ASN B 249 6.89 3.01 -0.80
C ASN B 249 7.88 2.14 -0.05
N SER B 250 7.42 0.99 0.42
CA SER B 250 8.20 0.12 1.29
C SER B 250 9.56 -0.31 0.72
N PHE B 251 9.57 -0.72 -0.54
CA PHE B 251 10.81 -1.20 -1.16
C PHE B 251 11.86 -0.09 -1.26
N ALA B 252 11.41 1.10 -1.65
CA ALA B 252 12.28 2.26 -1.70
C ALA B 252 13.01 2.38 -0.37
N CYS B 253 12.26 2.24 0.72
CA CYS B 253 12.81 2.34 2.06
C CYS B 253 13.79 1.21 2.36
N GLN B 254 13.45 -0.01 1.95
CA GLN B 254 14.35 -1.14 2.11
C GLN B 254 15.74 -0.80 1.59
N SER B 255 15.78 -0.30 0.36
CA SER B 255 17.03 0.08 -0.27
C SER B 255 17.76 1.14 0.55
N LEU B 256 17.07 2.23 0.85
CA LEU B 256 17.69 3.32 1.58
C LEU B 256 18.26 2.87 2.92
N LYS B 257 17.46 2.18 3.72
CA LYS B 257 17.91 1.76 5.04
C LYS B 257 19.04 0.74 4.99
N TYR B 258 19.04 -0.10 3.97
CA TYR B 258 20.13 -1.07 3.82
C TYR B 258 21.45 -0.34 3.56
N ASN B 259 21.41 0.68 2.71
CA ASN B 259 22.61 1.41 2.35
C ASN B 259 22.98 2.55 3.30
N HIS B 260 22.06 2.94 4.18
CA HIS B 260 22.32 3.98 5.17
C HIS B 260 21.69 3.62 6.53
N PRO B 261 22.25 2.61 7.20
CA PRO B 261 21.74 1.97 8.43
C PRO B 261 21.22 2.93 9.52
N GLN B 262 22.04 3.91 9.92
CA GLN B 262 21.69 4.76 11.05
C GLN B 262 20.50 5.66 10.78
N THR B 263 20.25 5.95 9.51
CA THR B 263 19.12 6.76 9.10
C THR B 263 17.82 6.20 9.63
N GLU B 264 16.95 7.07 10.15
CA GLU B 264 15.60 6.66 10.51
C GLU B 264 14.74 6.71 9.26
N VAL B 265 14.53 5.55 8.65
CA VAL B 265 13.75 5.46 7.43
C VAL B 265 12.30 5.15 7.78
N ARG B 266 11.38 5.92 7.19
CA ARG B 266 9.98 5.83 7.58
C ARG B 266 9.05 5.59 6.38
N ASN B 267 8.38 4.44 6.41
CA ASN B 267 7.41 4.12 5.37
C ASN B 267 6.05 4.73 5.72
N GLU B 268 5.78 5.90 5.15
CA GLU B 268 4.57 6.64 5.47
C GLU B 268 4.37 7.80 4.50
N LYS B 269 3.23 8.48 4.61
CA LYS B 269 2.94 9.64 3.77
C LYS B 269 3.53 10.92 4.37
N ALA B 270 3.96 11.83 3.51
CA ALA B 270 4.60 13.06 3.94
C ALA B 270 3.75 13.85 4.94
N ASP B 271 2.48 14.05 4.61
CA ASP B 271 1.59 14.82 5.49
C ASP B 271 1.35 14.10 6.80
N GLU B 272 1.31 12.76 6.75
CA GLU B 272 1.22 11.95 7.97
C GLU B 272 2.45 12.23 8.83
N PHE B 273 3.61 12.23 8.20
CA PHE B 273 4.87 12.56 8.86
C PHE B 273 4.75 13.91 9.55
N LEU B 274 4.17 14.88 8.84
CA LEU B 274 3.96 16.22 9.38
C LEU B 274 3.13 16.18 10.65
N ALA B 275 2.00 15.48 10.60
CA ALA B 275 1.14 15.32 11.77
C ALA B 275 1.91 14.68 12.93
N LEU B 276 2.64 13.60 12.61
CA LEU B 276 3.45 12.92 13.61
C LEU B 276 4.43 13.87 14.28
N LEU B 277 4.97 14.81 13.50
CA LEU B 277 5.92 15.77 14.05
C LEU B 277 5.28 16.71 15.06
N LYS B 278 4.15 17.30 14.70
CA LYS B 278 3.44 18.18 15.61
C LYS B 278 3.13 17.45 16.92
N GLU B 279 2.39 16.35 16.81
CA GLU B 279 2.02 15.56 17.98
C GLU B 279 3.25 15.07 18.74
N TRP B 280 4.34 14.81 18.02
CA TRP B 280 5.59 14.40 18.65
C TRP B 280 6.14 15.53 19.51
N ALA B 281 6.01 16.76 19.02
CA ALA B 281 6.45 17.92 19.78
C ALA B 281 5.80 17.93 21.15
N VAL B 282 4.47 17.98 21.17
CA VAL B 282 3.72 18.02 22.43
C VAL B 282 4.02 16.80 23.31
N LEU B 283 4.37 15.68 22.69
CA LEU B 283 4.75 14.48 23.41
C LEU B 283 6.10 14.66 24.12
N CYS B 284 7.06 15.21 23.42
CA CYS B 284 8.34 15.46 24.03
C CYS B 284 8.19 16.45 25.14
N LYS B 285 7.36 17.46 24.95
CA LYS B 285 7.22 18.46 25.96
C LYS B 285 6.64 17.93 27.26
N LYS B 286 5.55 17.19 27.16
CA LYS B 286 4.93 16.59 28.33
C LYS B 286 5.80 15.52 28.92
N TYR B 287 6.46 14.77 28.04
CA TYR B 287 7.30 13.69 28.46
C TYR B 287 6.42 12.43 28.55
N VAL B 288 5.12 12.65 28.39
CA VAL B 288 4.16 11.57 28.19
C VAL B 288 2.73 12.06 28.41
N GLU B 312 1.23 -13.88 29.91
CA GLU B 312 0.62 -14.04 28.60
C GLU B 312 1.42 -13.26 27.56
N PHE B 313 1.00 -12.02 27.34
CA PHE B 313 1.74 -11.11 26.49
C PHE B 313 2.11 -9.89 27.31
N VAL B 314 3.40 -9.56 27.33
CA VAL B 314 3.87 -8.44 28.15
C VAL B 314 4.61 -7.42 27.30
N VAL B 315 4.29 -6.14 27.50
CA VAL B 315 5.10 -5.06 26.94
C VAL B 315 6.51 -5.19 27.53
N GLU B 316 7.45 -5.43 26.65
CA GLU B 316 8.82 -5.54 27.05
C GLU B 316 9.51 -4.23 26.81
N LYS B 317 9.29 -3.65 25.62
CA LYS B 317 9.90 -2.39 25.29
C LYS B 317 9.18 -1.79 24.11
N LEU B 318 9.31 -0.49 23.89
CA LEU B 318 8.69 0.12 22.71
C LEU B 318 9.76 0.51 21.71
N VAL B 319 9.55 0.12 20.46
CA VAL B 319 10.54 0.37 19.42
C VAL B 319 10.06 1.36 18.36
N GLY B 320 8.78 1.73 18.40
CA GLY B 320 8.28 2.64 17.39
C GLY B 320 7.06 3.49 17.71
N ILE B 321 6.90 4.53 16.90
CA ILE B 321 5.68 5.33 16.85
C ILE B 321 5.45 5.82 15.43
N CYS B 322 4.18 6.00 15.09
CA CYS B 322 3.80 6.61 13.83
C CYS B 322 2.45 7.27 13.99
N TYR B 323 2.05 8.00 12.95
CA TYR B 323 0.76 8.67 12.91
C TYR B 323 -0.05 8.14 11.73
N GLY B 324 -1.25 7.61 11.99
CA GLY B 324 -2.09 7.09 10.93
C GLY B 324 -1.46 5.95 10.16
N GLY B 325 -1.43 6.07 8.83
CA GLY B 325 -0.88 5.03 7.99
C GLY B 325 -1.97 4.18 7.36
N SER B 326 -1.58 3.33 6.42
CA SER B 326 -2.51 2.43 5.76
C SER B 326 -3.12 1.43 6.74
N ASP B 327 -4.43 1.22 6.62
CA ASP B 327 -5.16 0.31 7.49
C ASP B 327 -5.36 0.90 8.87
N ARG B 328 -4.73 2.03 9.13
CA ARG B 328 -4.84 2.69 10.42
C ARG B 328 -5.59 4.02 10.30
N GLU B 329 -6.36 4.32 11.34
CA GLU B 329 -7.16 5.52 11.41
C GLU B 329 -6.30 6.69 11.93
N ASN B 330 -6.73 7.92 11.69
CA ASN B 330 -5.92 9.08 12.09
C ASN B 330 -5.60 9.11 13.58
N GLY B 331 -4.34 9.41 13.91
CA GLY B 331 -3.88 9.47 15.29
C GLY B 331 -2.47 8.94 15.48
N ILE B 332 -2.03 8.89 16.74
CA ILE B 332 -0.69 8.40 17.07
C ILE B 332 -0.75 6.96 17.59
N TYR B 333 0.15 6.12 17.08
CA TYR B 333 0.22 4.71 17.47
C TYR B 333 1.67 4.30 17.77
N PHE B 334 1.85 3.21 18.53
CA PHE B 334 3.20 2.77 18.94
C PHE B 334 3.51 1.33 18.52
N LYS B 335 4.80 1.03 18.34
CA LYS B 335 5.26 -0.32 18.04
C LYS B 335 5.92 -0.97 19.26
N VAL B 336 5.32 -2.05 19.73
CA VAL B 336 5.75 -2.69 20.98
C VAL B 336 6.60 -3.94 20.79
N GLN B 337 7.67 -4.05 21.57
CA GLN B 337 8.48 -5.26 21.61
C GLN B 337 7.97 -6.17 22.72
N TRP B 338 7.63 -7.41 22.36
CA TRP B 338 7.02 -8.36 23.28
C TRP B 338 8.05 -9.25 23.96
N GLU B 339 7.89 -9.40 25.28
CA GLU B 339 8.76 -10.26 26.06
C GLU B 339 8.88 -11.66 25.45
N GLY B 340 10.13 -12.07 25.22
CA GLY B 340 10.44 -13.39 24.71
C GLY B 340 10.24 -13.58 23.22
N TYR B 341 9.91 -12.50 22.52
CA TYR B 341 9.63 -12.59 21.09
C TYR B 341 10.74 -12.00 20.22
N GLY B 342 10.89 -12.56 19.03
CA GLY B 342 11.86 -12.09 18.07
C GLY B 342 11.45 -10.77 17.44
N PRO B 343 12.26 -10.29 16.49
CA PRO B 343 12.10 -8.98 15.83
C PRO B 343 10.82 -8.82 15.01
N GLU B 344 10.41 -9.88 14.32
CA GLU B 344 9.30 -9.80 13.38
C GLU B 344 7.95 -10.04 14.04
N GLU B 345 7.95 -9.96 15.35
CA GLU B 345 6.79 -10.20 16.16
C GLU B 345 6.32 -8.93 16.82
N ASP B 346 7.08 -7.85 16.64
CA ASP B 346 6.75 -6.56 17.20
C ASP B 346 5.49 -6.07 16.53
N THR B 347 4.66 -5.32 17.24
CA THR B 347 3.39 -4.91 16.69
C THR B 347 3.11 -3.42 16.79
N TRP B 348 2.14 -2.93 16.03
CA TRP B 348 1.70 -1.54 16.14
C TRP B 348 0.46 -1.47 17.04
N GLU B 349 0.54 -0.67 18.08
CA GLU B 349 -0.58 -0.53 19.00
C GLU B 349 -0.95 0.95 19.25
N PRO B 350 -2.25 1.18 19.44
CA PRO B 350 -2.93 2.47 19.32
C PRO B 350 -3.21 3.45 20.45
N ILE B 351 -4.43 3.99 20.35
CA ILE B 351 -4.98 5.24 20.89
C ILE B 351 -5.61 5.28 22.27
N ASP B 352 -5.19 6.23 23.10
CA ASP B 352 -5.90 6.37 24.35
C ASP B 352 -5.91 4.93 24.76
N ASN B 353 -4.74 4.33 24.57
CA ASN B 353 -4.45 2.95 24.82
C ASN B 353 -3.18 2.95 25.61
N LEU B 354 -2.90 1.85 26.27
CA LEU B 354 -1.68 1.68 27.05
C LEU B 354 -1.52 2.62 28.24
N SER B 355 -2.64 2.98 28.85
CA SER B 355 -2.61 3.85 29.99
C SER B 355 -1.71 3.06 30.87
N ASP B 356 -1.87 1.76 30.76
CA ASP B 356 -1.13 0.83 31.60
C ASP B 356 0.37 1.01 31.39
N CYS B 357 0.78 1.30 30.17
CA CYS B 357 2.21 1.39 29.86
C CYS B 357 2.80 2.80 29.96
N PRO B 358 2.19 3.70 30.72
CA PRO B 358 2.64 5.09 30.69
C PRO B 358 4.12 5.25 31.02
N GLN B 359 4.62 4.64 32.08
CA GLN B 359 6.07 4.67 32.19
C GLN B 359 6.66 4.20 30.89
N LYS B 360 6.09 3.12 30.34
CA LYS B 360 6.55 2.50 29.11
C LYS B 360 6.60 3.52 27.96
N ILE B 361 5.58 4.37 27.88
CA ILE B 361 5.57 5.43 26.88
C ILE B 361 6.72 6.39 27.13
N ARG B 362 6.99 6.64 28.41
CA ARG B 362 8.00 7.61 28.81
C ARG B 362 9.37 7.29 28.21
N GLU B 363 10.03 6.27 28.76
CA GLU B 363 11.37 5.90 28.32
C GLU B 363 11.52 6.04 26.81
N PHE B 364 10.52 5.58 26.07
CA PHE B 364 10.55 5.66 24.60
C PHE B 364 10.65 7.10 24.12
N VAL B 365 9.75 7.96 24.61
CA VAL B 365 9.76 9.37 24.25
C VAL B 365 11.10 10.00 24.61
N GLN B 366 11.50 9.84 25.87
CA GLN B 366 12.73 10.43 26.38
C GLN B 366 13.95 9.89 25.65
N GLU B 367 14.03 8.57 25.53
CA GLU B 367 15.15 7.93 24.84
C GLU B 367 15.23 8.39 23.39
N GLY B 368 14.09 8.41 22.73
CA GLY B 368 14.01 8.84 21.35
C GLY B 368 14.32 10.31 21.17
N HIS B 369 13.88 11.11 22.14
CA HIS B 369 14.17 12.54 22.14
C HIS B 369 15.67 12.76 22.28
N LYS B 370 16.29 12.06 23.21
CA LYS B 370 17.74 12.12 23.36
C LYS B 370 18.42 11.70 22.07
N ARG B 371 17.94 10.62 21.47
CA ARG B 371 18.56 10.06 20.27
C ARG B 371 18.00 10.67 19.00
N LYS B 372 17.11 11.65 19.15
CA LYS B 372 16.55 12.36 18.01
C LYS B 372 16.05 11.42 16.92
N ILE B 373 15.42 10.32 17.32
CA ILE B 373 14.80 9.42 16.36
C ILE B 373 13.91 10.28 15.47
N LEU B 374 13.46 11.39 16.05
CA LEU B 374 12.63 12.36 15.36
C LEU B 374 13.12 13.81 15.51
N PRO B 375 12.94 14.62 14.46
CA PRO B 375 13.36 16.02 14.48
C PRO B 375 12.29 16.92 15.09
N LEU B 376 12.71 17.83 15.96
CA LEU B 376 11.86 18.92 16.41
C LEU B 376 12.32 20.19 15.73
N PRO B 377 11.45 21.20 15.65
CA PRO B 377 11.86 22.45 14.98
C PRO B 377 13.20 22.92 15.51
N GLY B 378 14.20 22.96 14.64
CA GLY B 378 15.54 23.37 15.02
C GLY B 378 16.52 22.22 15.03
N ASP B 379 16.03 21.01 14.77
CA ASP B 379 16.89 19.82 14.73
C ASP B 379 17.50 19.60 13.35
N VAL B 380 16.80 20.01 12.30
CA VAL B 380 17.24 19.76 10.94
C VAL B 380 18.02 20.93 10.36
N ASP B 381 19.21 20.63 9.86
CA ASP B 381 20.07 21.65 9.26
C ASP B 381 19.68 21.89 7.80
N VAL B 382 19.43 20.81 7.08
CA VAL B 382 19.07 20.89 5.66
C VAL B 382 17.92 19.93 5.33
N ILE B 383 17.09 20.33 4.38
CA ILE B 383 15.98 19.52 3.91
C ILE B 383 15.99 19.38 2.38
N CYS B 384 16.02 18.16 1.89
CA CYS B 384 15.93 17.91 0.46
C CYS B 384 14.65 17.13 0.15
N GLY B 385 14.03 17.43 -0.99
CA GLY B 385 12.78 16.79 -1.36
C GLY B 385 12.49 16.78 -2.84
N GLY B 386 11.73 15.78 -3.27
CA GLY B 386 11.36 15.64 -4.67
C GLY B 386 9.86 15.52 -4.87
N PRO B 387 9.09 16.43 -4.28
CA PRO B 387 7.62 16.34 -4.33
C PRO B 387 7.15 16.00 -5.73
N PRO B 388 6.43 14.89 -5.89
CA PRO B 388 5.95 14.48 -7.21
C PRO B 388 4.81 15.38 -7.65
N CYS B 389 4.99 16.05 -8.79
CA CYS B 389 3.92 16.77 -9.48
C CYS B 389 3.66 16.05 -10.82
N GLN B 390 2.52 15.37 -10.93
CA GLN B 390 2.27 14.54 -12.10
C GLN B 390 0.98 14.91 -12.85
N GLY B 391 0.52 16.14 -12.63
CA GLY B 391 -0.60 16.67 -13.38
C GLY B 391 -0.13 17.77 -14.32
N ILE B 392 1.16 17.82 -14.60
CA ILE B 392 1.75 18.95 -15.30
C ILE B 392 2.01 18.76 -16.80
N SER B 393 1.95 17.54 -17.30
CA SER B 393 2.28 17.27 -18.70
C SER B 393 1.42 16.24 -19.40
N GLY B 394 1.56 16.19 -20.72
CA GLY B 394 0.81 15.29 -21.56
C GLY B 394 -0.66 15.58 -21.56
N PHE B 395 -1.45 14.57 -21.24
CA PHE B 395 -2.88 14.69 -21.19
C PHE B 395 -3.20 15.76 -20.17
N ASN B 396 -2.43 15.80 -19.12
CA ASN B 396 -2.63 16.74 -18.02
C ASN B 396 -2.19 18.17 -18.27
N ARG B 397 -1.48 18.38 -19.38
CA ARG B 397 -1.17 19.72 -19.80
C ARG B 397 -2.55 20.26 -20.05
N TYR B 398 -2.78 21.52 -19.69
CA TYR B 398 -4.05 22.14 -20.01
C TYR B 398 -5.25 21.67 -19.21
N ARG B 399 -5.00 20.99 -18.09
CA ARG B 399 -6.09 20.58 -17.23
C ARG B 399 -5.84 21.02 -15.80
N ASN B 400 -6.84 21.62 -15.18
CA ASN B 400 -6.68 22.12 -13.83
C ASN B 400 -5.52 23.11 -13.75
N ARG B 401 -5.44 23.98 -14.75
CA ARG B 401 -4.38 24.98 -14.84
C ARG B 401 -4.71 26.19 -13.98
N ASP B 402 -6.00 26.43 -13.77
CA ASP B 402 -6.46 27.61 -13.04
C ASP B 402 -5.90 27.62 -11.63
N GLU B 403 -6.02 26.48 -10.95
CA GLU B 403 -5.50 26.31 -9.62
C GLU B 403 -4.92 24.89 -9.49
N PRO B 404 -3.89 24.61 -10.24
CA PRO B 404 -3.37 23.26 -10.25
C PRO B 404 -2.85 22.82 -8.92
N LEU B 405 -1.95 23.58 -8.36
CA LEU B 405 -1.34 23.12 -7.13
C LEU B 405 -2.40 23.05 -6.12
N LYS B 406 -3.26 24.03 -6.14
CA LYS B 406 -4.13 24.19 -5.03
C LYS B 406 -4.96 22.94 -4.85
N ASP B 407 -5.46 22.38 -5.93
CA ASP B 407 -6.39 21.30 -5.74
C ASP B 407 -6.24 20.02 -6.51
N GLU B 408 -5.11 19.73 -7.11
CA GLU B 408 -5.13 18.51 -7.90
C GLU B 408 -3.96 17.53 -7.91
N LYS B 409 -3.65 16.88 -6.80
CA LYS B 409 -2.63 15.86 -6.92
C LYS B 409 -1.28 16.45 -7.29
N ASN B 410 -1.12 17.73 -7.07
CA ASN B 410 0.17 18.36 -7.24
C ASN B 410 0.38 18.84 -5.85
N LYS B 411 -0.56 18.43 -5.01
CA LYS B 411 -0.68 18.86 -3.62
C LYS B 411 0.53 18.52 -2.76
N GLN B 412 1.41 17.65 -3.26
CA GLN B 412 2.61 17.28 -2.50
C GLN B 412 3.54 18.48 -2.33
N MET B 413 3.55 19.38 -3.30
CA MET B 413 4.36 20.58 -3.22
C MET B 413 4.00 21.41 -2.01
N VAL B 414 2.70 21.58 -1.75
CA VAL B 414 2.23 22.28 -0.55
C VAL B 414 2.78 21.61 0.70
N THR B 415 2.51 20.31 0.83
CA THR B 415 2.98 19.54 1.98
C THR B 415 4.47 19.75 2.22
N PHE B 416 5.27 19.56 1.18
CA PHE B 416 6.70 19.78 1.27
C PHE B 416 6.99 21.14 1.89
N MET B 417 6.36 22.18 1.35
CA MET B 417 6.58 23.52 1.83
C MET B 417 6.04 23.75 3.25
N ASP B 418 5.01 23.01 3.62
CA ASP B 418 4.49 23.07 4.98
C ASP B 418 5.51 22.47 5.95
N ILE B 419 6.22 21.44 5.49
CA ILE B 419 7.23 20.80 6.32
C ILE B 419 8.44 21.70 6.56
N VAL B 420 8.96 22.30 5.50
CA VAL B 420 10.04 23.27 5.66
C VAL B 420 9.58 24.43 6.55
N ALA B 421 8.32 24.83 6.38
CA ALA B 421 7.74 25.88 7.21
C ALA B 421 7.79 25.50 8.69
N TYR B 422 7.48 24.24 8.98
CA TYR B 422 7.43 23.76 10.36
C TYR B 422 8.82 23.59 10.96
N LEU B 423 9.72 22.95 10.23
CA LEU B 423 11.06 22.65 10.74
C LEU B 423 12.05 23.80 10.60
N LYS B 424 11.83 24.64 9.59
CA LYS B 424 12.67 25.82 9.35
C LYS B 424 14.17 25.50 9.43
N PRO B 425 14.68 24.74 8.44
CA PRO B 425 16.09 24.36 8.40
C PRO B 425 16.96 25.51 7.90
N LYS B 426 18.27 25.41 8.14
CA LYS B 426 19.20 26.42 7.64
C LYS B 426 19.21 26.39 6.11
N TYR B 427 19.16 25.18 5.56
CA TYR B 427 19.21 25.01 4.11
C TYR B 427 18.04 24.19 3.59
N VAL B 428 17.63 24.50 2.37
CA VAL B 428 16.60 23.73 1.69
C VAL B 428 17.04 23.44 0.27
N LEU B 429 16.77 22.23 -0.19
CA LEU B 429 17.02 21.86 -1.57
C LEU B 429 15.81 21.11 -2.12
N MET B 430 15.12 21.73 -3.08
CA MET B 430 13.97 21.08 -3.69
C MET B 430 14.25 20.76 -5.14
N GLU B 431 13.95 19.52 -5.53
CA GLU B 431 14.23 19.03 -6.87
C GLU B 431 12.93 18.76 -7.60
N ASN B 432 12.95 18.85 -8.93
CA ASN B 432 11.76 18.55 -9.72
C ASN B 432 11.98 18.61 -11.24
N VAL B 433 10.98 18.13 -11.97
CA VAL B 433 11.05 18.08 -13.42
C VAL B 433 10.87 19.48 -14.04
N VAL B 434 11.47 19.71 -15.19
CA VAL B 434 11.44 21.01 -15.83
C VAL B 434 10.02 21.50 -16.05
N ASP B 435 9.13 20.59 -16.45
CA ASP B 435 7.74 20.92 -16.73
C ASP B 435 7.09 21.88 -15.73
N ILE B 436 7.57 21.89 -14.49
CA ILE B 436 7.12 22.82 -13.45
C ILE B 436 7.04 24.23 -14.00
N LEU B 437 8.14 24.66 -14.61
CA LEU B 437 8.35 26.04 -15.01
C LEU B 437 7.59 26.29 -16.29
N LYS B 438 7.17 25.21 -16.92
CA LYS B 438 6.42 25.32 -18.14
C LYS B 438 4.93 25.28 -17.82
N PHE B 439 4.49 24.25 -17.11
CA PHE B 439 3.07 24.05 -16.85
C PHE B 439 2.40 25.24 -16.16
N ALA B 440 1.28 25.67 -16.71
CA ALA B 440 0.54 26.80 -16.18
C ALA B 440 1.47 28.00 -15.99
N ASP B 441 2.21 28.32 -17.05
CA ASP B 441 3.14 29.44 -17.00
C ASP B 441 4.10 29.29 -15.82
N GLY B 442 4.46 28.06 -15.50
CA GLY B 442 5.41 27.79 -14.43
C GLY B 442 4.89 28.08 -13.04
N TYR B 443 3.57 28.06 -12.88
CA TYR B 443 2.93 28.31 -11.59
C TYR B 443 3.64 27.62 -10.43
N LEU B 444 3.79 26.30 -10.53
CA LEU B 444 4.40 25.51 -9.47
C LEU B 444 5.77 26.02 -9.07
N GLY B 445 6.61 26.32 -10.05
CA GLY B 445 7.96 26.80 -9.80
C GLY B 445 7.91 28.10 -9.02
N LYS B 446 7.13 29.04 -9.54
CA LYS B 446 6.94 30.31 -8.85
C LYS B 446 6.46 30.04 -7.42
N TYR B 447 5.48 29.15 -7.30
CA TYR B 447 4.92 28.83 -5.99
C TYR B 447 6.03 28.40 -5.03
N ALA B 448 6.77 27.37 -5.41
CA ALA B 448 7.88 26.89 -4.59
C ALA B 448 8.74 28.08 -4.16
N LEU B 449 9.26 28.79 -5.14
CA LEU B 449 10.10 29.96 -4.90
C LEU B 449 9.42 30.96 -3.99
N SER B 450 8.18 31.32 -4.32
CA SER B 450 7.43 32.32 -3.57
C SER B 450 7.29 31.97 -2.10
N CYS B 451 7.31 30.69 -1.77
CA CYS B 451 7.18 30.24 -0.39
C CYS B 451 8.43 30.55 0.42
N LEU B 452 9.60 30.20 -0.13
CA LEU B 452 10.86 30.45 0.54
C LEU B 452 11.04 31.95 0.82
N VAL B 453 10.85 32.76 -0.21
CA VAL B 453 10.99 34.21 -0.07
C VAL B 453 10.07 34.72 1.02
N ALA B 454 8.84 34.24 1.04
CA ALA B 454 7.86 34.64 2.04
C ALA B 454 8.27 34.17 3.43
N MET B 455 9.05 33.09 3.49
CA MET B 455 9.56 32.57 4.75
C MET B 455 10.91 33.18 5.09
N LYS B 456 11.25 34.25 4.39
CA LYS B 456 12.53 34.97 4.55
C LYS B 456 13.78 34.11 4.31
N TYR B 457 13.71 33.25 3.30
CA TYR B 457 14.88 32.48 2.86
C TYR B 457 15.58 33.19 1.72
N GLN B 458 16.90 33.19 1.73
CA GLN B 458 17.63 33.61 0.57
C GLN B 458 17.30 32.48 -0.39
N ALA B 459 17.06 32.76 -1.65
CA ALA B 459 16.65 31.71 -2.55
C ALA B 459 17.32 31.77 -3.90
N ARG B 460 17.39 30.65 -4.60
CA ARG B 460 17.92 30.65 -5.94
C ARG B 460 17.48 29.40 -6.66
N LEU B 461 17.36 29.44 -7.96
CA LEU B 461 16.98 28.26 -8.70
C LEU B 461 17.71 28.09 -10.02
N GLY B 462 18.06 26.85 -10.36
CA GLY B 462 18.75 26.59 -11.61
C GLY B 462 18.41 25.25 -12.20
N MET B 463 18.63 25.07 -13.49
CA MET B 463 18.39 23.79 -14.13
C MET B 463 19.72 23.13 -14.42
N MET B 464 19.85 21.87 -14.03
CA MET B 464 21.10 21.16 -14.23
C MET B 464 20.91 19.94 -15.12
N VAL B 465 21.83 19.78 -16.08
CA VAL B 465 21.81 18.64 -16.97
C VAL B 465 22.73 17.55 -16.44
N ALA B 466 22.14 16.42 -16.06
CA ALA B 466 22.88 15.33 -15.44
C ALA B 466 24.09 14.90 -16.26
N GLY B 467 23.91 14.79 -17.57
CA GLY B 467 24.98 14.38 -18.46
C GLY B 467 26.23 15.24 -18.35
N CYS B 468 26.03 16.49 -17.95
CA CYS B 468 27.13 17.44 -17.84
C CYS B 468 28.07 17.10 -16.68
N TYR B 469 27.63 16.16 -15.84
CA TYR B 469 28.39 15.82 -14.65
C TYR B 469 28.95 14.41 -14.66
N GLY B 470 28.89 13.77 -15.83
CA GLY B 470 29.60 12.51 -16.05
C GLY B 470 28.74 11.29 -16.24
N LEU B 471 27.60 11.45 -16.89
CA LEU B 471 26.72 10.31 -17.15
C LEU B 471 26.35 10.20 -18.63
N PRO B 472 26.19 8.97 -19.12
CA PRO B 472 25.79 8.75 -20.51
C PRO B 472 24.32 9.03 -20.72
N GLN B 473 23.79 9.97 -19.96
CA GLN B 473 22.42 10.39 -20.18
C GLN B 473 22.31 11.88 -20.04
N PHE B 474 21.27 12.41 -20.67
CA PHE B 474 21.01 13.83 -20.73
C PHE B 474 19.73 14.17 -19.97
N ARG B 475 19.88 14.67 -18.75
CA ARG B 475 18.77 14.71 -17.80
C ARG B 475 18.66 16.05 -17.09
N MET B 476 17.73 16.88 -17.54
CA MET B 476 17.63 18.24 -17.04
C MET B 476 16.51 18.38 -16.02
N ARG B 477 16.88 18.82 -14.82
CA ARG B 477 15.93 19.00 -13.74
C ARG B 477 16.18 20.33 -13.04
N VAL B 478 15.12 20.88 -12.44
CA VAL B 478 15.26 22.15 -11.73
C VAL B 478 15.60 21.93 -10.26
N PHE B 479 16.52 22.76 -9.76
CA PHE B 479 16.98 22.66 -8.38
C PHE B 479 16.89 24.00 -7.68
N LEU B 480 16.02 24.07 -6.68
CA LEU B 480 15.75 25.31 -5.95
C LEU B 480 16.45 25.33 -4.61
N TRP B 481 17.45 26.18 -4.47
CA TRP B 481 18.13 26.34 -3.19
C TRP B 481 17.33 27.21 -2.25
N GLY B 482 17.63 27.06 -0.96
CA GLY B 482 17.06 27.91 0.07
C GLY B 482 18.07 27.98 1.20
N ALA B 483 18.13 29.13 1.85
CA ALA B 483 19.03 29.31 2.98
C ALA B 483 18.51 30.42 3.88
N LEU B 484 18.75 30.29 5.18
CA LEU B 484 18.31 31.31 6.12
C LEU B 484 19.21 32.54 6.04
N SER B 485 18.67 33.68 6.45
CA SER B 485 19.45 34.91 6.52
C SER B 485 20.70 34.66 7.36
N SER B 486 20.67 33.56 8.11
CA SER B 486 21.72 33.24 9.07
C SER B 486 23.02 32.77 8.42
N MET B 487 22.98 32.43 7.13
CA MET B 487 24.19 31.93 6.48
C MET B 487 24.23 32.04 4.96
N VAL B 488 25.36 31.62 4.41
CA VAL B 488 25.63 31.73 2.98
C VAL B 488 24.68 30.88 2.15
N LEU B 489 24.20 31.45 1.05
CA LEU B 489 23.36 30.74 0.10
C LEU B 489 24.25 30.00 -0.90
N PRO B 490 24.09 28.67 -0.98
CA PRO B 490 24.98 27.90 -1.86
C PRO B 490 24.78 28.28 -3.32
N LYS B 491 25.67 27.79 -4.17
CA LYS B 491 25.67 28.17 -5.58
C LYS B 491 25.69 26.92 -6.45
N TYR B 492 25.41 27.08 -7.73
CA TYR B 492 25.36 25.94 -8.63
C TYR B 492 26.74 25.58 -9.18
N PRO B 493 27.10 24.30 -9.06
CA PRO B 493 28.36 23.79 -9.62
C PRO B 493 28.29 23.77 -11.13
N LEU B 494 29.40 24.11 -11.78
CA LEU B 494 29.45 24.16 -13.24
C LEU B 494 29.72 22.78 -13.84
N PRO B 495 29.17 22.54 -15.04
CA PRO B 495 29.33 21.31 -15.81
C PRO B 495 30.77 20.85 -15.95
N THR B 496 30.98 19.54 -16.00
CA THR B 496 32.31 18.95 -16.10
C THR B 496 32.46 18.10 -17.38
N TYR B 497 31.38 17.93 -18.13
CA TYR B 497 31.42 17.05 -19.29
C TYR B 497 30.89 17.70 -20.57
N ASP B 498 31.71 17.68 -21.61
CA ASP B 498 31.42 18.44 -22.82
C ASP B 498 30.20 17.95 -23.59
N VAL B 499 29.07 18.55 -23.27
CA VAL B 499 27.92 18.50 -24.15
C VAL B 499 27.42 19.94 -24.21
N VAL B 500 27.27 20.45 -25.43
CA VAL B 500 26.69 21.77 -25.62
C VAL B 500 25.19 21.62 -25.50
N VAL B 501 24.61 22.40 -24.60
CA VAL B 501 23.24 22.16 -24.15
C VAL B 501 22.17 22.60 -25.14
N ARG B 502 20.93 22.28 -24.79
CA ARG B 502 19.80 22.32 -25.72
C ARG B 502 19.17 23.72 -25.86
N GLY B 503 19.44 24.61 -24.93
CA GLY B 503 18.72 25.88 -24.89
C GLY B 503 17.25 25.58 -24.65
N GLY B 504 16.96 24.32 -24.38
CA GLY B 504 15.61 23.87 -24.12
C GLY B 504 15.07 24.43 -22.83
N ALA B 505 15.88 25.28 -22.19
CA ALA B 505 15.46 26.00 -21.00
C ALA B 505 14.26 26.86 -21.35
N PRO B 506 13.17 26.61 -20.66
CA PRO B 506 11.95 27.32 -20.90
C PRO B 506 12.24 28.77 -20.72
N ASN B 507 11.59 29.56 -21.53
CA ASN B 507 11.71 30.99 -21.54
C ASN B 507 11.30 31.53 -20.20
N ALA B 508 12.02 32.52 -19.74
CA ALA B 508 11.70 33.16 -18.49
C ALA B 508 12.51 32.45 -17.46
N PHE B 509 12.99 31.29 -17.82
CA PHE B 509 13.83 30.56 -16.91
C PHE B 509 15.15 30.26 -17.59
N SER B 510 15.33 30.83 -18.78
CA SER B 510 16.59 30.65 -19.49
C SER B 510 17.76 31.17 -18.65
N GLN B 511 17.56 32.32 -18.02
CA GLN B 511 18.58 32.91 -17.16
C GLN B 511 18.95 31.97 -16.02
N CYS B 512 18.13 30.93 -15.83
CA CYS B 512 18.31 30.00 -14.72
C CYS B 512 18.94 28.68 -15.16
N MET B 513 19.43 28.65 -16.40
CA MET B 513 20.14 27.47 -16.89
C MET B 513 21.55 27.41 -16.30
N VAL B 514 21.99 26.22 -15.91
CA VAL B 514 23.28 26.04 -15.26
C VAL B 514 24.35 25.55 -16.24
N ALA B 515 24.19 25.90 -17.52
CA ALA B 515 25.19 25.57 -18.52
C ALA B 515 26.36 26.56 -18.45
N TYR B 516 27.28 26.46 -19.42
CA TYR B 516 28.40 27.38 -19.44
C TYR B 516 28.11 28.67 -20.21
N ASP B 517 29.05 29.59 -20.13
CA ASP B 517 28.81 30.99 -20.49
C ASP B 517 28.44 31.26 -21.95
N GLU B 518 28.59 30.25 -22.81
CA GLU B 518 28.40 30.41 -24.27
C GLU B 518 29.71 30.81 -24.96
N THR B 519 30.74 31.05 -24.15
CA THR B 519 32.09 31.34 -24.63
C THR B 519 33.08 30.84 -23.60
N GLN B 520 33.42 29.55 -23.62
CA GLN B 520 34.16 28.98 -22.48
C GLN B 520 35.04 27.75 -22.63
N LYS B 521 35.27 27.18 -21.43
CA LYS B 521 36.24 26.11 -21.10
C LYS B 521 36.41 24.99 -22.13
N PRO B 522 37.60 24.44 -22.17
CA PRO B 522 37.88 23.31 -23.04
C PRO B 522 38.02 22.12 -22.14
N SER B 523 38.09 22.41 -20.86
CA SER B 523 38.36 21.38 -19.88
C SER B 523 37.09 20.66 -19.52
N LEU B 524 36.54 19.96 -20.49
CA LEU B 524 35.37 19.14 -20.26
C LEU B 524 35.69 17.75 -20.76
N LYS B 525 35.42 16.73 -19.95
CA LYS B 525 35.75 15.39 -20.33
C LYS B 525 34.87 14.96 -21.48
N LYS B 526 35.36 14.05 -22.31
CA LYS B 526 34.58 13.63 -23.45
C LYS B 526 33.21 13.16 -22.96
N ALA B 527 32.15 13.68 -23.57
CA ALA B 527 30.80 13.27 -23.20
C ALA B 527 30.78 11.75 -23.12
N LEU B 528 30.24 11.22 -22.03
CA LEU B 528 30.25 9.78 -21.80
C LEU B 528 29.18 9.06 -22.63
N LEU B 529 29.58 7.99 -23.28
CA LEU B 529 28.65 7.18 -24.06
C LEU B 529 28.25 5.92 -23.31
N LEU B 530 27.27 5.22 -23.85
CA LEU B 530 26.72 4.04 -23.17
C LEU B 530 27.81 3.01 -22.87
N GLY B 531 28.61 2.68 -23.87
CA GLY B 531 29.66 1.71 -23.70
C GLY B 531 30.55 2.01 -22.51
N ASP B 532 30.92 3.27 -22.37
CA ASP B 532 31.76 3.72 -21.26
C ASP B 532 31.13 3.33 -19.93
N ALA B 533 29.81 3.23 -19.90
CA ALA B 533 29.09 2.91 -18.68
C ALA B 533 28.94 1.41 -18.43
N ILE B 534 28.53 0.66 -19.46
CA ILE B 534 28.18 -0.74 -19.24
C ILE B 534 29.07 -1.81 -19.89
N SER B 535 30.07 -1.38 -20.66
CA SER B 535 30.97 -2.35 -21.32
C SER B 535 31.57 -3.32 -20.31
N ASP B 536 31.60 -2.89 -19.05
CA ASP B 536 32.18 -3.65 -17.96
C ASP B 536 31.38 -4.92 -17.65
N LEU B 537 30.06 -4.77 -17.59
CA LEU B 537 29.18 -5.82 -17.06
C LEU B 537 29.23 -7.15 -17.81
N PRO B 538 29.19 -8.25 -17.05
CA PRO B 538 29.08 -9.62 -17.57
C PRO B 538 27.68 -9.87 -18.11
N LYS B 539 27.62 -10.62 -19.21
CA LYS B 539 26.37 -10.90 -19.92
C LYS B 539 25.41 -11.77 -19.12
N VAL B 540 24.13 -11.41 -19.15
CA VAL B 540 23.09 -12.19 -18.48
C VAL B 540 21.86 -12.36 -19.38
N GLN B 541 20.98 -13.29 -19.01
CA GLN B 541 19.81 -13.61 -19.82
C GLN B 541 18.57 -12.84 -19.40
N ASN B 542 17.49 -13.03 -20.17
CA ASN B 542 16.21 -12.42 -19.88
C ASN B 542 15.72 -12.74 -18.47
N HIS B 543 15.98 -13.97 -18.05
CA HIS B 543 15.68 -14.42 -16.69
C HIS B 543 16.98 -14.50 -15.93
N GLN B 544 17.18 -13.57 -15.00
CA GLN B 544 18.40 -13.51 -14.17
C GLN B 544 18.03 -13.37 -12.70
N PRO B 545 17.66 -14.50 -12.07
CA PRO B 545 17.07 -14.57 -10.73
C PRO B 545 18.02 -14.22 -9.60
N ASN B 546 19.32 -14.08 -9.91
CA ASN B 546 20.32 -13.92 -8.87
C ASN B 546 20.64 -12.47 -8.49
N ASP B 547 20.33 -12.13 -7.24
CA ASP B 547 20.58 -10.80 -6.68
C ASP B 547 22.03 -10.39 -6.87
N VAL B 548 22.93 -11.18 -6.30
CA VAL B 548 24.35 -10.85 -6.26
C VAL B 548 25.16 -11.81 -7.12
N MET B 549 26.09 -11.27 -7.89
CA MET B 549 26.94 -12.11 -8.75
C MET B 549 28.31 -11.47 -8.96
N GLU B 550 29.31 -12.32 -9.21
CA GLU B 550 30.67 -11.84 -9.43
C GLU B 550 30.77 -11.13 -10.79
N TYR B 551 31.61 -10.09 -10.86
CA TYR B 551 31.91 -9.42 -12.13
C TYR B 551 32.66 -10.35 -13.07
N GLY B 552 32.16 -10.50 -14.29
CA GLY B 552 32.85 -11.29 -15.31
C GLY B 552 34.33 -10.98 -15.42
N GLY B 553 34.70 -9.71 -15.22
CA GLY B 553 36.09 -9.31 -15.34
C GLY B 553 36.33 -7.89 -14.81
N SER B 554 37.50 -7.35 -15.14
CA SER B 554 37.93 -6.04 -14.66
C SER B 554 37.33 -4.88 -15.46
N PRO B 555 37.30 -3.68 -14.86
CA PRO B 555 36.72 -2.46 -15.43
C PRO B 555 37.50 -2.02 -16.65
N LYS B 556 36.79 -1.60 -17.70
CA LYS B 556 37.44 -1.30 -18.97
C LYS B 556 37.56 0.20 -19.28
N THR B 557 36.91 1.04 -18.46
CA THR B 557 36.97 2.49 -18.68
C THR B 557 37.17 3.26 -17.39
N GLU B 558 37.39 4.56 -17.52
CA GLU B 558 37.57 5.43 -16.35
C GLU B 558 36.32 5.43 -15.48
N PHE B 559 35.16 5.58 -16.11
CA PHE B 559 33.90 5.60 -15.39
C PHE B 559 33.71 4.35 -14.56
N GLN B 560 33.82 3.20 -15.22
CA GLN B 560 33.65 1.90 -14.55
C GLN B 560 34.54 1.80 -13.32
N ARG B 561 35.74 2.36 -13.41
CA ARG B 561 36.65 2.41 -12.28
C ARG B 561 36.03 3.23 -11.16
N TYR B 562 35.42 4.35 -11.53
CA TYR B 562 34.75 5.21 -10.56
C TYR B 562 33.51 4.56 -9.96
N ILE B 563 32.70 3.93 -10.81
CA ILE B 563 31.42 3.39 -10.39
C ILE B 563 31.59 2.21 -9.42
N ARG B 564 32.64 1.42 -9.63
CA ARG B 564 33.01 0.38 -8.68
C ARG B 564 34.01 0.98 -7.72
N LEU B 565 33.56 1.28 -6.49
CA LEU B 565 34.41 1.95 -5.53
C LEU B 565 33.97 1.63 -4.11
N SER B 566 34.95 1.46 -3.22
CA SER B 566 34.65 1.25 -1.81
C SER B 566 33.89 2.44 -1.25
N ARG B 567 33.08 2.20 -0.23
CA ARG B 567 32.40 3.28 0.48
C ARG B 567 33.44 4.29 0.94
N LYS B 568 34.64 3.79 1.20
CA LYS B 568 35.75 4.61 1.67
C LYS B 568 36.14 5.66 0.63
N ASP B 569 36.40 5.22 -0.60
CA ASP B 569 36.83 6.12 -1.66
C ASP B 569 35.75 7.13 -2.00
N MET B 570 34.49 6.70 -1.93
CA MET B 570 33.36 7.61 -2.12
C MET B 570 33.20 8.50 -0.90
N LEU B 571 34.01 8.25 0.12
CA LEU B 571 33.86 8.92 1.40
C LEU B 571 32.46 8.68 1.94
N ASP B 572 31.97 7.47 1.74
CA ASP B 572 30.64 7.07 2.21
C ASP B 572 30.75 6.51 3.62
N TRP B 573 30.23 7.26 4.58
CA TRP B 573 30.38 6.96 5.99
C TRP B 573 29.12 6.37 6.64
N SER B 574 28.24 5.79 5.82
CA SER B 574 27.02 5.20 6.35
C SER B 574 27.35 4.09 7.35
N PHE B 575 28.43 3.35 7.10
CA PHE B 575 28.82 2.27 7.97
C PHE B 575 30.00 2.67 8.85
N GLY B 576 29.70 3.24 10.01
CA GLY B 576 30.71 3.67 10.97
C GLY B 576 32.10 3.85 10.38
N GLU B 577 33.05 3.08 10.89
CA GLU B 577 34.41 3.06 10.34
C GLU B 577 34.68 1.70 9.70
N GLY B 578 35.11 1.73 8.45
CA GLY B 578 35.37 0.50 7.71
C GLY B 578 34.24 0.22 6.73
N ALA B 579 34.59 -0.34 5.58
CA ALA B 579 33.62 -0.62 4.53
C ALA B 579 32.52 -1.57 5.01
N GLY B 580 31.40 -1.57 4.29
CA GLY B 580 30.26 -2.40 4.65
C GLY B 580 30.11 -3.63 3.79
N PRO B 581 28.85 -4.07 3.60
CA PRO B 581 28.48 -5.27 2.83
C PRO B 581 28.74 -5.18 1.32
N ASP B 582 28.90 -6.33 0.69
CA ASP B 582 28.94 -6.48 -0.77
C ASP B 582 30.12 -5.82 -1.48
N GLU B 583 31.31 -5.87 -0.88
CA GLU B 583 32.48 -5.28 -1.51
C GLU B 583 32.90 -6.07 -2.75
N GLY B 584 32.92 -5.40 -3.90
CA GLY B 584 33.33 -6.01 -5.15
C GLY B 584 32.32 -6.98 -5.74
N LYS B 585 31.07 -6.83 -5.33
CA LYS B 585 29.99 -7.68 -5.82
C LYS B 585 29.03 -6.93 -6.75
N LEU B 586 28.69 -7.55 -7.88
CA LEU B 586 27.72 -6.98 -8.80
C LEU B 586 26.30 -7.23 -8.30
N LEU B 587 25.54 -6.15 -8.12
CA LEU B 587 24.20 -6.25 -7.55
C LEU B 587 23.13 -5.90 -8.58
N ASP B 588 21.99 -6.57 -8.47
CA ASP B 588 20.81 -6.21 -9.26
C ASP B 588 21.11 -6.11 -10.74
N HIS B 589 22.03 -6.94 -11.23
CA HIS B 589 22.27 -7.01 -12.66
C HIS B 589 21.23 -7.95 -13.25
N GLN B 590 20.00 -7.44 -13.35
CA GLN B 590 18.85 -8.24 -13.77
C GLN B 590 17.93 -7.37 -14.64
N PRO B 591 17.38 -7.94 -15.71
CA PRO B 591 16.46 -7.19 -16.57
C PRO B 591 15.02 -7.45 -16.20
N LEU B 592 14.10 -6.68 -16.77
CA LEU B 592 12.69 -7.00 -16.66
C LEU B 592 12.44 -8.22 -17.50
N ARG B 593 11.95 -9.29 -16.88
CA ARG B 593 11.73 -10.53 -17.60
C ARG B 593 10.61 -10.37 -18.61
N LEU B 594 10.99 -10.17 -19.87
CA LEU B 594 10.02 -10.14 -20.94
C LEU B 594 9.30 -11.47 -20.97
N ASN B 595 8.00 -11.42 -20.77
CA ASN B 595 7.19 -12.60 -20.95
C ASN B 595 7.50 -13.14 -22.32
N ASN B 596 7.37 -14.44 -22.51
CA ASN B 596 7.37 -14.95 -23.87
C ASN B 596 6.27 -14.16 -24.57
N ASP B 597 6.47 -13.89 -25.86
CA ASP B 597 5.64 -12.96 -26.63
C ASP B 597 6.30 -11.60 -26.79
N ASP B 598 7.15 -11.25 -25.82
CA ASP B 598 8.01 -10.09 -25.96
C ASP B 598 9.42 -10.59 -26.20
N TYR B 599 9.83 -11.55 -25.41
CA TYR B 599 11.17 -12.08 -25.50
C TYR B 599 11.35 -12.65 -26.87
N GLU B 600 10.31 -13.23 -27.41
CA GLU B 600 10.47 -13.80 -28.70
C GLU B 600 10.83 -12.71 -29.70
N ARG B 601 10.10 -11.61 -29.67
CA ARG B 601 10.36 -10.56 -30.64
C ARG B 601 11.72 -9.95 -30.45
N VAL B 602 12.04 -9.63 -29.21
CA VAL B 602 13.38 -9.15 -28.88
C VAL B 602 14.46 -10.03 -29.52
N GLN B 603 14.26 -11.35 -29.44
CA GLN B 603 15.17 -12.28 -30.09
C GLN B 603 15.20 -12.02 -31.59
N GLN B 604 14.10 -11.52 -32.13
CA GLN B 604 13.98 -11.29 -33.57
C GLN B 604 14.43 -9.90 -34.02
N ILE B 605 15.02 -9.13 -33.09
CA ILE B 605 15.61 -7.84 -33.46
C ILE B 605 17.06 -8.03 -33.90
N PRO B 606 17.43 -7.41 -35.02
CA PRO B 606 18.81 -7.48 -35.52
C PRO B 606 19.78 -6.85 -34.54
N VAL B 607 21.02 -7.32 -34.53
CA VAL B 607 22.03 -6.73 -33.66
C VAL B 607 22.92 -5.74 -34.42
N LYS B 608 22.42 -4.51 -34.55
CA LYS B 608 23.21 -3.42 -35.10
C LYS B 608 22.54 -2.09 -34.75
N LYS B 609 23.31 -1.01 -34.79
CA LYS B 609 22.79 0.30 -34.40
C LYS B 609 21.47 0.66 -35.08
N GLY B 610 20.60 1.32 -34.32
CA GLY B 610 19.33 1.78 -34.84
C GLY B 610 18.32 0.69 -35.15
N ALA B 611 18.64 -0.54 -34.76
CA ALA B 611 17.72 -1.66 -34.99
C ALA B 611 16.42 -1.43 -34.22
N ASN B 612 15.30 -1.69 -34.88
CA ASN B 612 14.00 -1.59 -34.22
C ASN B 612 12.97 -2.54 -34.81
N PHE B 613 11.71 -2.33 -34.46
CA PHE B 613 10.64 -3.22 -34.86
C PHE B 613 10.43 -3.24 -36.34
N ARG B 614 10.87 -2.21 -37.02
CA ARG B 614 10.69 -2.18 -38.46
C ARG B 614 11.46 -3.33 -39.10
N ASP B 615 12.55 -3.70 -38.48
CA ASP B 615 13.37 -4.79 -38.99
C ASP B 615 12.65 -6.13 -38.92
N LEU B 616 11.57 -6.19 -38.15
CA LEU B 616 10.71 -7.37 -38.14
C LEU B 616 9.91 -7.43 -39.43
N LYS B 617 9.57 -8.63 -39.88
CA LYS B 617 8.88 -8.81 -41.17
C LYS B 617 7.45 -8.28 -41.23
N GLY B 618 7.11 -7.54 -42.29
CA GLY B 618 5.78 -6.99 -42.43
C GLY B 618 5.73 -5.49 -42.64
N VAL B 619 6.59 -4.94 -43.49
CA VAL B 619 6.77 -3.49 -43.56
C VAL B 619 6.14 -2.97 -44.85
N ARG B 620 5.98 -1.65 -44.94
CA ARG B 620 5.60 -1.01 -46.20
C ARG B 620 5.24 0.47 -46.06
N VAL B 621 4.54 1.02 -47.05
CA VAL B 621 4.10 2.41 -46.94
C VAL B 621 5.27 3.34 -46.61
N GLY B 622 6.36 3.21 -47.34
CA GLY B 622 7.57 3.96 -47.07
C GLY B 622 7.44 5.48 -47.15
N ALA B 623 6.67 5.97 -48.11
CA ALA B 623 6.51 7.41 -48.27
C ALA B 623 5.82 8.01 -47.05
N ASN B 624 6.25 9.21 -46.65
CA ASN B 624 5.72 9.88 -45.48
C ASN B 624 6.28 9.24 -44.21
N ASN B 625 7.34 8.46 -44.39
CA ASN B 625 7.98 7.73 -43.30
C ASN B 625 6.97 7.04 -42.43
N ILE B 626 5.98 6.39 -43.05
CA ILE B 626 4.90 5.75 -42.31
C ILE B 626 4.95 4.23 -42.40
N VAL B 627 4.50 3.56 -41.34
CA VAL B 627 4.63 2.10 -41.21
C VAL B 627 3.41 1.28 -41.61
N GLU B 628 3.64 0.25 -42.41
CA GLU B 628 2.58 -0.63 -42.85
C GLU B 628 3.11 -2.02 -43.22
N TRP B 629 2.21 -3.00 -43.28
CA TRP B 629 2.57 -4.37 -43.61
C TRP B 629 2.94 -4.60 -45.07
N ASP B 630 3.81 -5.56 -45.32
CA ASP B 630 4.19 -5.95 -46.69
C ASP B 630 3.19 -6.96 -47.24
N PRO B 631 2.56 -6.64 -48.37
CA PRO B 631 1.47 -7.46 -48.90
C PRO B 631 1.96 -8.86 -49.21
N GLU B 632 3.17 -8.95 -49.74
CA GLU B 632 3.79 -10.22 -50.06
C GLU B 632 3.73 -11.17 -48.87
N ILE B 633 3.83 -10.58 -47.68
CA ILE B 633 3.79 -11.34 -46.44
C ILE B 633 2.69 -10.88 -45.51
N GLU B 634 1.80 -11.80 -45.16
CA GLU B 634 0.67 -11.52 -44.28
C GLU B 634 1.20 -11.44 -42.88
N ARG B 635 0.38 -10.97 -41.94
CA ARG B 635 0.89 -10.78 -40.61
C ARG B 635 1.46 -12.09 -40.15
N VAL B 636 2.68 -12.03 -39.63
CA VAL B 636 3.33 -13.22 -39.14
C VAL B 636 2.78 -13.53 -37.77
N LYS B 637 2.38 -14.77 -37.57
CA LYS B 637 1.94 -15.20 -36.28
C LYS B 637 3.16 -15.51 -35.45
N LEU B 638 2.94 -15.68 -34.17
CA LEU B 638 4.02 -16.03 -33.28
C LEU B 638 3.64 -17.36 -32.67
N SER B 639 4.61 -18.08 -32.16
CA SER B 639 4.40 -19.42 -31.66
C SER B 639 3.37 -19.32 -30.55
N SER B 640 3.30 -18.15 -29.97
CA SER B 640 2.34 -17.88 -28.92
C SER B 640 0.91 -17.77 -29.46
N GLY B 641 0.78 -17.67 -30.78
CA GLY B 641 -0.48 -17.45 -31.46
C GLY B 641 -0.78 -15.96 -31.59
N LYS B 642 0.19 -15.14 -31.23
CA LYS B 642 0.03 -13.68 -31.24
C LYS B 642 0.87 -13.09 -32.37
N PRO B 643 0.51 -11.88 -32.84
CA PRO B 643 1.27 -11.27 -33.94
C PRO B 643 2.72 -11.01 -33.59
N LEU B 644 3.60 -11.18 -34.56
CA LEU B 644 4.99 -10.80 -34.41
C LEU B 644 5.04 -9.28 -34.19
N VAL B 645 4.27 -8.56 -35.01
CA VAL B 645 4.20 -7.11 -34.92
C VAL B 645 2.90 -6.66 -34.26
N PRO B 646 3.01 -6.08 -33.07
CA PRO B 646 1.89 -5.57 -32.26
C PRO B 646 1.13 -4.45 -32.95
N ASP B 647 -0.20 -4.46 -32.82
CA ASP B 647 -1.04 -3.42 -33.40
C ASP B 647 -0.68 -2.02 -32.92
N TYR B 648 -0.36 -1.89 -31.63
CA TYR B 648 -0.13 -0.59 -31.04
C TYR B 648 1.11 0.12 -31.59
N ALA B 649 2.10 -0.67 -32.02
CA ALA B 649 3.35 -0.09 -32.53
C ALA B 649 3.14 0.60 -33.88
N MET B 650 2.23 0.07 -34.66
CA MET B 650 1.95 0.65 -35.94
C MET B 650 1.44 2.06 -35.76
N SER B 651 0.60 2.27 -34.77
CA SER B 651 -0.04 3.57 -34.55
C SER B 651 0.68 4.56 -33.65
N PHE B 652 1.78 4.16 -33.05
CA PHE B 652 2.46 5.04 -32.12
C PHE B 652 2.99 6.22 -32.87
N ILE B 653 2.83 7.42 -32.33
CA ILE B 653 3.32 8.59 -33.03
C ILE B 653 2.73 8.70 -34.43
N LYS B 654 1.44 8.48 -34.53
CA LYS B 654 0.71 8.72 -35.76
C LYS B 654 1.33 7.99 -36.92
N GLY B 655 1.80 6.81 -36.64
CA GLY B 655 2.33 5.87 -37.61
C GLY B 655 3.84 5.90 -37.81
N LYS B 656 4.50 6.96 -37.35
CA LYS B 656 5.92 7.14 -37.63
C LYS B 656 6.79 7.31 -36.38
N SER B 657 7.43 6.22 -35.95
CA SER B 657 8.35 6.26 -34.81
C SER B 657 9.37 5.14 -34.88
N LEU B 658 10.58 5.41 -34.40
CA LEU B 658 11.65 4.43 -34.42
C LEU B 658 11.94 3.88 -33.03
N LYS B 659 11.14 4.30 -32.05
CA LYS B 659 11.37 3.95 -30.65
C LYS B 659 10.99 2.52 -30.26
N PRO B 660 9.80 2.04 -30.69
CA PRO B 660 9.30 0.73 -30.27
C PRO B 660 10.28 -0.43 -30.50
N PHE B 661 10.30 -1.37 -29.57
CA PHE B 661 11.15 -2.56 -29.65
C PHE B 661 12.50 -2.30 -30.31
N GLY B 662 12.99 -1.08 -30.18
CA GLY B 662 14.28 -0.73 -30.71
C GLY B 662 15.38 -1.04 -29.72
N ARG B 663 16.57 -1.34 -30.23
CA ARG B 663 17.71 -1.51 -29.36
C ARG B 663 18.62 -0.28 -29.49
N LEU B 664 19.84 -0.40 -29.00
CA LEU B 664 20.77 0.73 -28.98
C LEU B 664 22.17 0.21 -28.71
N TRP B 665 23.16 1.08 -28.69
CA TRP B 665 24.48 0.67 -28.21
C TRP B 665 25.57 1.73 -28.00
N TRP B 666 26.78 1.22 -27.86
CA TRP B 666 27.92 1.92 -27.25
C TRP B 666 28.13 3.40 -27.57
N ASP B 667 27.72 3.85 -28.74
CA ASP B 667 28.07 5.22 -29.11
C ASP B 667 26.90 6.20 -28.92
N GLU B 668 25.82 5.74 -28.31
CA GLU B 668 24.71 6.64 -28.00
C GLU B 668 24.49 6.81 -26.50
N THR B 669 23.48 7.61 -26.17
CA THR B 669 23.13 7.88 -24.78
C THR B 669 21.66 7.56 -24.57
N VAL B 670 21.20 7.69 -23.33
CA VAL B 670 19.79 7.56 -23.03
C VAL B 670 19.33 8.86 -22.38
N PRO B 671 18.78 9.77 -23.18
CA PRO B 671 18.44 11.12 -22.71
C PRO B 671 17.85 11.08 -21.30
N THR B 672 16.80 10.30 -21.09
CA THR B 672 16.25 10.16 -19.74
C THR B 672 15.96 8.70 -19.44
N VAL B 673 16.61 8.17 -18.41
CA VAL B 673 16.25 6.85 -17.90
C VAL B 673 15.05 7.01 -16.99
N VAL B 674 14.07 6.14 -17.13
CA VAL B 674 12.76 6.33 -16.51
C VAL B 674 12.40 5.10 -15.67
N THR B 675 11.28 5.19 -14.96
CA THR B 675 10.85 4.16 -14.02
C THR B 675 10.51 2.82 -14.68
N ARG B 676 10.01 2.87 -15.90
CA ARG B 676 9.54 1.65 -16.57
C ARG B 676 10.50 1.15 -17.65
N ALA B 677 10.70 -0.17 -17.70
CA ALA B 677 11.75 -0.76 -18.52
C ALA B 677 11.26 -1.59 -19.71
N GLU B 678 9.96 -1.55 -19.98
CA GLU B 678 9.39 -2.31 -21.08
C GLU B 678 9.84 -1.77 -22.44
N PRO B 679 10.10 -2.68 -23.40
CA PRO B 679 10.55 -2.34 -24.75
C PRO B 679 9.46 -1.69 -25.60
N HIS B 680 8.23 -1.68 -25.11
CA HIS B 680 7.15 -1.04 -25.83
C HIS B 680 7.39 0.47 -25.86
N ASN B 681 7.41 1.06 -27.04
CA ASN B 681 7.52 2.51 -27.17
C ASN B 681 8.79 3.12 -26.62
N GLN B 682 9.88 2.39 -26.62
CA GLN B 682 11.08 2.91 -26.07
C GLN B 682 12.18 2.13 -26.67
N VAL B 683 13.39 2.63 -26.67
CA VAL B 683 14.45 1.77 -27.11
C VAL B 683 15.26 1.55 -25.88
N ILE B 684 15.11 0.37 -25.30
CA ILE B 684 15.82 0.06 -24.08
C ILE B 684 16.53 -1.25 -24.15
N ILE B 685 16.43 -1.91 -25.29
CA ILE B 685 17.09 -3.20 -25.45
C ILE B 685 18.61 -3.10 -25.45
N HIS B 686 19.24 -3.98 -24.69
CA HIS B 686 20.69 -4.05 -24.64
C HIS B 686 21.24 -4.34 -26.04
N PRO B 687 22.37 -3.70 -26.38
CA PRO B 687 22.99 -3.77 -27.71
C PRO B 687 23.27 -5.17 -28.24
N THR B 688 24.11 -5.93 -27.55
CA THR B 688 24.53 -7.24 -28.04
C THR B 688 23.62 -8.37 -27.56
N GLN B 689 23.32 -8.36 -26.28
CA GLN B 689 22.49 -9.40 -25.67
C GLN B 689 21.03 -9.14 -25.99
N ALA B 690 20.24 -10.20 -26.04
CA ALA B 690 18.81 -10.11 -26.29
C ALA B 690 18.04 -9.88 -25.01
N ARG B 691 18.22 -8.72 -24.42
CA ARG B 691 17.50 -8.40 -23.22
C ARG B 691 17.49 -6.90 -23.07
N VAL B 692 16.55 -6.37 -22.31
CA VAL B 692 16.52 -4.96 -22.04
C VAL B 692 17.57 -4.69 -20.99
N LEU B 693 17.87 -3.43 -20.75
CA LEU B 693 18.92 -3.09 -19.81
C LEU B 693 18.58 -3.55 -18.42
N THR B 694 19.57 -4.06 -17.71
CA THR B 694 19.34 -4.53 -16.35
C THR B 694 19.25 -3.35 -15.39
N ILE B 695 18.59 -3.59 -14.26
CA ILE B 695 18.43 -2.56 -13.24
C ILE B 695 19.76 -1.87 -12.92
N ARG B 696 20.78 -2.65 -12.57
CA ARG B 696 22.08 -2.09 -12.24
C ARG B 696 22.63 -1.23 -13.37
N GLU B 697 22.42 -1.67 -14.61
CA GLU B 697 22.88 -0.91 -15.76
C GLU B 697 22.23 0.47 -15.81
N ASN B 698 20.90 0.50 -15.68
CA ASN B 698 20.19 1.76 -15.57
C ASN B 698 20.69 2.57 -14.37
N ALA B 699 20.99 1.87 -13.27
CA ALA B 699 21.47 2.52 -12.06
C ALA B 699 22.81 3.21 -12.27
N ARG B 700 23.64 2.63 -13.13
CA ARG B 700 24.92 3.25 -13.47
C ARG B 700 24.71 4.44 -14.40
N LEU B 701 23.71 4.34 -15.27
CA LEU B 701 23.30 5.47 -16.10
C LEU B 701 22.90 6.64 -15.22
N GLN B 702 22.40 6.32 -14.02
CA GLN B 702 21.96 7.34 -13.08
C GLN B 702 23.12 7.73 -12.17
N GLY B 703 24.25 7.04 -12.33
CA GLY B 703 25.44 7.35 -11.58
C GLY B 703 25.47 6.75 -10.18
N PHE B 704 24.50 5.90 -9.89
CA PHE B 704 24.49 5.18 -8.61
C PHE B 704 25.80 4.43 -8.44
N PRO B 705 26.43 4.57 -7.26
CA PRO B 705 27.61 3.75 -6.96
C PRO B 705 27.28 2.27 -7.00
N ASP B 706 28.14 1.48 -7.66
CA ASP B 706 27.90 0.05 -7.85
C ASP B 706 27.51 -0.64 -6.54
N TYR B 707 28.03 -0.14 -5.42
CA TYR B 707 27.77 -0.75 -4.13
C TYR B 707 26.38 -0.41 -3.60
N TYR B 708 25.75 0.62 -4.17
CA TYR B 708 24.41 1.00 -3.72
C TYR B 708 23.41 -0.07 -4.15
N ARG B 709 22.79 -0.70 -3.15
CA ARG B 709 22.00 -1.90 -3.39
C ARG B 709 20.50 -1.66 -3.33
N LEU B 710 19.78 -2.19 -4.31
CA LEU B 710 18.33 -2.02 -4.39
C LEU B 710 17.58 -3.27 -3.95
N PHE B 711 16.35 -3.09 -3.46
CA PHE B 711 15.53 -4.19 -3.02
C PHE B 711 14.08 -4.08 -3.52
N GLY B 712 13.33 -5.17 -3.38
CA GLY B 712 11.96 -5.22 -3.86
C GLY B 712 11.84 -5.93 -5.19
N PRO B 713 10.61 -6.18 -5.64
CA PRO B 713 10.36 -6.78 -6.95
C PRO B 713 11.13 -6.03 -8.04
N ILE B 714 11.38 -6.70 -9.17
CA ILE B 714 12.16 -6.12 -10.25
C ILE B 714 11.63 -4.76 -10.71
N LYS B 715 10.34 -4.71 -11.04
CA LYS B 715 9.72 -3.48 -11.49
C LYS B 715 9.91 -2.35 -10.48
N GLU B 716 9.87 -2.70 -9.20
CA GLU B 716 10.03 -1.73 -8.13
C GLU B 716 11.45 -1.18 -8.07
N LYS B 717 12.43 -2.07 -8.27
CA LYS B 717 13.82 -1.66 -8.32
C LYS B 717 14.02 -0.70 -9.49
N TYR B 718 13.40 -1.02 -10.61
CA TYR B 718 13.45 -0.17 -11.79
C TYR B 718 12.90 1.22 -11.49
N ILE B 719 11.74 1.25 -10.83
CA ILE B 719 11.11 2.51 -10.44
C ILE B 719 11.98 3.31 -9.48
N GLN B 720 12.63 2.60 -8.56
CA GLN B 720 13.55 3.24 -7.61
C GLN B 720 14.63 4.04 -8.35
N VAL B 721 15.33 3.37 -9.26
CA VAL B 721 16.36 4.02 -10.06
C VAL B 721 15.75 5.11 -10.93
N GLY B 722 14.65 4.79 -11.58
CA GLY B 722 13.97 5.72 -12.47
C GLY B 722 13.69 7.07 -11.87
N ASN B 723 13.14 7.08 -10.66
CA ASN B 723 12.76 8.32 -9.99
C ASN B 723 13.94 9.13 -9.46
N ALA B 724 15.02 8.43 -9.09
CA ALA B 724 16.15 9.07 -8.44
C ALA B 724 16.79 10.18 -9.27
N VAL B 725 17.25 11.23 -8.59
CA VAL B 725 18.08 12.24 -9.22
C VAL B 725 19.50 11.69 -9.31
N ALA B 726 20.16 11.91 -10.44
CA ALA B 726 21.50 11.39 -10.67
C ALA B 726 22.43 11.75 -9.50
N VAL B 727 23.06 10.74 -8.93
CA VAL B 727 23.89 10.93 -7.74
C VAL B 727 25.07 11.90 -7.92
N PRO B 728 25.68 11.93 -9.12
CA PRO B 728 26.76 12.91 -9.32
C PRO B 728 26.24 14.33 -9.27
N VAL B 729 25.03 14.56 -9.78
CA VAL B 729 24.40 15.86 -9.66
C VAL B 729 24.23 16.18 -8.18
N ALA B 730 23.75 15.19 -7.44
CA ALA B 730 23.55 15.33 -6.01
C ALA B 730 24.87 15.57 -5.29
N ARG B 731 25.94 14.98 -5.81
CA ARG B 731 27.26 15.11 -5.20
C ARG B 731 27.81 16.52 -5.39
N ALA B 732 27.76 17.02 -6.62
CA ALA B 732 28.21 18.37 -6.92
C ALA B 732 27.50 19.38 -6.02
N LEU B 733 26.17 19.36 -6.07
CA LEU B 733 25.35 20.20 -5.23
C LEU B 733 25.74 20.04 -3.76
N GLY B 734 26.06 18.80 -3.37
CA GLY B 734 26.47 18.50 -2.01
C GLY B 734 27.73 19.25 -1.65
N TYR B 735 28.71 19.23 -2.56
CA TYR B 735 29.94 20.00 -2.42
C TYR B 735 29.62 21.45 -2.08
N CYS B 736 28.89 22.11 -2.97
CA CYS B 736 28.50 23.50 -2.80
C CYS B 736 27.83 23.73 -1.44
N LEU B 737 26.87 22.90 -1.10
CA LEU B 737 26.18 22.98 0.19
C LEU B 737 27.17 22.90 1.36
N GLY B 738 28.17 22.06 1.21
CA GLY B 738 29.19 21.89 2.24
C GLY B 738 30.05 23.13 2.38
N GLN B 739 30.63 23.58 1.27
CA GLN B 739 31.41 24.80 1.27
C GLN B 739 30.63 25.93 1.92
N ALA B 740 29.38 26.11 1.48
CA ALA B 740 28.52 27.19 1.95
C ALA B 740 28.21 27.06 3.44
N TYR B 741 27.85 25.86 3.87
CA TYR B 741 27.53 25.58 5.26
C TYR B 741 28.72 25.91 6.15
N LEU B 742 29.89 25.52 5.65
CA LEU B 742 31.17 25.75 6.27
C LEU B 742 31.58 27.21 6.34
N GLY B 743 31.23 27.97 5.30
CA GLY B 743 31.60 29.36 5.20
C GLY B 743 32.80 29.60 4.32
N GLU B 744 33.27 28.54 3.67
CA GLU B 744 34.46 28.59 2.85
C GLU B 744 34.09 29.08 1.47
N SER B 745 32.87 29.55 1.33
CA SER B 745 32.41 30.08 0.07
C SER B 745 33.14 31.37 -0.20
N GLU B 746 33.49 31.64 -1.46
CA GLU B 746 34.28 32.82 -1.78
C GLU B 746 33.62 34.03 -2.43
N GLY B 747 32.43 33.90 -2.98
CA GLY B 747 31.86 35.05 -3.66
C GLY B 747 30.36 35.11 -3.85
N SER B 748 29.86 36.28 -4.16
CA SER B 748 28.46 36.45 -4.51
C SER B 748 28.32 36.20 -5.99
N ASP B 749 28.57 34.96 -6.41
CA ASP B 749 28.51 34.57 -7.81
C ASP B 749 27.62 33.36 -7.91
N PRO B 750 26.84 33.29 -8.98
CA PRO B 750 25.89 32.22 -9.18
C PRO B 750 26.51 30.85 -9.32
N LEU B 751 27.65 30.73 -10.00
CA LEU B 751 28.21 29.42 -10.29
C LEU B 751 29.57 29.20 -9.70
N TYR B 752 29.98 27.94 -9.62
CA TYR B 752 31.22 27.57 -8.96
C TYR B 752 31.94 26.48 -9.75
N GLN B 753 33.24 26.29 -9.50
CA GLN B 753 34.04 25.32 -10.24
C GLN B 753 34.65 24.28 -9.30
N LEU B 754 34.97 23.11 -9.84
CA LEU B 754 35.35 21.97 -9.01
C LEU B 754 36.67 21.33 -9.43
N PRO B 755 37.52 20.94 -8.44
CA PRO B 755 38.83 20.32 -8.70
C PRO B 755 38.93 18.80 -8.86
N PRO B 756 38.82 17.99 -7.78
CA PRO B 756 39.15 16.57 -7.95
C PRO B 756 38.11 15.69 -8.67
N SER B 757 36.83 16.05 -8.64
CA SER B 757 35.75 15.25 -9.22
C SER B 757 36.23 14.39 -10.38
N GLN C 5 4.50 59.96 -20.41
CA GLN C 5 5.48 60.25 -19.36
C GLN C 5 6.21 58.97 -18.96
N THR C 6 6.06 57.94 -19.79
CA THR C 6 6.61 56.62 -19.49
C THR C 6 8.11 56.66 -19.17
N ALA C 7 8.47 56.08 -18.04
CA ALA C 7 9.86 55.74 -17.78
C ALA C 7 10.11 54.41 -18.48
N ARG C 8 11.38 54.05 -18.66
CA ARG C 8 11.70 52.79 -19.32
C ARG C 8 12.41 51.83 -18.37
N SER C 10 14.29 47.95 -18.61
CA SER C 10 14.78 46.85 -19.42
C SER C 10 15.23 45.72 -18.52
N THR C 11 15.50 44.57 -19.13
CA THR C 11 16.03 43.42 -18.42
C THR C 11 17.51 43.23 -18.72
N THR D 6 -43.41 -21.83 37.07
CA THR D 6 -42.07 -21.67 36.49
C THR D 6 -41.74 -22.94 35.72
N ALA D 7 -41.94 -22.86 34.40
CA ALA D 7 -41.89 -24.02 33.52
C ALA D 7 -40.67 -24.93 33.62
N ARG D 8 -39.48 -24.32 33.58
CA ARG D 8 -38.25 -25.05 33.31
C ARG D 8 -38.08 -25.29 31.81
N SER D 10 -35.01 -26.21 29.30
CA SER D 10 -33.68 -26.78 29.36
C SER D 10 -33.45 -27.69 28.16
#